data_3M5J
#
_entry.id   3M5J
#
_cell.length_a   67.083
_cell.length_b   116.517
_cell.length_c   251.945
_cell.angle_alpha   90.00
_cell.angle_beta   90.00
_cell.angle_gamma   90.00
#
_symmetry.space_group_name_H-M   'P 21 21 21'
#
loop_
_entity.id
_entity.type
_entity.pdbx_description
1 polymer Hemagglutinin
2 polymer Hemagglutinin
3 branched 'beta-D-galactopyranose-(1-3)-[N-acetyl-alpha-neuraminic acid-(2-6)]2-acetamido-2-deoxy-beta-D-glucopyranose-(1-3)-beta-D-galactopyranose'
4 branched 'N-acetyl-alpha-neuraminic acid-(2-6)-2-acetamido-2-deoxy-beta-D-glucopyranose'
5 non-polymer 2-acetamido-2-deoxy-beta-D-glucopyranose
6 non-polymer GLYCEROL
7 water water
#
loop_
_entity_poly.entity_id
_entity_poly.type
_entity_poly.pdbx_seq_one_letter_code
_entity_poly.pdbx_strand_id
1 'polypeptide(L)'
;ADPGDKICLGHHAVANGTKVNTLTERGIEVVNATETVETTNIKKICTQGKRPTDLGQCGLLGTLIGPPQCDQFLEFSSDL
IIERREGTDICYPGRFTNEESLRQILRRSGGIGKESMGFTYSGIRTNGATSACTRSGSSFYAEMKWLLSNSDNAAFPQMT
KAYRNPRNKPALIIWGVHHSESVSEQTKLYGSGNKLITVRSSKYQQSFTPNPGARRIDFHWLLLDPNDTVTFTFNGAFIA
PDRTSFFRGESLGVQSDAPLDSSCRGDCFHSGGTIVSSLPFQNINSRTVGKCPRYVKQKSLLLATGMRNVPEKPKPR
;
A,C,E
2 'polypeptide(L)'
;GLFGAIAGFIENGWEGLINGWYGFRHQNAQGEGTAADYKSTQSAIDQITGKLNRLIGKTNQQFELIDNEFNEIEQQIGNV
INWTRDAMTEIWSYNAELLVAMENQHTIDLADSEMSKLYERVKKQLRENAEEDGTGCFEIFHKCDDQCMESIRNNTYDHT
QYRTESLQNRIQIDSGRLVPRG
;
B,D,F
#
loop_
_chem_comp.id
_chem_comp.type
_chem_comp.name
_chem_comp.formula
GAL D-saccharide, beta linking beta-D-galactopyranose 'C6 H12 O6'
GOL non-polymer GLYCEROL 'C3 H8 O3'
NAG D-saccharide, beta linking 2-acetamido-2-deoxy-beta-D-glucopyranose 'C8 H15 N O6'
SIA D-saccharide, alpha linking 'N-acetyl-alpha-neuraminic acid' 'C11 H19 N O9'
#
# COMPACT_ATOMS: atom_id res chain seq x y z
N GLY A 4 13.51 -61.58 15.08
CA GLY A 4 14.69 -61.17 15.90
C GLY A 4 14.54 -59.79 16.54
N ASP A 5 15.67 -59.20 16.90
CA ASP A 5 15.69 -57.88 17.53
C ASP A 5 15.57 -56.78 16.48
N LYS A 6 14.89 -55.69 16.84
CA LYS A 6 14.73 -54.56 15.94
C LYS A 6 14.55 -53.21 16.66
N ILE A 7 15.03 -52.15 16.02
CA ILE A 7 14.87 -50.80 16.52
C ILE A 7 14.07 -49.94 15.52
N CYS A 8 13.01 -49.30 16.01
CA CYS A 8 12.13 -48.48 15.16
C CYS A 8 12.21 -47.01 15.53
N LEU A 9 12.23 -46.15 14.49
CA LEU A 9 12.26 -44.71 14.68
C LEU A 9 10.90 -44.08 14.42
N GLY A 10 10.54 -43.09 15.23
CA GLY A 10 9.24 -42.44 15.12
C GLY A 10 9.18 -41.07 15.75
N HIS A 11 7.95 -40.55 15.86
CA HIS A 11 7.69 -39.21 16.35
C HIS A 11 6.44 -39.18 17.23
N HIS A 12 6.23 -38.08 17.94
CA HIS A 12 5.06 -37.95 18.81
C HIS A 12 3.77 -37.60 18.06
N ALA A 13 2.65 -37.73 18.77
CA ALA A 13 1.33 -37.35 18.25
C ALA A 13 0.36 -37.12 19.41
N VAL A 14 -0.74 -36.43 19.11
CA VAL A 14 -1.84 -36.25 20.06
C VAL A 14 -3.14 -36.80 19.46
N ALA A 15 -4.12 -37.09 20.32
CA ALA A 15 -5.42 -37.61 19.88
C ALA A 15 -6.14 -36.62 18.97
N ASN A 16 -6.16 -35.35 19.37
CA ASN A 16 -6.72 -34.28 18.55
C ASN A 16 -5.81 -33.05 18.50
N GLY A 17 -5.32 -32.76 17.30
CA GLY A 17 -4.46 -31.59 17.09
C GLY A 17 -5.25 -30.38 16.66
N THR A 18 -4.55 -29.41 16.07
CA THR A 18 -5.18 -28.19 15.58
C THR A 18 -5.06 -28.11 14.07
N LYS A 19 -6.15 -27.69 13.42
CA LYS A 19 -6.18 -27.54 11.96
C LYS A 19 -5.57 -26.21 11.54
N VAL A 20 -4.63 -26.27 10.61
CA VAL A 20 -3.99 -25.08 10.04
C VAL A 20 -4.06 -25.09 8.51
N ASN A 21 -3.70 -23.97 7.90
CA ASN A 21 -3.65 -23.86 6.43
C ASN A 21 -2.23 -23.72 5.90
N THR A 22 -1.97 -24.36 4.77
CA THR A 22 -0.66 -24.31 4.12
C THR A 22 -0.79 -23.77 2.69
N LEU A 23 0.31 -23.78 1.95
CA LEU A 23 0.29 -23.36 0.55
C LEU A 23 -0.50 -24.34 -0.33
N THR A 24 -0.48 -25.62 0.04
CA THR A 24 -1.07 -26.68 -0.78
C THR A 24 -2.31 -27.33 -0.18
N GLU A 25 -2.61 -27.01 1.08
CA GLU A 25 -3.67 -27.73 1.80
C GLU A 25 -4.44 -26.84 2.78
N ARG A 26 -5.74 -27.11 2.89
CA ARG A 26 -6.60 -26.42 3.84
C ARG A 26 -7.07 -27.38 4.95
N GLY A 27 -6.92 -26.94 6.20
CA GLY A 27 -7.38 -27.71 7.35
C GLY A 27 -6.58 -28.96 7.67
N ILE A 28 -5.26 -28.88 7.46
CA ILE A 28 -4.36 -29.97 7.81
C ILE A 28 -4.05 -29.93 9.32
N GLU A 29 -4.07 -31.10 9.96
CA GLU A 29 -3.90 -31.18 11.41
C GLU A 29 -2.43 -31.26 11.83
N VAL A 30 -2.04 -30.36 12.73
CA VAL A 30 -0.69 -30.34 13.32
C VAL A 30 -0.77 -30.56 14.83
N VAL A 31 0.35 -30.92 15.43
CA VAL A 31 0.40 -31.20 16.88
C VAL A 31 0.03 -29.97 17.71
N ASN A 32 0.63 -28.83 17.38
CA ASN A 32 0.36 -27.58 18.09
C ASN A 32 0.39 -26.36 17.16
N ALA A 33 -0.40 -25.35 17.51
CA ALA A 33 -0.46 -24.11 16.75
C ALA A 33 -0.68 -22.91 17.67
N THR A 34 -0.49 -21.71 17.12
CA THR A 34 -0.74 -20.49 17.88
C THR A 34 -1.35 -19.36 17.04
N GLU A 35 -2.21 -18.58 17.67
CA GLU A 35 -2.92 -17.46 17.04
C GLU A 35 -1.96 -16.31 16.74
N THR A 36 -2.14 -15.68 15.58
CA THR A 36 -1.34 -14.50 15.19
C THR A 36 -2.20 -13.25 15.03
N VAL A 37 -3.53 -13.42 15.10
CA VAL A 37 -4.48 -12.32 14.96
C VAL A 37 -5.19 -12.05 16.29
N GLU A 38 -4.97 -10.86 16.84
CA GLU A 38 -5.56 -10.47 18.12
C GLU A 38 -7.04 -10.09 17.97
N THR A 39 -7.88 -10.69 18.81
CA THR A 39 -9.32 -10.41 18.83
C THR A 39 -9.84 -10.01 20.21
N THR A 40 -8.98 -10.10 21.22
CA THR A 40 -9.36 -9.73 22.59
C THR A 40 -9.14 -8.23 22.83
N ASN A 41 -10.24 -7.54 23.07
CA ASN A 41 -10.23 -6.10 23.32
C ASN A 41 -10.49 -5.80 24.79
N ILE A 42 -9.83 -4.78 25.31
CA ILE A 42 -10.11 -4.27 26.66
C ILE A 42 -10.98 -3.02 26.54
N LYS A 43 -12.20 -3.11 27.05
CA LYS A 43 -13.20 -2.05 26.87
C LYS A 43 -12.97 -0.85 27.81
N LYS A 44 -11.71 -0.42 27.88
CA LYS A 44 -11.28 0.69 28.74
C LYS A 44 -10.06 1.36 28.14
N ILE A 45 -9.76 2.59 28.58
CA ILE A 45 -8.51 3.25 28.21
C ILE A 45 -7.46 2.99 29.29
N CYS A 46 -6.45 2.20 28.93
CA CYS A 46 -5.39 1.81 29.86
C CYS A 46 -4.36 2.92 30.02
N THR A 47 -4.32 3.51 31.22
CA THR A 47 -3.52 4.72 31.47
C THR A 47 -2.40 4.54 32.50
N GLN A 48 -2.04 3.29 32.81
CA GLN A 48 -0.97 3.02 33.76
C GLN A 48 0.39 3.40 33.17
N GLY A 49 1.17 4.15 33.94
CA GLY A 49 2.48 4.63 33.49
C GLY A 49 2.40 5.76 32.50
N LYS A 50 1.26 6.45 32.49
CA LYS A 50 1.03 7.57 31.58
C LYS A 50 0.39 8.76 32.29
N ARG A 51 0.38 9.90 31.60
CA ARG A 51 -0.23 11.12 32.13
C ARG A 51 -1.42 11.51 31.24
N PRO A 52 -2.60 10.94 31.52
CA PRO A 52 -3.76 11.15 30.66
C PRO A 52 -4.51 12.47 30.91
N THR A 53 -5.18 12.96 29.87
CA THR A 53 -6.07 14.11 29.98
C THR A 53 -7.44 13.76 29.40
N ASP A 54 -8.43 13.62 30.27
CA ASP A 54 -9.80 13.36 29.85
C ASP A 54 -10.54 14.70 29.68
N LEU A 55 -10.73 15.09 28.43
CA LEU A 55 -11.28 16.40 28.10
C LEU A 55 -12.75 16.58 28.44
N GLY A 56 -13.49 15.47 28.47
CA GLY A 56 -14.92 15.46 28.79
C GLY A 56 -15.74 16.43 28.00
N GLN A 57 -16.25 17.46 28.68
CA GLN A 57 -17.08 18.51 28.09
C GLN A 57 -16.30 19.40 27.14
N CYS A 58 -15.00 19.52 27.37
CA CYS A 58 -14.14 20.44 26.64
C CYS A 58 -13.69 19.87 25.30
N GLY A 59 -13.71 20.72 24.27
CA GLY A 59 -13.22 20.35 22.96
C GLY A 59 -11.73 20.63 22.84
N LEU A 60 -11.01 19.78 22.12
CA LEU A 60 -9.56 19.92 21.96
C LEU A 60 -9.16 21.30 21.42
N LEU A 61 -9.91 21.80 20.45
CA LEU A 61 -9.63 23.13 19.88
C LEU A 61 -10.08 24.24 20.84
N GLY A 62 -10.99 23.91 21.74
CA GLY A 62 -11.44 24.84 22.77
C GLY A 62 -10.36 25.25 23.75
N THR A 63 -9.37 24.38 23.94
CA THR A 63 -8.24 24.66 24.85
C THR A 63 -7.42 25.88 24.42
N LEU A 64 -7.53 26.25 23.14
CA LEU A 64 -6.77 27.36 22.59
C LEU A 64 -7.46 28.71 22.80
N ILE A 65 -8.78 28.75 22.59
CA ILE A 65 -9.55 29.99 22.63
C ILE A 65 -10.26 30.22 23.97
N GLY A 66 -10.62 29.14 24.63
CA GLY A 66 -11.12 29.18 26.00
C GLY A 66 -12.58 29.51 26.23
N PRO A 67 -13.50 28.62 25.78
CA PRO A 67 -14.89 28.74 26.19
C PRO A 67 -15.07 28.22 27.63
N PRO A 68 -16.16 28.62 28.32
CA PRO A 68 -16.38 28.25 29.73
C PRO A 68 -16.14 26.77 30.06
N GLN A 69 -16.46 25.88 29.12
CA GLN A 69 -16.30 24.43 29.34
C GLN A 69 -14.84 23.95 29.30
N CYS A 70 -13.94 24.81 28.82
CA CYS A 70 -12.52 24.48 28.73
C CYS A 70 -11.64 25.25 29.73
N ASP A 71 -12.26 25.85 30.74
CA ASP A 71 -11.54 26.62 31.77
C ASP A 71 -10.44 25.83 32.47
N GLN A 72 -10.67 24.53 32.67
CA GLN A 72 -9.72 23.67 33.38
C GLN A 72 -8.57 23.15 32.50
N PHE A 73 -8.65 23.43 31.20
CA PHE A 73 -7.67 22.88 30.24
C PHE A 73 -6.93 23.95 29.42
N LEU A 74 -7.03 25.22 29.84
CA LEU A 74 -6.36 26.32 29.15
C LEU A 74 -4.87 26.05 28.99
N GLU A 75 -4.27 25.49 30.04
CA GLU A 75 -2.93 24.93 29.99
C GLU A 75 -3.00 23.52 30.55
N PHE A 76 -2.45 22.56 29.80
CA PHE A 76 -2.40 21.17 30.24
C PHE A 76 -1.16 20.44 29.73
N SER A 77 -0.76 19.40 30.46
CA SER A 77 0.41 18.60 30.12
C SER A 77 0.01 17.13 30.09
N SER A 78 0.21 16.50 28.94
CA SER A 78 -0.27 15.13 28.73
C SER A 78 0.60 14.32 27.77
N ASP A 79 0.49 13.00 27.85
CA ASP A 79 1.06 12.10 26.85
C ASP A 79 -0.04 11.25 26.20
N LEU A 80 -1.25 11.37 26.73
CA LEU A 80 -2.41 10.64 26.23
C LEU A 80 -3.69 11.49 26.37
N ILE A 81 -4.11 12.09 25.27
CA ILE A 81 -5.29 12.96 25.25
C ILE A 81 -6.53 12.18 24.82
N ILE A 82 -7.55 12.18 25.68
CA ILE A 82 -8.80 11.48 25.39
C ILE A 82 -9.92 12.47 25.07
N GLU A 83 -10.41 12.38 23.84
CA GLU A 83 -11.53 13.19 23.39
C GLU A 83 -12.84 12.44 23.57
N ARG A 84 -13.88 13.17 24.00
CA ARG A 84 -15.20 12.59 24.23
C ARG A 84 -16.21 13.15 23.23
N ARG A 85 -17.29 12.40 23.02
CA ARG A 85 -18.33 12.77 22.06
C ARG A 85 -19.04 14.09 22.41
N GLU A 86 -19.18 14.37 23.71
CA GLU A 86 -19.88 15.57 24.17
C GLU A 86 -19.03 16.85 24.13
N GLY A 87 -17.77 16.70 23.74
CA GLY A 87 -16.85 17.83 23.68
C GLY A 87 -17.30 18.90 22.71
N THR A 88 -17.02 20.16 23.06
CA THR A 88 -17.38 21.29 22.21
C THR A 88 -16.26 22.33 22.19
N ASP A 89 -15.93 22.81 20.99
CA ASP A 89 -14.85 23.79 20.84
C ASP A 89 -15.28 25.23 21.11
N ILE A 90 -16.58 25.50 20.95
CA ILE A 90 -17.10 26.87 20.97
C ILE A 90 -18.22 27.09 21.99
N CYS A 91 -18.54 28.35 22.23
CA CYS A 91 -19.73 28.74 22.99
C CYS A 91 -20.61 29.64 22.13
N TYR A 92 -20.00 30.66 21.55
CA TYR A 92 -20.64 31.49 20.54
C TYR A 92 -20.67 30.71 19.23
N PRO A 93 -21.75 30.87 18.42
CA PRO A 93 -21.81 30.16 17.14
C PRO A 93 -20.59 30.45 16.25
N GLY A 94 -20.14 29.45 15.51
CA GLY A 94 -18.97 29.58 14.64
C GLY A 94 -18.16 28.29 14.56
N ARG A 95 -17.06 28.34 13.81
CA ARG A 95 -16.20 27.16 13.63
C ARG A 95 -14.75 27.55 13.35
N PHE A 96 -13.85 26.59 13.52
CA PHE A 96 -12.45 26.73 13.14
C PHE A 96 -12.27 26.35 11.67
N THR A 97 -11.54 27.17 10.91
CA THR A 97 -11.10 26.78 9.58
C THR A 97 -9.87 25.87 9.70
N ASN A 98 -9.81 24.83 8.87
CA ASN A 98 -8.78 23.79 8.96
C ASN A 98 -8.80 23.06 10.30
N GLU A 99 -10.00 22.84 10.83
CA GLU A 99 -10.20 22.28 12.17
C GLU A 99 -9.56 20.90 12.39
N GLU A 100 -9.68 20.02 11.40
CA GLU A 100 -9.21 18.65 11.55
C GLU A 100 -7.69 18.53 11.58
N SER A 101 -7.01 19.34 10.76
CA SER A 101 -5.55 19.36 10.73
C SER A 101 -4.96 19.98 11.98
N LEU A 102 -5.69 20.92 12.58
CA LEU A 102 -5.30 21.52 13.85
C LEU A 102 -5.50 20.56 15.02
N ARG A 103 -6.54 19.71 14.92
CA ARG A 103 -6.77 18.66 15.91
C ARG A 103 -5.63 17.65 15.91
N GLN A 104 -5.13 17.34 14.71
CA GLN A 104 -4.04 16.37 14.54
C GLN A 104 -2.72 16.89 15.10
N ILE A 105 -2.50 18.20 15.03
CA ILE A 105 -1.30 18.82 15.61
C ILE A 105 -1.37 18.84 17.14
N LEU A 106 -2.55 19.17 17.68
CA LEU A 106 -2.76 19.23 19.13
C LEU A 106 -2.73 17.85 19.81
N ARG A 107 -3.09 16.81 19.06
CA ARG A 107 -3.10 15.44 19.60
C ARG A 107 -1.70 14.91 19.91
N ARG A 108 -0.70 15.38 19.17
CA ARG A 108 0.68 14.94 19.36
C ARG A 108 1.59 16.01 19.97
N SER A 109 0.97 17.07 20.49
CA SER A 109 1.70 18.23 21.01
C SER A 109 2.34 18.01 22.38
N GLY A 110 1.75 17.12 23.17
CA GLY A 110 2.19 16.91 24.56
C GLY A 110 1.52 17.88 25.52
N GLY A 111 0.54 18.62 25.02
CA GLY A 111 -0.16 19.64 25.79
C GLY A 111 0.29 21.04 25.40
N ILE A 112 -0.27 22.05 26.07
CA ILE A 112 0.02 23.45 25.72
C ILE A 112 0.34 24.34 26.93
N GLY A 113 1.20 25.33 26.68
CA GLY A 113 1.48 26.40 27.62
C GLY A 113 1.10 27.72 26.99
N LYS A 114 0.55 28.63 27.78
CA LYS A 114 0.09 29.93 27.30
C LYS A 114 1.02 31.07 27.68
N GLU A 115 1.15 32.03 26.78
CA GLU A 115 1.92 33.25 27.05
C GLU A 115 1.23 34.47 26.46
N SER A 116 1.23 35.56 27.21
CA SER A 116 0.63 36.82 26.78
C SER A 116 1.33 37.37 25.54
N MET A 117 0.52 37.89 24.61
CA MET A 117 1.04 38.49 23.39
C MET A 117 1.36 39.97 23.56
N GLY A 118 0.87 40.54 24.67
CA GLY A 118 1.21 41.91 25.06
C GLY A 118 0.58 42.99 24.21
N PHE A 119 -0.65 42.76 23.76
CA PHE A 119 -1.39 43.79 23.03
C PHE A 119 -2.16 44.69 24.01
N THR A 120 -1.91 45.98 23.91
CA THR A 120 -2.67 46.98 24.67
C THR A 120 -3.37 47.90 23.68
N TYR A 121 -4.57 48.34 24.03
CA TYR A 121 -5.41 49.09 23.09
C TYR A 121 -5.81 50.46 23.65
N SER A 122 -6.02 51.40 22.73
CA SER A 122 -6.39 52.77 23.09
C SER A 122 -7.43 53.32 22.12
N GLY A 123 -8.43 54.00 22.67
CA GLY A 123 -9.47 54.65 21.86
C GLY A 123 -10.58 53.74 21.39
N ILE A 124 -10.58 52.51 21.88
CA ILE A 124 -11.63 51.52 21.57
C ILE A 124 -12.02 50.72 22.82
N ARG A 125 -13.13 49.99 22.73
CA ARG A 125 -13.56 49.11 23.81
C ARG A 125 -13.01 47.69 23.67
N THR A 126 -12.76 47.07 24.82
CA THR A 126 -12.09 45.78 24.91
C THR A 126 -12.95 44.72 25.59
N ASN A 127 -14.01 45.18 26.28
CA ASN A 127 -14.82 44.34 27.15
C ASN A 127 -16.06 43.70 26.48
N GLY A 128 -15.94 43.39 25.20
CA GLY A 128 -17.04 42.78 24.45
C GLY A 128 -17.43 41.39 24.93
N ALA A 129 -18.69 41.22 25.31
CA ALA A 129 -19.18 39.97 25.89
C ALA A 129 -20.41 39.41 25.20
N THR A 130 -20.78 38.18 25.58
CA THR A 130 -21.94 37.49 25.02
C THR A 130 -22.51 36.50 26.04
N SER A 131 -23.84 36.40 26.10
CA SER A 131 -24.50 35.49 27.01
C SER A 131 -24.46 34.03 26.52
N ALA A 132 -23.78 33.81 25.39
CA ALA A 132 -23.54 32.47 24.87
C ALA A 132 -22.33 31.85 25.57
N CYS A 133 -21.38 32.69 25.96
CA CYS A 133 -20.18 32.26 26.69
C CYS A 133 -20.27 32.73 28.13
N THR A 134 -21.18 32.12 28.88
CA THR A 134 -21.44 32.54 30.26
C THR A 134 -20.43 31.98 31.25
N ARG A 135 -19.63 32.88 31.80
CA ARG A 135 -18.63 32.58 32.82
C ARG A 135 -18.59 33.78 33.76
N SER A 136 -19.06 33.56 35.00
CA SER A 136 -19.31 34.65 35.95
C SER A 136 -20.26 35.69 35.33
N GLY A 137 -21.36 35.20 34.76
CA GLY A 137 -22.43 36.04 34.21
C GLY A 137 -22.05 36.88 33.00
N SER A 138 -22.32 36.35 31.80
CA SER A 138 -22.11 37.06 30.53
C SER A 138 -20.65 37.46 30.29
N SER A 139 -19.89 36.56 29.67
CA SER A 139 -18.47 36.79 29.43
C SER A 139 -18.09 36.51 27.96
N PHE A 140 -16.85 36.11 27.74
CA PHE A 140 -16.33 35.85 26.39
C PHE A 140 -15.23 34.78 26.45
N TYR A 141 -14.67 34.43 25.29
CA TYR A 141 -13.54 33.50 25.22
C TYR A 141 -12.37 34.00 26.06
N ALA A 142 -11.85 33.13 26.92
CA ALA A 142 -10.85 33.49 27.94
C ALA A 142 -9.52 34.00 27.37
N GLU A 143 -9.13 33.50 26.21
CA GLU A 143 -7.84 33.83 25.62
C GLU A 143 -7.96 34.90 24.54
N MET A 144 -9.18 35.38 24.33
CA MET A 144 -9.49 36.30 23.25
C MET A 144 -10.07 37.62 23.76
N LYS A 145 -10.10 38.63 22.89
CA LYS A 145 -10.66 39.94 23.23
C LYS A 145 -11.56 40.46 22.10
N TRP A 146 -12.80 40.78 22.44
CA TRP A 146 -13.76 41.32 21.48
C TRP A 146 -13.61 42.84 21.40
N LEU A 147 -13.10 43.32 20.27
CA LEU A 147 -12.85 44.74 20.07
C LEU A 147 -14.00 45.40 19.32
N LEU A 148 -14.49 46.51 19.86
CA LEU A 148 -15.52 47.32 19.22
C LEU A 148 -15.36 48.81 19.53
N SER A 149 -16.18 49.63 18.89
CA SER A 149 -16.12 51.09 19.06
C SER A 149 -16.53 51.52 20.47
N ASN A 150 -16.14 52.74 20.83
CA ASN A 150 -16.42 53.31 22.15
C ASN A 150 -17.91 53.48 22.44
N SER A 151 -18.69 53.71 21.39
CA SER A 151 -20.14 53.84 21.50
C SER A 151 -20.80 53.35 20.22
N ASP A 152 -22.14 53.21 20.26
CA ASP A 152 -22.91 52.77 19.10
C ASP A 152 -22.64 53.64 17.87
N ASN A 153 -22.44 52.98 16.74
CA ASN A 153 -22.33 53.63 15.41
C ASN A 153 -21.04 54.39 15.12
N ALA A 154 -20.19 54.56 16.13
CA ALA A 154 -18.94 55.30 16.00
C ALA A 154 -17.93 54.56 15.12
N ALA A 155 -17.11 55.31 14.40
CA ALA A 155 -16.13 54.74 13.48
C ALA A 155 -14.95 54.09 14.19
N PHE A 156 -14.75 52.80 13.90
CA PHE A 156 -13.61 52.05 14.41
C PHE A 156 -12.35 52.46 13.63
N PRO A 157 -11.30 52.89 14.34
CA PRO A 157 -10.09 53.39 13.70
C PRO A 157 -9.26 52.29 13.04
N GLN A 158 -8.59 52.64 11.94
CA GLN A 158 -7.66 51.72 11.28
C GLN A 158 -6.49 51.43 12.21
N MET A 159 -6.32 50.15 12.55
CA MET A 159 -5.41 49.75 13.61
C MET A 159 -4.38 48.71 13.14
N THR A 160 -3.22 48.69 13.79
CA THR A 160 -2.15 47.74 13.50
C THR A 160 -1.55 47.18 14.79
N LYS A 161 -1.49 45.86 14.90
CA LYS A 161 -0.86 45.19 16.04
C LYS A 161 0.11 44.13 15.56
N ALA A 162 1.33 44.16 16.09
CA ALA A 162 2.39 43.23 15.69
C ALA A 162 2.93 42.43 16.87
N TYR A 163 3.21 41.16 16.62
CA TYR A 163 3.77 40.28 17.65
C TYR A 163 4.95 39.46 17.10
N ARG A 164 6.08 39.56 17.78
CA ARG A 164 7.26 38.77 17.44
C ARG A 164 7.36 37.57 18.39
N ASN A 165 7.59 36.40 17.80
CA ASN A 165 7.80 35.17 18.58
C ASN A 165 9.19 35.19 19.23
N PRO A 166 9.24 35.28 20.57
CA PRO A 166 10.52 35.38 21.27
C PRO A 166 11.11 34.03 21.68
N ARG A 167 10.33 32.97 21.55
CA ARG A 167 10.71 31.65 22.06
C ARG A 167 11.56 30.81 21.11
N ASN A 168 11.81 29.58 21.54
CA ASN A 168 12.66 28.62 20.83
C ASN A 168 11.88 27.67 19.92
N LYS A 169 10.56 27.69 20.04
CA LYS A 169 9.68 26.82 19.25
C LYS A 169 8.55 27.62 18.56
N PRO A 170 7.84 27.00 17.60
CA PRO A 170 6.76 27.70 16.88
C PRO A 170 5.59 28.11 17.76
N ALA A 171 5.05 29.30 17.53
CA ALA A 171 3.89 29.80 18.27
C ALA A 171 2.61 29.58 17.48
N LEU A 172 1.58 29.07 18.15
CA LEU A 172 0.27 28.88 17.53
C LEU A 172 -0.60 30.13 17.72
N ILE A 173 -0.75 30.89 16.64
CA ILE A 173 -1.48 32.15 16.66
C ILE A 173 -2.93 31.94 16.23
N ILE A 174 -3.87 32.43 17.05
CA ILE A 174 -5.30 32.29 16.79
C ILE A 174 -5.96 33.67 16.76
N TRP A 175 -6.84 33.88 15.77
CA TRP A 175 -7.65 35.09 15.70
C TRP A 175 -9.05 34.75 15.17
N GLY A 176 -10.01 35.64 15.42
CA GLY A 176 -11.37 35.44 14.93
C GLY A 176 -11.93 36.58 14.10
N VAL A 177 -12.90 36.25 13.25
CA VAL A 177 -13.66 37.23 12.48
C VAL A 177 -15.13 37.18 12.93
N HIS A 178 -15.67 38.33 13.34
CA HIS A 178 -17.06 38.39 13.76
C HIS A 178 -17.99 38.74 12.60
N HIS A 179 -18.92 37.82 12.33
CA HIS A 179 -19.95 38.04 11.33
C HIS A 179 -21.24 38.40 12.07
N SER A 180 -21.67 39.65 11.90
CA SER A 180 -22.82 40.21 12.63
C SER A 180 -24.15 39.59 12.19
N GLU A 181 -25.19 39.84 12.98
CA GLU A 181 -26.55 39.39 12.65
C GLU A 181 -27.11 40.14 11.43
N SER A 182 -26.70 41.39 11.25
CA SER A 182 -27.14 42.20 10.11
C SER A 182 -26.14 43.32 9.78
N VAL A 183 -26.44 44.06 8.72
CA VAL A 183 -25.66 45.23 8.31
C VAL A 183 -25.76 46.33 9.38
N SER A 184 -26.97 46.48 9.95
CA SER A 184 -27.23 47.46 11.00
C SER A 184 -26.43 47.19 12.27
N GLU A 185 -26.27 45.91 12.62
CA GLU A 185 -25.54 45.52 13.82
C GLU A 185 -24.03 45.71 13.66
N GLN A 186 -23.52 45.40 12.46
CA GLN A 186 -22.12 45.65 12.13
C GLN A 186 -21.83 47.16 12.22
N THR A 187 -22.78 47.97 11.76
CA THR A 187 -22.70 49.42 11.87
C THR A 187 -22.71 49.87 13.33
N LYS A 188 -23.58 49.25 14.14
CA LYS A 188 -23.67 49.60 15.57
C LYS A 188 -22.37 49.33 16.32
N LEU A 189 -21.76 48.17 16.07
CA LEU A 189 -20.59 47.74 16.83
C LEU A 189 -19.29 48.38 16.36
N TYR A 190 -19.14 48.55 15.04
CA TYR A 190 -17.86 48.95 14.45
C TYR A 190 -17.94 50.18 13.54
N GLY A 191 -19.13 50.73 13.36
CA GLY A 191 -19.34 51.85 12.44
C GLY A 191 -19.62 51.38 11.02
N SER A 192 -20.22 52.25 10.22
CA SER A 192 -20.61 51.92 8.84
C SER A 192 -19.41 51.75 7.91
N GLY A 193 -19.67 51.21 6.73
CA GLY A 193 -18.63 50.99 5.73
C GLY A 193 -18.10 49.56 5.73
N ASN A 194 -17.37 49.22 4.66
CA ASN A 194 -16.80 47.88 4.53
C ASN A 194 -15.63 47.64 5.48
N LYS A 195 -15.45 46.38 5.87
CA LYS A 195 -14.42 46.00 6.82
C LYS A 195 -13.48 44.96 6.23
N LEU A 196 -12.19 45.06 6.56
CA LEU A 196 -11.19 44.10 6.14
C LEU A 196 -10.19 43.80 7.25
N ILE A 197 -9.86 42.52 7.40
CA ILE A 197 -8.85 42.07 8.35
C ILE A 197 -7.71 41.38 7.60
N THR A 198 -6.49 41.89 7.77
CA THR A 198 -5.33 41.32 7.10
C THR A 198 -4.33 40.76 8.13
N VAL A 199 -3.92 39.52 7.91
CA VAL A 199 -2.95 38.84 8.78
C VAL A 199 -1.75 38.42 7.94
N ARG A 200 -0.56 38.86 8.34
CA ARG A 200 0.66 38.61 7.57
C ARG A 200 1.87 38.22 8.43
N SER A 201 2.59 37.21 7.96
CA SER A 201 3.91 36.86 8.47
C SER A 201 4.85 36.64 7.28
N SER A 202 6.03 36.08 7.53
CA SER A 202 6.99 35.81 6.47
C SER A 202 6.61 34.61 5.59
N LYS A 203 5.70 33.78 6.10
CA LYS A 203 5.22 32.60 5.37
C LYS A 203 3.71 32.62 5.11
N TYR A 204 2.99 33.55 5.75
CA TYR A 204 1.53 33.59 5.69
C TYR A 204 1.02 34.95 5.21
N GLN A 205 -0.05 34.92 4.41
CA GLN A 205 -0.67 36.13 3.87
C GLN A 205 -2.14 35.88 3.53
N GLN A 206 -3.04 36.53 4.26
CA GLN A 206 -4.49 36.37 4.07
C GLN A 206 -5.31 37.61 4.44
N SER A 207 -6.41 37.81 3.71
CA SER A 207 -7.36 38.89 3.99
C SER A 207 -8.75 38.32 4.26
N PHE A 208 -9.49 38.97 5.17
CA PHE A 208 -10.79 38.48 5.60
C PHE A 208 -11.85 39.59 5.58
N THR A 209 -12.98 39.32 4.94
CA THR A 209 -14.13 40.22 5.00
C THR A 209 -15.28 39.55 5.75
N PRO A 210 -15.90 40.27 6.70
CA PRO A 210 -17.07 39.75 7.40
C PRO A 210 -18.28 39.64 6.47
N ASN A 211 -19.08 38.60 6.69
CA ASN A 211 -20.28 38.35 5.91
C ASN A 211 -21.53 38.34 6.80
N PRO A 212 -22.10 39.54 7.08
CA PRO A 212 -23.24 39.67 7.99
C PRO A 212 -24.51 38.97 7.50
N GLY A 213 -25.32 38.50 8.44
CA GLY A 213 -26.55 37.79 8.13
C GLY A 213 -26.99 36.87 9.25
N ALA A 214 -26.02 36.14 9.81
CA ALA A 214 -26.27 35.26 10.94
C ALA A 214 -25.10 35.30 11.93
N ARG A 215 -25.41 35.61 13.18
CA ARG A 215 -24.42 35.71 14.26
C ARG A 215 -23.46 34.54 14.33
N ARG A 216 -22.16 34.82 14.10
CA ARG A 216 -21.09 33.82 14.27
C ARG A 216 -19.69 34.43 14.37
N ILE A 217 -18.80 33.74 15.07
CA ILE A 217 -17.38 34.07 15.08
C ILE A 217 -16.58 32.88 14.53
N ASP A 218 -15.96 33.09 13.38
CA ASP A 218 -15.12 32.07 12.75
C ASP A 218 -13.66 32.29 13.09
N PHE A 219 -12.98 31.23 13.53
CA PHE A 219 -11.58 31.32 13.95
C PHE A 219 -10.61 30.81 12.89
N HIS A 220 -9.46 31.47 12.80
CA HIS A 220 -8.42 31.13 11.84
C HIS A 220 -7.06 31.05 12.53
N TRP A 221 -6.13 30.27 11.96
CA TRP A 221 -4.86 30.00 12.63
C TRP A 221 -3.63 29.90 11.72
N LEU A 222 -2.47 30.05 12.34
CA LEU A 222 -1.17 29.88 11.69
C LEU A 222 -0.10 29.47 12.72
N LEU A 223 1.00 28.91 12.23
CA LEU A 223 2.16 28.62 13.07
C LEU A 223 3.28 29.61 12.79
N LEU A 224 3.64 30.39 13.81
CA LEU A 224 4.65 31.44 13.68
C LEU A 224 6.05 30.95 14.07
N ASP A 225 6.97 31.03 13.11
CA ASP A 225 8.36 30.61 13.31
C ASP A 225 9.06 31.43 14.39
N PRO A 226 10.07 30.84 15.06
CA PRO A 226 10.90 31.59 16.01
C PRO A 226 11.49 32.85 15.38
N ASN A 227 11.35 33.97 16.09
CA ASN A 227 11.90 35.27 15.68
C ASN A 227 11.17 35.95 14.50
N ASP A 228 10.08 35.34 14.04
CA ASP A 228 9.24 35.91 12.98
C ASP A 228 8.12 36.75 13.59
N THR A 229 7.57 37.67 12.79
CA THR A 229 6.56 38.61 13.26
C THR A 229 5.23 38.44 12.54
N VAL A 230 4.14 38.34 13.31
CA VAL A 230 2.79 38.34 12.78
C VAL A 230 2.17 39.73 12.93
N THR A 231 1.56 40.23 11.86
CA THR A 231 1.00 41.58 11.83
C THR A 231 -0.50 41.55 11.54
N PHE A 232 -1.26 42.21 12.41
CA PHE A 232 -2.72 42.32 12.26
C PHE A 232 -3.11 43.74 11.89
N THR A 233 -3.75 43.90 10.74
CA THR A 233 -4.32 45.18 10.33
C THR A 233 -5.83 45.02 10.17
N PHE A 234 -6.59 45.89 10.83
CA PHE A 234 -8.05 45.73 10.90
C PHE A 234 -8.76 47.05 11.21
N ASN A 235 -9.99 47.17 10.71
CA ASN A 235 -10.82 48.34 10.99
C ASN A 235 -12.19 47.98 11.59
N GLY A 236 -12.28 46.78 12.17
CA GLY A 236 -13.50 46.29 12.80
C GLY A 236 -13.75 44.80 12.61
N ALA A 237 -14.78 44.30 13.29
CA ALA A 237 -15.20 42.88 13.24
C ALA A 237 -14.07 41.89 13.56
N PHE A 238 -13.10 42.33 14.35
CA PHE A 238 -11.90 41.56 14.64
C PHE A 238 -11.88 41.03 16.07
N ILE A 239 -11.68 39.73 16.20
CA ILE A 239 -11.54 39.08 17.50
C ILE A 239 -10.05 38.85 17.74
N ALA A 240 -9.50 39.56 18.72
CA ALA A 240 -8.07 39.62 18.95
C ALA A 240 -7.56 38.55 19.91
N PRO A 241 -6.36 38.01 19.65
CA PRO A 241 -5.72 37.14 20.63
C PRO A 241 -5.14 37.92 21.79
N ASP A 242 -5.30 37.41 23.01
CA ASP A 242 -4.67 37.97 24.20
C ASP A 242 -3.47 37.11 24.58
N ARG A 243 -3.57 35.82 24.29
CA ARG A 243 -2.50 34.85 24.55
C ARG A 243 -2.26 33.97 23.32
N THR A 244 -1.06 33.39 23.24
CA THR A 244 -0.71 32.40 22.23
C THR A 244 -0.28 31.08 22.91
N SER A 245 -0.20 30.00 22.13
CA SER A 245 0.11 28.68 22.67
C SER A 245 1.45 28.13 22.20
N PHE A 246 2.13 27.42 23.10
CA PHE A 246 3.38 26.72 22.80
C PHE A 246 3.26 25.25 23.22
N PHE A 247 3.73 24.36 22.36
CA PHE A 247 3.62 22.92 22.61
C PHE A 247 4.68 22.42 23.59
N ARG A 248 4.37 21.34 24.29
CA ARG A 248 5.22 20.84 25.38
C ARG A 248 6.18 19.72 24.98
N GLY A 249 5.68 18.75 24.19
CA GLY A 249 6.50 17.63 23.75
C GLY A 249 5.80 16.62 22.86
N GLU A 250 5.49 15.46 23.42
CA GLU A 250 4.99 14.33 22.65
C GLU A 250 3.80 13.67 23.35
N SER A 251 2.77 13.33 22.56
CA SER A 251 1.56 12.71 23.08
C SER A 251 0.78 11.93 22.01
N LEU A 252 -0.23 11.19 22.45
CA LEU A 252 -1.18 10.54 21.56
C LEU A 252 -2.58 11.09 21.81
N GLY A 253 -3.39 11.17 20.76
CA GLY A 253 -4.78 11.58 20.88
C GLY A 253 -5.73 10.46 20.49
N VAL A 254 -6.73 10.22 21.33
CA VAL A 254 -7.72 9.16 21.10
C VAL A 254 -9.14 9.72 21.16
N GLN A 255 -10.00 9.27 20.24
CA GLN A 255 -11.43 9.53 20.31
C GLN A 255 -12.12 8.28 20.83
N SER A 256 -12.64 8.36 22.05
CA SER A 256 -13.27 7.20 22.68
C SER A 256 -14.27 7.59 23.77
N ASP A 257 -15.26 6.73 23.97
CA ASP A 257 -16.21 6.87 25.07
C ASP A 257 -15.97 5.82 26.16
N ALA A 258 -14.81 5.16 26.09
CA ALA A 258 -14.42 4.13 27.07
C ALA A 258 -13.81 4.75 28.33
N PRO A 259 -14.20 4.22 29.51
CA PRO A 259 -13.69 4.73 30.79
C PRO A 259 -12.19 4.49 30.94
N LEU A 260 -11.52 5.40 31.65
CA LEU A 260 -10.10 5.24 31.95
C LEU A 260 -9.89 4.19 33.03
N ASP A 261 -8.77 3.48 32.94
CA ASP A 261 -8.39 2.49 33.93
C ASP A 261 -6.89 2.58 34.17
N SER A 262 -6.52 2.89 35.41
CA SER A 262 -5.12 3.07 35.80
C SER A 262 -4.44 1.77 36.23
N SER A 263 -5.15 0.65 36.07
CA SER A 263 -4.65 -0.67 36.49
C SER A 263 -4.07 -1.52 35.36
N CYS A 264 -4.30 -1.10 34.11
CA CYS A 264 -3.76 -1.80 32.94
C CYS A 264 -2.85 -0.91 32.10
N ARG A 265 -1.80 -1.51 31.54
CA ARG A 265 -0.83 -0.80 30.70
C ARG A 265 -1.08 -1.08 29.23
N GLY A 266 -1.15 -0.03 28.42
CA GLY A 266 -1.43 -0.16 26.99
C GLY A 266 -0.70 0.85 26.13
N ASP A 267 -0.45 0.48 24.88
CA ASP A 267 0.28 1.32 23.93
C ASP A 267 -0.45 1.46 22.60
N CYS A 268 -1.59 0.77 22.47
CA CYS A 268 -2.42 0.82 21.28
C CYS A 268 -3.84 1.17 21.69
N PHE A 269 -4.40 2.24 21.10
CA PHE A 269 -5.71 2.74 21.50
C PHE A 269 -6.65 2.96 20.31
N HIS A 270 -7.94 2.79 20.57
CA HIS A 270 -8.98 3.00 19.57
C HIS A 270 -10.28 3.40 20.27
N SER A 271 -11.33 3.66 19.49
CA SER A 271 -12.62 4.09 20.05
C SER A 271 -13.25 3.09 21.02
N GLY A 272 -12.99 1.79 20.79
CA GLY A 272 -13.55 0.73 21.62
C GLY A 272 -12.77 0.44 22.88
N GLY A 273 -11.58 1.00 23.00
CA GLY A 273 -10.74 0.83 24.19
C GLY A 273 -9.26 0.65 23.90
N THR A 274 -8.68 -0.43 24.42
CA THR A 274 -7.24 -0.66 24.35
C THR A 274 -6.92 -2.07 23.83
N ILE A 275 -5.99 -2.15 22.87
CA ILE A 275 -5.49 -3.43 22.39
C ILE A 275 -4.14 -3.73 23.04
N VAL A 276 -4.09 -4.83 23.80
CA VAL A 276 -2.85 -5.28 24.43
C VAL A 276 -2.47 -6.63 23.83
N SER A 277 -1.39 -6.63 23.05
CA SER A 277 -0.99 -7.82 22.30
C SER A 277 0.49 -7.84 21.95
N SER A 278 1.03 -9.04 21.80
CA SER A 278 2.37 -9.23 21.26
C SER A 278 2.29 -9.80 19.83
N LEU A 279 1.07 -9.97 19.33
CA LEU A 279 0.82 -10.56 18.03
C LEU A 279 0.97 -9.52 16.91
N PRO A 280 1.39 -9.96 15.71
CA PRO A 280 1.64 -9.06 14.58
C PRO A 280 0.38 -8.46 13.94
N PHE A 281 -0.76 -9.13 14.10
CA PHE A 281 -2.00 -8.70 13.44
C PHE A 281 -3.17 -8.58 14.41
N GLN A 282 -4.16 -7.76 14.03
CA GLN A 282 -5.38 -7.60 14.83
C GLN A 282 -6.62 -7.40 13.95
N ASN A 283 -7.77 -7.82 14.48
CA ASN A 283 -9.05 -7.78 13.77
C ASN A 283 -10.10 -6.96 14.53
N ILE A 284 -9.63 -6.15 15.48
CA ILE A 284 -10.51 -5.42 16.40
C ILE A 284 -11.04 -4.11 15.80
N ASN A 285 -10.14 -3.28 15.28
CA ASN A 285 -10.48 -1.97 14.74
C ASN A 285 -9.46 -1.47 13.72
N SER A 286 -9.96 -0.93 12.60
CA SER A 286 -9.10 -0.42 11.54
C SER A 286 -8.56 0.99 11.84
N ARG A 287 -9.23 1.71 12.74
CA ARG A 287 -8.79 3.04 13.16
C ARG A 287 -8.15 2.96 14.54
N THR A 288 -6.82 2.97 14.58
CA THR A 288 -6.08 2.90 15.85
C THR A 288 -5.03 4.00 15.96
N VAL A 289 -4.61 4.27 17.20
CA VAL A 289 -3.54 5.23 17.48
C VAL A 289 -2.52 4.61 18.46
N GLY A 290 -1.23 4.80 18.16
CA GLY A 290 -0.16 4.29 19.01
C GLY A 290 0.69 3.23 18.34
N LYS A 291 1.25 2.32 19.15
CA LYS A 291 2.04 1.21 18.64
C LYS A 291 1.17 -0.04 18.55
N CYS A 292 0.73 -0.36 17.34
CA CYS A 292 -0.34 -1.33 17.12
C CYS A 292 0.03 -2.43 16.14
N PRO A 293 -0.58 -3.62 16.29
CA PRO A 293 -0.51 -4.63 15.24
C PRO A 293 -1.30 -4.17 14.01
N ARG A 294 -0.87 -4.61 12.83
CA ARG A 294 -1.54 -4.20 11.59
C ARG A 294 -2.93 -4.80 11.49
N TYR A 295 -3.89 -4.01 11.01
CA TYR A 295 -5.26 -4.48 10.87
C TYR A 295 -5.41 -5.44 9.70
N VAL A 296 -6.06 -6.56 9.97
CA VAL A 296 -6.40 -7.54 8.94
C VAL A 296 -7.89 -7.88 9.02
N LYS A 297 -8.45 -8.38 7.93
CA LYS A 297 -9.89 -8.69 7.87
C LYS A 297 -10.21 -10.10 8.37
N GLN A 298 -9.19 -10.95 8.46
CA GLN A 298 -9.36 -12.33 8.95
C GLN A 298 -9.56 -12.37 10.46
N LYS A 299 -10.42 -13.28 10.91
CA LYS A 299 -10.67 -13.48 12.33
C LYS A 299 -9.57 -14.30 13.00
N SER A 300 -9.01 -15.24 12.25
CA SER A 300 -8.03 -16.19 12.79
C SER A 300 -7.03 -16.62 11.74
N LEU A 301 -5.74 -16.63 12.11
CA LEU A 301 -4.68 -17.18 11.29
C LEU A 301 -3.71 -17.96 12.16
N LEU A 302 -3.91 -19.28 12.20
CA LEU A 302 -3.15 -20.14 13.08
C LEU A 302 -1.78 -20.50 12.50
N LEU A 303 -0.74 -20.26 13.28
CA LEU A 303 0.63 -20.59 12.91
C LEU A 303 1.01 -21.91 13.57
N ALA A 304 1.44 -22.87 12.75
CA ALA A 304 1.88 -24.17 13.24
C ALA A 304 3.16 -24.03 14.07
N THR A 305 3.14 -24.66 15.25
CA THR A 305 4.32 -24.68 16.12
C THR A 305 4.78 -26.11 16.37
N GLY A 306 4.28 -27.03 15.54
CA GLY A 306 4.64 -28.45 15.65
C GLY A 306 4.50 -29.19 14.34
N MET A 307 4.81 -30.48 14.37
CA MET A 307 4.75 -31.34 13.19
C MET A 307 3.32 -31.71 12.80
N ARG A 308 3.20 -32.35 11.63
CA ARG A 308 1.95 -32.93 11.17
C ARG A 308 1.45 -33.96 12.19
N ASN A 309 0.20 -33.83 12.60
CA ASN A 309 -0.38 -34.75 13.57
C ASN A 309 -0.94 -36.00 12.89
N VAL A 310 -0.37 -37.15 13.24
CA VAL A 310 -0.82 -38.44 12.74
C VAL A 310 -1.13 -39.36 13.92
N PRO A 311 -2.40 -39.33 14.39
CA PRO A 311 -2.82 -40.11 15.57
C PRO A 311 -2.77 -41.62 15.34
N GLU A 312 -2.69 -42.39 16.43
CA GLU A 312 -2.63 -43.84 16.37
C GLU A 312 -3.97 -44.46 15.96
N LYS A 313 -3.90 -45.58 15.24
CA LYS A 313 -5.10 -46.32 14.84
C LYS A 313 -5.55 -47.29 15.93
N GLY B 1 4.40 -34.37 3.50
CA GLY B 1 5.77 -33.78 3.69
C GLY B 1 6.72 -34.11 2.55
N LEU B 2 7.67 -33.21 2.32
CA LEU B 2 8.63 -33.31 1.22
C LEU B 2 9.63 -34.47 1.36
N PHE B 3 9.81 -34.97 2.57
CA PHE B 3 10.87 -35.94 2.84
C PHE B 3 10.36 -37.37 3.01
N GLY B 4 9.04 -37.51 3.11
CA GLY B 4 8.39 -38.81 3.09
C GLY B 4 8.47 -39.65 4.35
N ALA B 5 8.94 -39.05 5.45
CA ALA B 5 9.02 -39.77 6.72
C ALA B 5 7.72 -39.62 7.53
N ILE B 6 7.49 -38.43 8.09
CA ILE B 6 6.26 -38.14 8.83
C ILE B 6 5.07 -38.11 7.86
N ALA B 7 4.04 -38.88 8.19
CA ALA B 7 2.87 -39.12 7.32
C ALA B 7 3.27 -39.76 5.98
N GLY B 8 4.38 -40.50 6.01
CA GLY B 8 4.93 -41.15 4.82
C GLY B 8 5.18 -42.62 5.06
N PHE B 9 6.46 -43.02 5.05
CA PHE B 9 6.79 -44.44 5.27
C PHE B 9 6.63 -44.87 6.73
N ILE B 10 6.66 -43.89 7.63
CA ILE B 10 6.32 -44.13 9.03
C ILE B 10 4.80 -44.00 9.17
N GLU B 11 4.16 -45.11 9.55
CA GLU B 11 2.70 -45.22 9.58
C GLU B 11 2.02 -44.09 10.35
N ASN B 12 2.32 -43.99 11.65
CA ASN B 12 1.70 -42.97 12.51
C ASN B 12 2.63 -42.54 13.64
N GLY B 13 2.20 -41.50 14.36
CA GLY B 13 2.96 -41.01 15.52
C GLY B 13 2.68 -41.83 16.76
N TRP B 14 3.56 -41.69 17.75
CA TRP B 14 3.38 -42.35 19.04
C TRP B 14 2.81 -41.37 20.05
N GLU B 15 1.62 -41.66 20.56
CA GLU B 15 0.98 -40.80 21.56
C GLU B 15 1.60 -40.99 22.94
N GLY B 16 2.24 -42.15 23.14
CA GLY B 16 2.94 -42.45 24.39
C GLY B 16 4.26 -41.74 24.58
N LEU B 17 4.77 -41.15 23.50
CA LEU B 17 6.00 -40.36 23.55
C LEU B 17 5.70 -38.92 23.98
N ILE B 18 5.80 -38.68 25.29
CA ILE B 18 5.51 -37.38 25.87
C ILE B 18 6.78 -36.59 26.23
N ASN B 19 7.91 -37.29 26.24
CA ASN B 19 9.19 -36.70 26.62
C ASN B 19 10.03 -36.15 25.44
N GLY B 20 9.41 -36.04 24.28
CA GLY B 20 10.11 -35.53 23.10
C GLY B 20 9.31 -35.54 21.80
N TRP B 21 9.93 -35.01 20.75
CA TRP B 21 9.33 -34.93 19.42
C TRP B 21 9.64 -36.18 18.61
N TYR B 22 10.88 -36.67 18.73
CA TYR B 22 11.34 -37.84 18.00
C TYR B 22 11.93 -38.86 18.97
N GLY B 23 11.80 -40.14 18.64
CA GLY B 23 12.24 -41.19 19.53
C GLY B 23 12.56 -42.54 18.92
N PHE B 24 12.97 -43.46 19.79
CA PHE B 24 13.30 -44.84 19.42
C PHE B 24 12.37 -45.79 20.14
N ARG B 25 11.91 -46.82 19.43
CA ARG B 25 11.17 -47.91 20.04
C ARG B 25 11.82 -49.24 19.69
N HIS B 26 12.45 -49.86 20.68
CA HIS B 26 13.21 -51.09 20.47
C HIS B 26 12.43 -52.34 20.91
N GLN B 27 12.82 -53.49 20.35
CA GLN B 27 12.24 -54.77 20.72
C GLN B 27 13.33 -55.83 20.72
N ASN B 28 13.55 -56.46 21.88
CA ASN B 28 14.51 -57.55 22.01
C ASN B 28 14.02 -58.66 22.95
N ALA B 29 14.94 -59.54 23.37
CA ALA B 29 14.61 -60.67 24.24
C ALA B 29 14.19 -60.23 25.65
N GLN B 30 14.53 -58.99 26.01
CA GLN B 30 14.21 -58.45 27.33
C GLN B 30 12.89 -57.70 27.35
N GLY B 31 12.40 -57.30 26.18
CA GLY B 31 11.11 -56.62 26.07
C GLY B 31 11.11 -55.43 25.12
N GLU B 32 10.14 -54.55 25.34
CA GLU B 32 9.98 -53.33 24.53
C GLU B 32 10.27 -52.08 25.36
N GLY B 33 10.93 -51.11 24.75
CA GLY B 33 11.24 -49.84 25.41
C GLY B 33 11.17 -48.64 24.48
N THR B 34 10.74 -47.50 25.04
CA THR B 34 10.63 -46.25 24.28
C THR B 34 11.46 -45.15 24.94
N ALA B 35 12.22 -44.43 24.12
CA ALA B 35 13.04 -43.30 24.60
C ALA B 35 13.10 -42.18 23.56
N ALA B 36 13.06 -40.94 24.05
CA ALA B 36 13.13 -39.76 23.18
C ALA B 36 14.57 -39.43 22.79
N ASP B 37 14.73 -38.80 21.62
CA ASP B 37 16.04 -38.31 21.16
C ASP B 37 16.14 -36.81 21.36
N TYR B 38 17.16 -36.37 22.10
CA TYR B 38 17.32 -34.97 22.47
C TYR B 38 17.76 -34.08 21.31
N LYS B 39 18.78 -34.52 20.57
CA LYS B 39 19.40 -33.74 19.50
C LYS B 39 18.41 -33.31 18.42
N SER B 40 17.62 -34.26 17.94
CA SER B 40 16.64 -34.01 16.88
C SER B 40 15.45 -33.19 17.37
N THR B 41 15.04 -33.43 18.61
CA THR B 41 13.92 -32.71 19.23
C THR B 41 14.24 -31.23 19.42
N GLN B 42 15.42 -30.93 19.97
CA GLN B 42 15.83 -29.55 20.23
C GLN B 42 16.12 -28.76 18.96
N SER B 43 16.63 -29.45 17.93
CA SER B 43 16.91 -28.83 16.65
C SER B 43 15.62 -28.36 15.97
N ALA B 44 14.54 -29.10 16.18
CA ALA B 44 13.24 -28.74 15.64
C ALA B 44 12.61 -27.61 16.43
N ILE B 45 12.71 -27.69 17.76
CA ILE B 45 12.15 -26.68 18.66
C ILE B 45 12.84 -25.31 18.48
N ASP B 46 14.16 -25.33 18.32
CA ASP B 46 14.94 -24.11 18.12
C ASP B 46 14.54 -23.37 16.85
N GLN B 47 14.27 -24.12 15.78
CA GLN B 47 13.88 -23.54 14.50
C GLN B 47 12.46 -22.96 14.54
N ILE B 48 11.58 -23.59 15.31
CA ILE B 48 10.22 -23.09 15.54
C ILE B 48 10.26 -21.82 16.41
N THR B 49 11.06 -21.85 17.46
CA THR B 49 11.27 -20.69 18.32
C THR B 49 11.81 -19.50 17.52
N GLY B 50 12.70 -19.80 16.57
CA GLY B 50 13.24 -18.80 15.66
C GLY B 50 12.16 -18.07 14.88
N LYS B 51 11.15 -18.83 14.43
CA LYS B 51 10.00 -18.26 13.72
C LYS B 51 9.15 -17.39 14.63
N LEU B 52 8.92 -17.89 15.85
CA LEU B 52 8.17 -17.15 16.87
C LEU B 52 8.85 -15.84 17.28
N ASN B 53 10.19 -15.87 17.37
CA ASN B 53 10.97 -14.67 17.70
C ASN B 53 10.90 -13.59 16.62
N ARG B 54 10.59 -14.00 15.39
CA ARG B 54 10.45 -13.07 14.28
C ARG B 54 9.05 -12.43 14.23
N LEU B 55 8.07 -13.13 14.77
CA LEU B 55 6.65 -12.74 14.62
C LEU B 55 5.98 -12.24 15.89
N ILE B 56 6.35 -12.82 17.03
CA ILE B 56 5.72 -12.51 18.31
C ILE B 56 6.57 -11.55 19.15
N GLY B 57 5.92 -10.56 19.74
CA GLY B 57 6.56 -9.61 20.66
C GLY B 57 7.48 -8.61 20.00
N LYS B 58 7.19 -8.27 18.75
CA LYS B 58 8.04 -7.34 17.98
C LYS B 58 7.54 -5.90 18.09
N THR B 59 8.46 -4.96 17.84
CA THR B 59 8.15 -3.53 17.89
C THR B 59 7.17 -3.15 16.79
N ASN B 60 5.92 -2.90 17.18
CA ASN B 60 4.86 -2.51 16.26
C ASN B 60 5.13 -1.15 15.61
N GLN B 61 4.47 -0.88 14.50
CA GLN B 61 4.59 0.42 13.82
C GLN B 61 3.67 1.47 14.44
N GLN B 62 4.02 2.74 14.24
CA GLN B 62 3.31 3.87 14.83
C GLN B 62 2.04 4.23 14.03
N PHE B 63 0.99 4.63 14.75
CA PHE B 63 -0.28 5.00 14.13
C PHE B 63 -0.83 6.31 14.67
N GLU B 64 -1.46 7.08 13.79
CA GLU B 64 -2.18 8.30 14.17
C GLU B 64 -3.53 8.36 13.47
N LEU B 65 -4.48 9.06 14.08
CA LEU B 65 -5.81 9.23 13.50
C LEU B 65 -5.82 10.33 12.45
N ILE B 66 -6.36 10.02 11.27
CA ILE B 66 -6.60 11.02 10.21
C ILE B 66 -8.10 11.20 9.96
N ASP B 67 -8.90 10.43 10.69
CA ASP B 67 -10.36 10.49 10.61
C ASP B 67 -10.99 11.16 11.83
N ASN B 68 -12.30 11.38 11.76
CA ASN B 68 -13.07 11.91 12.87
C ASN B 68 -14.33 11.07 13.07
N GLU B 69 -14.38 10.32 14.15
CA GLU B 69 -15.49 9.40 14.44
C GLU B 69 -16.68 10.09 15.11
N PHE B 70 -16.50 11.32 15.56
CA PHE B 70 -17.59 12.09 16.16
C PHE B 70 -18.32 12.93 15.12
N ASN B 71 -17.57 13.78 14.41
CA ASN B 71 -18.14 14.65 13.38
C ASN B 71 -17.42 14.49 12.05
N GLU B 72 -18.15 14.02 11.05
CA GLU B 72 -17.60 13.70 9.73
C GLU B 72 -16.86 14.85 9.05
N ILE B 73 -15.68 14.53 8.50
CA ILE B 73 -14.90 15.48 7.72
C ILE B 73 -15.46 15.60 6.30
N GLU B 74 -14.90 16.53 5.51
CA GLU B 74 -15.32 16.73 4.12
C GLU B 74 -15.30 15.43 3.33
N GLN B 75 -16.28 15.29 2.44
CA GLN B 75 -16.52 14.04 1.73
C GLN B 75 -15.40 13.63 0.78
N GLN B 76 -14.86 14.59 0.03
CA GLN B 76 -13.84 14.30 -0.99
C GLN B 76 -12.56 13.72 -0.39
N ILE B 77 -12.02 14.40 0.62
CA ILE B 77 -10.81 13.92 1.32
C ILE B 77 -11.12 12.69 2.18
N GLY B 78 -12.34 12.60 2.70
CA GLY B 78 -12.78 11.47 3.51
C GLY B 78 -12.87 10.18 2.73
N ASN B 79 -13.29 10.29 1.46
CA ASN B 79 -13.38 9.14 0.57
C ASN B 79 -12.00 8.68 0.08
N VAL B 80 -11.06 9.62 -0.03
CA VAL B 80 -9.67 9.32 -0.37
C VAL B 80 -9.01 8.55 0.77
N ILE B 81 -9.23 9.02 2.00
CA ILE B 81 -8.73 8.37 3.20
C ILE B 81 -9.25 6.94 3.32
N ASN B 82 -10.57 6.77 3.20
CA ASN B 82 -11.21 5.46 3.24
C ASN B 82 -10.69 4.51 2.15
N TRP B 83 -10.49 5.04 0.95
CA TRP B 83 -9.94 4.28 -0.17
C TRP B 83 -8.52 3.77 0.12
N THR B 84 -7.70 4.65 0.70
CA THR B 84 -6.31 4.33 1.02
C THR B 84 -6.20 3.29 2.15
N ARG B 85 -7.01 3.47 3.20
CA ARG B 85 -7.01 2.54 4.33
C ARG B 85 -7.43 1.13 3.91
N ASP B 86 -8.48 1.04 3.11
CA ASP B 86 -8.96 -0.24 2.59
C ASP B 86 -7.92 -0.93 1.72
N ALA B 87 -7.14 -0.14 0.98
CA ALA B 87 -6.04 -0.65 0.17
C ALA B 87 -4.93 -1.23 1.04
N MET B 88 -4.63 -0.57 2.16
CA MET B 88 -3.68 -1.07 3.15
C MET B 88 -4.18 -2.35 3.80
N THR B 89 -5.47 -2.37 4.13
CA THR B 89 -6.14 -3.52 4.71
C THR B 89 -6.04 -4.73 3.78
N GLU B 90 -6.23 -4.50 2.49
CA GLU B 90 -6.13 -5.56 1.49
C GLU B 90 -4.70 -6.09 1.38
N ILE B 91 -3.72 -5.18 1.40
CA ILE B 91 -2.31 -5.54 1.33
C ILE B 91 -1.87 -6.34 2.57
N TRP B 92 -2.21 -5.83 3.76
CA TRP B 92 -1.82 -6.48 5.00
C TRP B 92 -2.52 -7.82 5.25
N SER B 93 -3.77 -7.93 4.79
CA SER B 93 -4.50 -9.19 4.88
C SER B 93 -3.86 -10.25 3.98
N TYR B 94 -3.47 -9.83 2.78
CA TYR B 94 -2.73 -10.69 1.85
C TYR B 94 -1.40 -11.13 2.46
N ASN B 95 -0.63 -10.16 2.96
CA ASN B 95 0.65 -10.44 3.60
C ASN B 95 0.54 -11.44 4.74
N ALA B 96 -0.45 -11.23 5.61
CA ALA B 96 -0.69 -12.08 6.76
C ALA B 96 -1.07 -13.50 6.34
N GLU B 97 -1.99 -13.60 5.38
CA GLU B 97 -2.46 -14.89 4.88
C GLU B 97 -1.32 -15.69 4.25
N LEU B 98 -0.52 -15.03 3.41
CA LEU B 98 0.59 -15.68 2.72
C LEU B 98 1.71 -16.09 3.68
N LEU B 99 2.10 -15.17 4.56
CA LEU B 99 3.15 -15.43 5.54
C LEU B 99 2.89 -16.71 6.33
N VAL B 100 1.69 -16.80 6.91
CA VAL B 100 1.31 -17.93 7.75
C VAL B 100 1.29 -19.25 6.96
N ALA B 101 0.72 -19.20 5.76
CA ALA B 101 0.63 -20.37 4.88
C ALA B 101 2.01 -20.87 4.44
N MET B 102 2.91 -19.93 4.14
CA MET B 102 4.27 -20.24 3.75
C MET B 102 5.06 -20.82 4.94
N GLU B 103 4.92 -20.19 6.10
CA GLU B 103 5.58 -20.66 7.32
C GLU B 103 5.09 -22.04 7.73
N ASN B 104 3.77 -22.26 7.67
CA ASN B 104 3.18 -23.56 7.98
C ASN B 104 3.68 -24.68 7.06
N GLN B 105 3.87 -24.36 5.78
CA GLN B 105 4.41 -25.31 4.82
C GLN B 105 5.84 -25.68 5.19
N HIS B 106 6.65 -24.68 5.51
CA HIS B 106 8.04 -24.87 5.86
C HIS B 106 8.20 -25.59 7.21
N THR B 107 7.34 -25.25 8.16
CA THR B 107 7.32 -25.90 9.48
C THR B 107 7.07 -27.41 9.38
N ILE B 108 6.02 -27.79 8.65
CA ILE B 108 5.67 -29.20 8.47
C ILE B 108 6.82 -29.97 7.82
N ASP B 109 7.39 -29.40 6.76
CA ASP B 109 8.51 -30.01 6.05
C ASP B 109 9.79 -30.05 6.90
N LEU B 110 9.99 -28.99 7.68
CA LEU B 110 11.10 -28.87 8.64
C LEU B 110 11.11 -30.05 9.61
N ALA B 111 9.95 -30.30 10.21
CA ALA B 111 9.79 -31.40 11.17
C ALA B 111 9.97 -32.76 10.50
N ASP B 112 9.48 -32.87 9.26
CA ASP B 112 9.64 -34.07 8.44
C ASP B 112 11.11 -34.32 8.11
N SER B 113 11.85 -33.24 7.88
CA SER B 113 13.29 -33.30 7.58
C SER B 113 14.08 -33.87 8.76
N GLU B 114 13.79 -33.40 9.96
CA GLU B 114 14.48 -33.86 11.17
C GLU B 114 14.24 -35.33 11.47
N MET B 115 13.03 -35.82 11.19
CA MET B 115 12.72 -37.24 11.31
C MET B 115 13.55 -38.05 10.32
N SER B 116 13.66 -37.54 9.09
CA SER B 116 14.46 -38.18 8.06
C SER B 116 15.95 -38.20 8.42
N LYS B 117 16.45 -37.08 8.94
CA LYS B 117 17.86 -36.96 9.34
C LYS B 117 18.24 -37.99 10.41
N LEU B 118 17.37 -38.13 11.41
CA LEU B 118 17.60 -39.06 12.51
C LEU B 118 17.57 -40.50 12.02
N TYR B 119 16.69 -40.77 11.07
CA TYR B 119 16.56 -42.09 10.43
C TYR B 119 17.84 -42.47 9.68
N GLU B 120 18.33 -41.54 8.84
CA GLU B 120 19.55 -41.75 8.06
C GLU B 120 20.80 -41.87 8.93
N ARG B 121 20.80 -41.18 10.07
CA ARG B 121 21.92 -41.22 11.01
C ARG B 121 22.06 -42.61 11.62
N VAL B 122 20.93 -43.20 12.01
CA VAL B 122 20.89 -44.55 12.57
C VAL B 122 21.27 -45.59 11.51
N LYS B 123 20.83 -45.35 10.28
CA LYS B 123 21.14 -46.22 9.15
C LYS B 123 22.65 -46.36 8.92
N LYS B 124 23.36 -45.23 9.00
CA LYS B 124 24.81 -45.21 8.81
C LYS B 124 25.56 -45.82 10.01
N GLN B 125 24.99 -45.68 11.20
CA GLN B 125 25.55 -46.28 12.42
C GLN B 125 25.62 -47.80 12.31
N LEU B 126 24.54 -48.41 11.85
CA LEU B 126 24.40 -49.87 11.84
C LEU B 126 25.20 -50.55 10.73
N ARG B 127 25.56 -49.78 9.69
CA ARG B 127 26.36 -50.27 8.56
C ARG B 127 25.74 -51.52 7.90
N GLU B 128 26.48 -52.62 7.93
CA GLU B 128 26.04 -53.87 7.32
C GLU B 128 25.42 -54.85 8.35
N ASN B 129 25.07 -54.34 9.52
CA ASN B 129 24.53 -55.17 10.60
C ASN B 129 23.00 -55.20 10.66
N ALA B 130 22.34 -54.38 9.83
CA ALA B 130 20.89 -54.25 9.86
C ALA B 130 20.27 -53.94 8.49
N GLU B 131 18.99 -54.23 8.34
CA GLU B 131 18.25 -53.90 7.12
C GLU B 131 16.99 -53.10 7.45
N GLU B 132 16.63 -52.19 6.54
CA GLU B 132 15.39 -51.41 6.66
C GLU B 132 14.22 -52.28 6.25
N ASP B 133 13.12 -52.21 7.00
CA ASP B 133 11.93 -52.99 6.66
C ASP B 133 10.92 -52.19 5.84
N GLY B 134 11.11 -50.88 5.77
CA GLY B 134 10.27 -50.00 4.96
C GLY B 134 9.21 -49.24 5.74
N THR B 135 9.13 -49.50 7.04
CA THR B 135 8.15 -48.86 7.92
C THR B 135 8.81 -47.92 8.94
N GLY B 136 10.13 -47.75 8.83
CA GLY B 136 10.90 -46.94 9.76
C GLY B 136 11.68 -47.76 10.78
N CYS B 137 11.59 -49.07 10.67
CA CYS B 137 12.30 -49.99 11.57
C CYS B 137 13.56 -50.55 10.91
N PHE B 138 14.52 -50.93 11.75
CA PHE B 138 15.72 -51.62 11.31
C PHE B 138 15.73 -53.01 11.92
N GLU B 139 15.73 -54.04 11.06
CA GLU B 139 15.88 -55.41 11.52
C GLU B 139 17.35 -55.68 11.80
N ILE B 140 17.68 -55.85 13.08
CA ILE B 140 19.06 -56.06 13.53
C ILE B 140 19.40 -57.55 13.49
N PHE B 141 20.48 -57.90 12.80
CA PHE B 141 20.84 -59.29 12.54
C PHE B 141 21.85 -59.89 13.53
N HIS B 142 21.85 -59.34 14.75
CA HIS B 142 22.64 -59.88 15.85
C HIS B 142 21.90 -59.61 17.16
N LYS B 143 22.22 -60.37 18.20
CA LYS B 143 21.64 -60.12 19.50
C LYS B 143 22.01 -58.73 19.98
N CYS B 144 21.00 -57.89 20.18
CA CYS B 144 21.18 -56.52 20.66
C CYS B 144 20.38 -56.33 21.94
N ASP B 145 21.04 -56.49 23.07
CA ASP B 145 20.41 -56.34 24.39
C ASP B 145 20.18 -54.87 24.73
N ASP B 146 19.71 -54.62 25.95
CA ASP B 146 19.35 -53.25 26.38
C ASP B 146 20.52 -52.27 26.35
N GLN B 147 21.71 -52.75 26.67
CA GLN B 147 22.92 -51.93 26.59
C GLN B 147 23.28 -51.60 25.13
N CYS B 148 23.16 -52.59 24.25
CA CYS B 148 23.39 -52.42 22.83
C CYS B 148 22.41 -51.41 22.23
N MET B 149 21.13 -51.51 22.62
CA MET B 149 20.11 -50.56 22.17
C MET B 149 20.42 -49.14 22.63
N GLU B 150 20.95 -49.02 23.84
CA GLU B 150 21.35 -47.72 24.39
C GLU B 150 22.50 -47.10 23.61
N SER B 151 23.46 -47.93 23.20
CA SER B 151 24.62 -47.47 22.44
C SER B 151 24.26 -46.96 21.04
N ILE B 152 23.15 -47.43 20.49
CA ILE B 152 22.62 -46.92 19.22
C ILE B 152 22.00 -45.54 19.43
N ARG B 153 21.26 -45.38 20.53
CA ARG B 153 20.58 -44.13 20.85
C ARG B 153 21.53 -42.97 21.14
N ASN B 154 22.60 -43.25 21.89
CA ASN B 154 23.57 -42.20 22.25
C ASN B 154 24.82 -42.17 21.35
N ASN B 155 24.73 -42.86 20.20
CA ASN B 155 25.75 -42.83 19.15
C ASN B 155 27.13 -43.36 19.58
N THR B 156 27.14 -44.48 20.32
CA THR B 156 28.39 -45.13 20.72
C THR B 156 28.46 -46.58 20.22
N TYR B 157 27.54 -46.92 19.31
CA TYR B 157 27.49 -48.25 18.69
C TYR B 157 28.66 -48.44 17.72
N ASP B 158 29.44 -49.48 17.96
CA ASP B 158 30.55 -49.86 17.08
C ASP B 158 30.13 -51.09 16.27
N HIS B 159 30.01 -50.93 14.96
CA HIS B 159 29.53 -51.99 14.06
C HIS B 159 30.48 -53.18 13.95
N THR B 160 31.78 -52.91 14.16
CA THR B 160 32.83 -53.92 14.10
C THR B 160 32.64 -55.01 15.16
N GLN B 161 32.05 -54.61 16.30
CA GLN B 161 31.82 -55.52 17.43
C GLN B 161 30.88 -56.68 17.07
N TYR B 162 29.93 -56.41 16.18
CA TYR B 162 28.87 -57.37 15.86
C TYR B 162 28.84 -57.82 14.40
N ARG B 163 29.78 -57.32 13.60
CA ARG B 163 29.77 -57.54 12.14
C ARG B 163 29.75 -59.02 11.74
N THR B 164 30.62 -59.83 12.36
CA THR B 164 30.74 -61.25 12.02
C THR B 164 29.44 -62.02 12.27
N GLU B 165 28.80 -61.78 13.41
CA GLU B 165 27.52 -62.39 13.73
C GLU B 165 26.45 -61.95 12.72
N SER B 166 26.45 -60.67 12.40
CA SER B 166 25.47 -60.07 11.50
C SER B 166 25.54 -60.64 10.09
N LEU B 167 26.76 -60.76 9.55
CA LEU B 167 26.97 -61.25 8.19
C LEU B 167 26.61 -62.73 8.02
N GLN B 168 26.74 -63.48 9.11
CA GLN B 168 26.35 -64.90 9.14
C GLN B 168 24.83 -65.06 9.13
N ASN B 169 24.13 -64.10 9.72
CA ASN B 169 22.67 -64.11 9.74
C ASN B 169 22.03 -63.50 8.49
N ARG B 170 22.73 -62.53 7.89
CA ARG B 170 22.24 -61.88 6.65
C ARG B 170 22.49 -62.71 5.39
N ILE B 171 23.72 -63.24 5.26
CA ILE B 171 24.09 -64.03 4.09
C ILE B 171 23.91 -65.51 4.42
N GLN B 172 22.69 -66.01 4.19
CA GLN B 172 22.37 -67.40 4.50
C GLN B 172 22.46 -68.31 3.28
N ILE B 173 23.63 -68.25 2.63
CA ILE B 173 24.00 -69.13 1.51
C ILE B 173 25.46 -69.56 1.69
N ASP B 174 25.93 -70.47 0.83
CA ASP B 174 27.33 -70.88 0.84
C ASP B 174 28.16 -69.98 -0.08
N SER B 175 29.27 -69.47 0.45
CA SER B 175 30.17 -68.61 -0.32
C SER B 175 31.38 -69.38 -0.85
N GLY B 176 31.53 -69.40 -2.17
CA GLY B 176 32.63 -70.12 -2.83
C GLY B 176 33.53 -69.19 -3.62
N GLY C 4 42.44 -49.31 4.86
CA GLY C 4 42.25 -49.36 3.38
C GLY C 4 42.11 -47.97 2.75
N ASP C 5 41.83 -47.96 1.45
CA ASP C 5 41.69 -46.73 0.68
C ASP C 5 40.30 -46.14 0.83
N LYS C 6 40.22 -44.81 0.87
CA LYS C 6 38.94 -44.12 1.04
C LYS C 6 38.81 -42.84 0.22
N ILE C 7 37.57 -42.50 -0.15
CA ILE C 7 37.27 -41.22 -0.81
C ILE C 7 36.20 -40.45 -0.04
N CYS C 8 36.54 -39.23 0.35
CA CYS C 8 35.66 -38.40 1.18
C CYS C 8 35.09 -37.23 0.40
N LEU C 9 33.81 -36.96 0.64
CA LEU C 9 33.14 -35.83 0.01
C LEU C 9 32.92 -34.70 1.00
N GLY C 10 33.02 -33.47 0.50
CA GLY C 10 32.88 -32.30 1.35
C GLY C 10 32.71 -31.02 0.56
N HIS C 11 32.80 -29.90 1.26
CA HIS C 11 32.53 -28.58 0.68
C HIS C 11 33.55 -27.57 1.17
N HIS C 12 33.47 -26.34 0.65
CA HIS C 12 34.43 -25.30 0.99
C HIS C 12 33.96 -24.43 2.17
N ALA C 13 34.93 -23.78 2.82
CA ALA C 13 34.64 -22.87 3.93
C ALA C 13 35.70 -21.77 4.00
N VAL C 14 35.37 -20.68 4.70
CA VAL C 14 36.33 -19.61 4.97
C VAL C 14 36.51 -19.44 6.48
N ALA C 15 37.61 -18.81 6.88
CA ALA C 15 37.88 -18.53 8.28
C ALA C 15 36.88 -17.51 8.85
N ASN C 16 36.59 -16.47 8.05
CA ASN C 16 35.66 -15.43 8.46
C ASN C 16 34.51 -15.27 7.47
N GLY C 17 33.34 -15.75 7.86
CA GLY C 17 32.14 -15.64 7.04
C GLY C 17 31.34 -14.38 7.35
N THR C 18 30.17 -14.27 6.73
CA THR C 18 29.28 -13.14 6.93
C THR C 18 28.00 -13.58 7.63
N LYS C 19 27.60 -12.85 8.66
CA LYS C 19 26.35 -13.13 9.37
C LYS C 19 25.14 -12.60 8.61
N VAL C 20 24.16 -13.47 8.42
CA VAL C 20 22.89 -13.12 7.77
C VAL C 20 21.72 -13.63 8.62
N ASN C 21 20.51 -13.21 8.26
CA ASN C 21 19.30 -13.70 8.93
C ASN C 21 18.46 -14.57 8.01
N THR C 22 17.78 -15.55 8.59
CA THR C 22 16.89 -16.44 7.84
C THR C 22 15.48 -16.43 8.45
N LEU C 23 14.68 -17.45 8.13
CA LEU C 23 13.35 -17.58 8.70
C LEU C 23 13.40 -18.23 10.08
N THR C 24 14.46 -19.00 10.34
CA THR C 24 14.57 -19.75 11.59
C THR C 24 15.73 -19.30 12.49
N GLU C 25 16.67 -18.54 11.94
CA GLU C 25 17.88 -18.14 12.67
C GLU C 25 18.26 -16.67 12.49
N ARG C 26 18.80 -16.08 13.55
CA ARG C 26 19.38 -14.74 13.49
C ARG C 26 20.91 -14.80 13.61
N GLY C 27 21.59 -14.19 12.65
CA GLY C 27 23.05 -14.11 12.66
C GLY C 27 23.76 -15.40 12.31
N ILE C 28 23.18 -16.17 11.39
CA ILE C 28 23.80 -17.40 10.90
C ILE C 28 24.92 -17.05 9.90
N GLU C 29 26.04 -17.76 9.99
CA GLU C 29 27.23 -17.45 9.19
C GLU C 29 27.22 -18.16 7.83
N VAL C 30 27.41 -17.39 6.77
CA VAL C 30 27.51 -17.92 5.40
C VAL C 30 28.85 -17.55 4.75
N VAL C 31 29.18 -18.22 3.66
CA VAL C 31 30.47 -18.00 2.97
C VAL C 31 30.59 -16.58 2.40
N ASN C 32 29.55 -16.13 1.70
CA ASN C 32 29.51 -14.78 1.15
C ASN C 32 28.09 -14.20 1.12
N ALA C 33 28.00 -12.88 1.16
CA ALA C 33 26.72 -12.17 1.12
C ALA C 33 26.82 -10.86 0.33
N THR C 34 25.67 -10.38 -0.16
CA THR C 34 25.60 -9.15 -0.95
C THR C 34 24.53 -8.22 -0.36
N GLU C 35 24.89 -6.95 -0.19
CA GLU C 35 23.99 -5.91 0.33
C GLU C 35 22.86 -5.60 -0.65
N THR C 36 21.66 -5.40 -0.12
CA THR C 36 20.49 -5.05 -0.94
C THR C 36 19.98 -3.63 -0.66
N VAL C 37 20.42 -3.02 0.43
CA VAL C 37 20.00 -1.66 0.79
C VAL C 37 21.08 -0.63 0.43
N GLU C 38 20.72 0.31 -0.45
CA GLU C 38 21.64 1.35 -0.88
C GLU C 38 21.78 2.45 0.17
N THR C 39 23.02 2.72 0.57
CA THR C 39 23.31 3.74 1.57
C THR C 39 24.24 4.84 1.07
N THR C 40 24.81 4.65 -0.12
CA THR C 40 25.71 5.64 -0.70
C THR C 40 24.95 6.68 -1.50
N ASN C 41 24.98 7.92 -1.02
CA ASN C 41 24.35 9.04 -1.67
C ASN C 41 25.37 9.92 -2.40
N ILE C 42 24.98 10.45 -3.56
CA ILE C 42 25.77 11.44 -4.25
C ILE C 42 25.16 12.82 -3.99
N LYS C 43 25.93 13.68 -3.33
CA LYS C 43 25.43 14.98 -2.87
C LYS C 43 25.37 16.05 -3.98
N LYS C 44 24.97 15.61 -5.18
CA LYS C 44 24.86 16.49 -6.34
C LYS C 44 23.65 16.10 -7.17
N ILE C 45 23.17 17.03 -8.00
CA ILE C 45 22.16 16.71 -9.00
C ILE C 45 22.89 16.29 -10.28
N CYS C 46 22.85 15.00 -10.57
CA CYS C 46 23.54 14.43 -11.73
C CYS C 46 22.79 14.71 -13.03
N THR C 47 23.34 15.62 -13.84
CA THR C 47 22.63 16.17 -14.99
C THR C 47 23.17 15.71 -16.36
N GLN C 48 24.11 14.76 -16.35
CA GLN C 48 24.66 14.22 -17.59
C GLN C 48 23.55 13.56 -18.42
N GLY C 49 23.49 13.91 -19.70
CA GLY C 49 22.47 13.40 -20.60
C GLY C 49 21.17 14.19 -20.60
N LYS C 50 21.00 15.02 -19.58
CA LYS C 50 19.78 15.81 -19.41
C LYS C 50 19.97 17.26 -19.89
N ARG C 51 18.86 17.97 -20.02
CA ARG C 51 18.87 19.41 -20.29
C ARG C 51 18.28 20.12 -19.07
N PRO C 52 19.13 20.47 -18.09
CA PRO C 52 18.62 20.99 -16.82
C PRO C 52 18.36 22.50 -16.80
N THR C 53 17.38 22.91 -15.99
CA THR C 53 17.15 24.32 -15.71
C THR C 53 17.21 24.56 -14.20
N ASP C 54 18.24 25.30 -13.79
CA ASP C 54 18.39 25.74 -12.40
C ASP C 54 17.69 27.09 -12.26
N LEU C 55 16.53 27.09 -11.62
CA LEU C 55 15.68 28.28 -11.53
C LEU C 55 16.25 29.41 -10.67
N GLY C 56 17.11 29.04 -9.71
CA GLY C 56 17.78 30.01 -8.84
C GLY C 56 16.83 30.90 -8.04
N GLN C 57 16.96 32.21 -8.24
CA GLN C 57 16.16 33.20 -7.53
C GLN C 57 14.72 33.28 -8.06
N CYS C 58 14.48 32.70 -9.23
CA CYS C 58 13.16 32.72 -9.86
C CYS C 58 12.30 31.55 -9.37
N GLY C 59 11.09 31.87 -8.93
CA GLY C 59 10.12 30.87 -8.55
C GLY C 59 9.42 30.31 -9.77
N LEU C 60 9.04 29.04 -9.71
CA LEU C 60 8.43 28.35 -10.86
C LEU C 60 7.21 29.06 -11.43
N LEU C 61 6.33 29.56 -10.56
CA LEU C 61 5.11 30.25 -11.00
C LEU C 61 5.38 31.65 -11.54
N GLY C 62 6.53 32.22 -11.16
CA GLY C 62 6.97 33.52 -11.64
C GLY C 62 7.27 33.53 -13.13
N THR C 63 7.65 32.36 -13.66
CA THR C 63 7.97 32.21 -15.08
C THR C 63 6.79 32.53 -16.00
N LEU C 64 5.59 32.52 -15.43
CA LEU C 64 4.35 32.74 -16.19
C LEU C 64 3.93 34.21 -16.25
N ILE C 65 4.26 34.97 -15.21
CA ILE C 65 3.85 36.39 -15.11
C ILE C 65 5.00 37.37 -15.35
N GLY C 66 6.21 36.98 -14.93
CA GLY C 66 7.42 37.74 -15.22
C GLY C 66 7.78 38.89 -14.29
N PRO C 67 7.98 38.61 -12.99
CA PRO C 67 8.62 39.60 -12.12
C PRO C 67 10.11 39.69 -12.45
N PRO C 68 10.78 40.81 -12.10
CA PRO C 68 12.20 41.04 -12.43
C PRO C 68 13.13 39.84 -12.19
N GLN C 69 12.89 39.07 -11.13
CA GLN C 69 13.70 37.89 -10.80
C GLN C 69 13.60 36.78 -11.84
N CYS C 70 12.52 36.80 -12.62
CA CYS C 70 12.23 35.74 -13.59
C CYS C 70 12.36 36.19 -15.05
N ASP C 71 12.92 37.36 -15.28
CA ASP C 71 13.14 37.90 -16.63
C ASP C 71 13.96 36.95 -17.51
N GLN C 72 14.78 36.13 -16.87
CA GLN C 72 15.66 35.18 -17.56
C GLN C 72 15.06 33.78 -17.65
N PHE C 73 13.76 33.65 -17.37
CA PHE C 73 13.11 32.35 -17.39
C PHE C 73 11.70 32.38 -17.98
N LEU C 74 11.44 33.38 -18.82
CA LEU C 74 10.12 33.57 -19.43
C LEU C 74 9.76 32.48 -20.43
N GLU C 75 10.77 31.86 -21.04
CA GLU C 75 10.59 30.78 -21.99
C GLU C 75 11.70 29.75 -21.83
N PHE C 76 11.60 28.91 -20.80
CA PHE C 76 12.65 27.92 -20.57
C PHE C 76 12.30 26.57 -21.20
N SER C 77 13.33 25.78 -21.50
CA SER C 77 13.17 24.45 -22.06
C SER C 77 14.09 23.45 -21.37
N SER C 78 13.51 22.50 -20.66
CA SER C 78 14.29 21.49 -19.95
C SER C 78 13.54 20.16 -19.80
N ASP C 79 14.29 19.12 -19.43
CA ASP C 79 13.69 17.84 -19.04
C ASP C 79 13.92 17.56 -17.54
N LEU C 80 14.59 18.49 -16.86
CA LEU C 80 14.85 18.40 -15.42
C LEU C 80 14.83 19.80 -14.79
N ILE C 81 13.71 20.12 -14.14
CA ILE C 81 13.51 21.44 -13.53
C ILE C 81 13.92 21.40 -12.06
N ILE C 82 14.85 22.28 -11.68
CA ILE C 82 15.32 22.35 -10.29
C ILE C 82 14.87 23.65 -9.63
N GLU C 83 14.05 23.52 -8.59
CA GLU C 83 13.59 24.65 -7.78
C GLU C 83 14.56 24.90 -6.63
N ARG C 84 14.75 26.17 -6.30
CA ARG C 84 15.66 26.55 -5.20
C ARG C 84 14.92 27.24 -4.06
N ARG C 85 15.51 27.19 -2.88
CA ARG C 85 14.94 27.73 -1.64
C ARG C 85 14.65 29.24 -1.71
N GLU C 86 15.49 29.98 -2.42
CA GLU C 86 15.38 31.44 -2.49
C GLU C 86 14.49 31.95 -3.63
N GLY C 87 13.78 31.04 -4.28
CA GLY C 87 12.89 31.39 -5.39
C GLY C 87 11.60 32.05 -4.95
N THR C 88 11.12 33.13 -5.56
CA THR C 88 9.87 33.83 -5.30
C THR C 88 9.09 34.07 -6.59
N ASP C 89 7.86 34.00 -6.53
CA ASP C 89 6.96 34.06 -7.68
C ASP C 89 6.48 35.49 -7.97
N ILE C 90 6.47 36.33 -6.95
CA ILE C 90 5.88 37.67 -7.05
C ILE C 90 6.78 38.77 -6.50
N CYS C 91 6.56 40.00 -6.98
CA CYS C 91 7.21 41.19 -6.44
C CYS C 91 6.20 42.02 -5.64
N TYR C 92 5.08 42.33 -6.28
CA TYR C 92 3.95 43.00 -5.65
C TYR C 92 3.23 42.00 -4.76
N PRO C 93 2.72 42.44 -3.58
CA PRO C 93 2.05 41.52 -2.66
C PRO C 93 0.85 40.80 -3.31
N GLY C 94 0.63 39.55 -2.92
CA GLY C 94 -0.45 38.73 -3.49
C GLY C 94 -0.03 37.29 -3.69
N ARG C 95 -0.93 36.47 -4.23
CA ARG C 95 -0.68 35.04 -4.43
C ARG C 95 -1.51 34.40 -5.55
N PHE C 96 -1.07 33.22 -5.98
CA PHE C 96 -1.80 32.40 -6.95
C PHE C 96 -2.84 31.54 -6.25
N THR C 97 -4.04 31.48 -6.82
CA THR C 97 -5.04 30.50 -6.38
C THR C 97 -4.64 29.12 -6.89
N ASN C 98 -4.80 28.11 -6.02
CA ASN C 98 -4.40 26.73 -6.33
C ASN C 98 -2.93 26.63 -6.75
N GLU C 99 -2.07 27.33 -6.00
CA GLU C 99 -0.67 27.51 -6.39
C GLU C 99 0.11 26.22 -6.62
N GLU C 100 -0.12 25.21 -5.77
CA GLU C 100 0.62 23.96 -5.86
C GLU C 100 0.15 23.06 -7.00
N SER C 101 -1.14 23.15 -7.33
CA SER C 101 -1.69 22.48 -8.50
C SER C 101 -0.99 22.95 -9.77
N LEU C 102 -0.77 24.27 -9.86
CA LEU C 102 -0.08 24.87 -10.99
C LEU C 102 1.41 24.53 -11.02
N ARG C 103 2.03 24.48 -9.84
CA ARG C 103 3.44 24.08 -9.71
C ARG C 103 3.65 22.66 -10.23
N GLN C 104 2.74 21.77 -9.87
CA GLN C 104 2.83 20.36 -10.26
C GLN C 104 2.68 20.15 -11.77
N ILE C 105 1.80 20.94 -12.38
CA ILE C 105 1.61 20.90 -13.84
C ILE C 105 2.86 21.41 -14.56
N LEU C 106 3.47 22.47 -14.02
CA LEU C 106 4.68 23.07 -14.60
C LEU C 106 5.94 22.21 -14.47
N ARG C 107 6.05 21.46 -13.37
CA ARG C 107 7.21 20.61 -13.12
C ARG C 107 7.40 19.51 -14.16
N ARG C 108 6.29 19.04 -14.74
CA ARG C 108 6.31 18.00 -15.76
C ARG C 108 6.01 18.53 -17.17
N SER C 109 6.06 19.86 -17.32
CA SER C 109 5.66 20.53 -18.55
C SER C 109 6.66 20.42 -19.69
N GLY C 110 7.93 20.19 -19.34
CA GLY C 110 9.02 20.25 -20.32
C GLY C 110 9.47 21.68 -20.58
N GLY C 111 8.96 22.60 -19.78
CA GLY C 111 9.21 24.03 -19.99
C GLY C 111 8.06 24.69 -20.73
N ILE C 112 8.17 26.00 -20.93
CA ILE C 112 7.07 26.77 -21.52
C ILE C 112 7.47 27.60 -22.73
N GLY C 113 6.57 27.68 -23.70
CA GLY C 113 6.70 28.59 -24.83
C GLY C 113 5.62 29.64 -24.70
N LYS C 114 5.98 30.90 -24.90
CA LYS C 114 5.05 32.02 -24.77
C LYS C 114 4.54 32.50 -26.13
N GLU C 115 3.29 32.92 -26.16
CA GLU C 115 2.65 33.38 -27.40
C GLU C 115 1.75 34.57 -27.11
N SER C 116 1.82 35.59 -27.98
CA SER C 116 1.04 36.81 -27.82
C SER C 116 -0.46 36.55 -28.03
N MET C 117 -1.27 37.06 -27.10
CA MET C 117 -2.73 36.90 -27.17
C MET C 117 -3.37 37.94 -28.09
N GLY C 118 -2.68 39.06 -28.30
CA GLY C 118 -3.10 40.07 -29.27
C GLY C 118 -4.20 41.00 -28.82
N PHE C 119 -4.13 41.45 -27.57
CA PHE C 119 -5.08 42.41 -27.05
C PHE C 119 -4.59 43.83 -27.27
N THR C 120 -5.47 44.66 -27.84
CA THR C 120 -5.21 46.09 -28.03
C THR C 120 -6.30 46.88 -27.33
N TYR C 121 -5.95 48.07 -26.86
CA TYR C 121 -6.85 48.88 -26.03
C TYR C 121 -6.96 50.32 -26.50
N SER C 122 -8.12 50.92 -26.26
CA SER C 122 -8.35 52.34 -26.54
C SER C 122 -9.24 52.97 -25.46
N GLY C 123 -8.92 54.21 -25.09
CA GLY C 123 -9.68 54.93 -24.07
C GLY C 123 -9.22 54.68 -22.64
N ILE C 124 -8.14 53.91 -22.49
CA ILE C 124 -7.57 53.59 -21.18
C ILE C 124 -6.04 53.60 -21.20
N ARG C 125 -5.44 53.58 -20.01
CA ARG C 125 -3.98 53.39 -19.87
C ARG C 125 -3.65 51.90 -19.85
N THR C 126 -2.45 51.56 -20.30
CA THR C 126 -1.96 50.18 -20.25
C THR C 126 -0.59 50.10 -19.57
N ASN C 127 -0.11 51.26 -19.12
CA ASN C 127 1.26 51.41 -18.62
C ASN C 127 1.38 51.44 -17.09
N GLY C 128 0.53 50.67 -16.41
CA GLY C 128 0.54 50.61 -14.95
C GLY C 128 1.83 50.04 -14.39
N ALA C 129 2.45 50.79 -13.48
CA ALA C 129 3.75 50.41 -12.91
C ALA C 129 3.78 50.60 -11.39
N THR C 130 4.66 49.83 -10.74
CA THR C 130 4.83 49.91 -9.29
C THR C 130 6.31 49.87 -8.91
N SER C 131 6.65 50.55 -7.80
CA SER C 131 8.03 50.58 -7.31
C SER C 131 8.46 49.26 -6.68
N ALA C 132 7.47 48.43 -6.32
CA ALA C 132 7.73 47.10 -5.76
C ALA C 132 8.42 46.17 -6.76
N CYS C 133 8.19 46.40 -8.05
CA CYS C 133 8.83 45.63 -9.12
C CYS C 133 9.75 46.51 -9.96
N THR C 134 10.92 46.83 -9.42
CA THR C 134 11.89 47.67 -10.13
C THR C 134 12.69 46.89 -11.17
N ARG C 135 12.78 47.47 -12.36
CA ARG C 135 13.52 46.86 -13.47
C ARG C 135 14.46 47.90 -14.09
N SER C 136 14.12 49.17 -13.85
CA SER C 136 14.86 50.33 -14.36
C SER C 136 14.13 51.57 -13.83
N GLY C 137 13.80 51.53 -12.54
CA GLY C 137 12.76 52.40 -11.97
C GLY C 137 11.50 51.57 -11.82
N SER C 138 10.35 52.23 -11.67
CA SER C 138 9.08 51.54 -11.50
C SER C 138 8.62 50.85 -12.79
N SER C 139 8.27 49.57 -12.66
CA SER C 139 7.67 48.80 -13.77
C SER C 139 6.67 47.76 -13.25
N PHE C 140 6.45 46.71 -14.05
CA PHE C 140 5.38 45.74 -13.79
C PHE C 140 5.75 44.34 -14.30
N TYR C 141 4.90 43.36 -14.03
CA TYR C 141 5.07 42.00 -14.55
C TYR C 141 5.20 42.00 -16.07
N ALA C 142 6.22 41.30 -16.57
CA ALA C 142 6.60 41.33 -17.99
C ALA C 142 5.54 40.80 -18.97
N GLU C 143 4.71 39.85 -18.53
CA GLU C 143 3.70 39.25 -19.39
C GLU C 143 2.29 39.80 -19.15
N MET C 144 2.19 40.78 -18.25
CA MET C 144 0.90 41.30 -17.80
C MET C 144 0.78 42.81 -18.03
N LYS C 145 -0.44 43.26 -18.27
CA LYS C 145 -0.75 44.67 -18.46
C LYS C 145 -1.62 45.18 -17.32
N TRP C 146 -1.23 46.30 -16.73
CA TRP C 146 -2.04 46.95 -15.70
C TRP C 146 -2.89 48.04 -16.34
N LEU C 147 -4.20 47.82 -16.35
CA LEU C 147 -5.14 48.72 -17.01
C LEU C 147 -5.74 49.71 -16.02
N LEU C 148 -5.67 51.00 -16.37
CA LEU C 148 -6.21 52.08 -15.54
C LEU C 148 -7.16 52.96 -16.36
N SER C 149 -7.80 53.91 -15.69
CA SER C 149 -8.54 54.97 -16.36
C SER C 149 -7.57 55.99 -16.95
N ASN C 150 -8.04 56.79 -17.89
CA ASN C 150 -7.22 57.82 -18.56
C ASN C 150 -6.61 58.84 -17.60
N SER C 151 -7.34 59.16 -16.53
CA SER C 151 -6.85 60.07 -15.48
C SER C 151 -7.44 59.69 -14.13
N ASP C 152 -7.03 60.43 -13.09
CA ASP C 152 -7.55 60.21 -11.73
C ASP C 152 -9.07 60.36 -11.67
N ASN C 153 -9.71 59.36 -11.05
CA ASN C 153 -11.16 59.35 -10.81
C ASN C 153 -12.05 59.26 -12.06
N ALA C 154 -11.44 59.09 -13.23
CA ALA C 154 -12.18 58.90 -14.48
C ALA C 154 -12.82 57.51 -14.54
N ALA C 155 -13.94 57.42 -15.25
CA ALA C 155 -14.68 56.16 -15.34
C ALA C 155 -13.96 55.15 -16.25
N PHE C 156 -13.85 53.92 -15.76
CA PHE C 156 -13.33 52.82 -16.55
C PHE C 156 -14.48 52.19 -17.32
N PRO C 157 -14.36 52.14 -18.66
CA PRO C 157 -15.45 51.63 -19.51
C PRO C 157 -15.58 50.11 -19.47
N GLN C 158 -16.82 49.62 -19.54
CA GLN C 158 -17.10 48.19 -19.61
C GLN C 158 -16.48 47.60 -20.88
N MET C 159 -15.71 46.54 -20.70
CA MET C 159 -14.85 46.04 -21.77
C MET C 159 -14.96 44.53 -21.94
N THR C 160 -14.82 44.07 -23.19
CA THR C 160 -14.83 42.64 -23.49
C THR C 160 -13.65 42.28 -24.39
N LYS C 161 -12.85 41.31 -23.95
CA LYS C 161 -11.70 40.81 -24.73
C LYS C 161 -11.75 39.28 -24.86
N ALA C 162 -11.57 38.79 -26.09
CA ALA C 162 -11.66 37.37 -26.37
C ALA C 162 -10.40 36.82 -27.05
N TYR C 163 -10.04 35.59 -26.69
CA TYR C 163 -8.88 34.91 -27.27
C TYR C 163 -9.20 33.45 -27.57
N ARG C 164 -9.01 33.06 -28.83
CA ARG C 164 -9.19 31.67 -29.25
C ARG C 164 -7.83 30.98 -29.34
N ASN C 165 -7.78 29.73 -28.88
CA ASN C 165 -6.56 28.91 -28.93
C ASN C 165 -6.34 28.31 -30.33
N PRO C 166 -5.33 28.80 -31.07
CA PRO C 166 -5.09 28.33 -32.43
C PRO C 166 -4.14 27.12 -32.53
N ARG C 167 -3.60 26.68 -31.39
CA ARG C 167 -2.66 25.55 -31.37
C ARG C 167 -3.36 24.21 -31.13
N ASN C 168 -2.61 23.13 -31.24
CA ASN C 168 -3.13 21.77 -31.06
C ASN C 168 -3.04 21.26 -29.61
N LYS C 169 -2.60 22.13 -28.71
CA LYS C 169 -2.42 21.78 -27.30
C LYS C 169 -2.98 22.87 -26.38
N PRO C 170 -3.37 22.51 -25.14
CA PRO C 170 -3.99 23.46 -24.22
C PRO C 170 -3.14 24.71 -23.93
N ALA C 171 -3.80 25.84 -23.77
CA ALA C 171 -3.14 27.10 -23.45
C ALA C 171 -3.39 27.45 -21.99
N LEU C 172 -2.33 27.87 -21.29
CA LEU C 172 -2.44 28.30 -19.91
C LEU C 172 -2.71 29.80 -19.85
N ILE C 173 -3.89 30.17 -19.36
CA ILE C 173 -4.29 31.56 -19.28
C ILE C 173 -4.16 32.06 -17.84
N ILE C 174 -3.41 33.14 -17.66
CA ILE C 174 -3.25 33.79 -16.36
C ILE C 174 -3.88 35.19 -16.41
N TRP C 175 -4.57 35.57 -15.33
CA TRP C 175 -5.06 36.94 -15.18
C TRP C 175 -5.02 37.34 -13.70
N GLY C 176 -5.05 38.65 -13.45
CA GLY C 176 -4.92 39.16 -12.09
C GLY C 176 -6.04 40.08 -11.65
N VAL C 177 -6.36 40.02 -10.35
CA VAL C 177 -7.33 40.92 -9.74
C VAL C 177 -6.59 41.83 -8.75
N HIS C 178 -6.67 43.13 -8.99
CA HIS C 178 -5.99 44.11 -8.14
C HIS C 178 -6.89 44.60 -7.00
N HIS C 179 -6.46 44.33 -5.76
CA HIS C 179 -7.14 44.81 -4.57
C HIS C 179 -6.41 46.05 -4.05
N SER C 180 -7.08 47.20 -4.10
CA SER C 180 -6.48 48.48 -3.72
C SER C 180 -6.24 48.61 -2.21
N GLU C 181 -5.47 49.63 -1.83
CA GLU C 181 -5.16 49.89 -0.42
C GLU C 181 -6.36 50.46 0.33
N SER C 182 -7.22 51.19 -0.38
CA SER C 182 -8.41 51.78 0.20
C SER C 182 -9.52 51.91 -0.84
N VAL C 183 -10.71 52.35 -0.40
CA VAL C 183 -11.85 52.54 -1.28
C VAL C 183 -11.61 53.71 -2.24
N SER C 184 -11.06 54.81 -1.73
CA SER C 184 -10.76 55.99 -2.53
C SER C 184 -9.61 55.75 -3.52
N GLU C 185 -8.77 54.76 -3.22
CA GLU C 185 -7.70 54.32 -4.11
C GLU C 185 -8.27 53.65 -5.36
N GLN C 186 -9.25 52.78 -5.15
CA GLN C 186 -9.94 52.06 -6.23
C GLN C 186 -10.62 53.05 -7.18
N THR C 187 -11.23 54.09 -6.62
CA THR C 187 -11.91 55.10 -7.43
C THR C 187 -10.93 56.04 -8.15
N LYS C 188 -9.70 56.11 -7.65
CA LYS C 188 -8.67 56.97 -8.26
C LYS C 188 -8.05 56.34 -9.50
N LEU C 189 -7.78 55.03 -9.44
CA LEU C 189 -7.19 54.31 -10.57
C LEU C 189 -8.25 53.95 -11.61
N TYR C 190 -9.42 53.57 -11.12
CA TYR C 190 -10.52 53.11 -11.96
C TYR C 190 -11.72 54.04 -11.80
N GLY C 191 -12.92 53.56 -12.13
CA GLY C 191 -14.11 54.40 -11.95
C GLY C 191 -14.65 54.35 -10.54
N SER C 192 -15.84 54.92 -10.35
CA SER C 192 -16.56 54.80 -9.09
C SER C 192 -17.55 53.64 -9.17
N GLY C 193 -17.93 53.12 -8.01
CA GLY C 193 -18.91 52.03 -7.94
C GLY C 193 -18.30 50.64 -7.91
N ASN C 194 -19.17 49.62 -7.92
CA ASN C 194 -18.77 48.22 -7.81
C ASN C 194 -18.05 47.71 -9.05
N LYS C 195 -16.95 46.99 -8.83
CA LYS C 195 -16.16 46.42 -9.92
C LYS C 195 -16.35 44.90 -9.99
N LEU C 196 -16.38 44.37 -11.21
CA LEU C 196 -16.53 42.92 -11.41
C LEU C 196 -15.75 42.41 -12.62
N ILE C 197 -15.13 41.24 -12.45
CA ILE C 197 -14.39 40.57 -13.53
C ILE C 197 -14.96 39.18 -13.76
N THR C 198 -15.46 38.94 -14.97
CA THR C 198 -15.95 37.60 -15.35
C THR C 198 -15.05 36.97 -16.41
N VAL C 199 -14.58 35.77 -16.13
CA VAL C 199 -13.77 34.99 -17.06
C VAL C 199 -14.54 33.74 -17.47
N ARG C 200 -14.66 33.53 -18.78
CA ARG C 200 -15.55 32.49 -19.30
C ARG C 200 -14.94 31.71 -20.46
N SER C 201 -14.97 30.38 -20.34
CA SER C 201 -14.69 29.48 -21.46
C SER C 201 -15.82 28.45 -21.56
N SER C 202 -15.68 27.45 -22.42
CA SER C 202 -16.73 26.45 -22.63
C SER C 202 -16.90 25.47 -21.45
N LYS C 203 -15.94 25.47 -20.53
CA LYS C 203 -16.02 24.62 -19.34
C LYS C 203 -15.51 25.28 -18.05
N TYR C 204 -15.50 26.62 -18.06
CA TYR C 204 -15.09 27.41 -16.89
C TYR C 204 -15.82 28.75 -16.90
N GLN C 205 -16.44 29.10 -15.77
CA GLN C 205 -16.97 30.44 -15.55
C GLN C 205 -16.86 30.84 -14.09
N GLN C 206 -16.31 32.02 -13.86
CA GLN C 206 -16.03 32.52 -12.52
C GLN C 206 -16.03 34.04 -12.52
N SER C 207 -16.67 34.64 -11.52
CA SER C 207 -16.68 36.08 -11.34
C SER C 207 -15.82 36.49 -10.14
N PHE C 208 -15.19 37.66 -10.26
CA PHE C 208 -14.31 38.18 -9.22
C PHE C 208 -14.66 39.60 -8.85
N THR C 209 -14.64 39.89 -7.55
CA THR C 209 -14.82 41.26 -7.05
C THR C 209 -13.64 41.61 -6.14
N PRO C 210 -13.03 42.80 -6.35
CA PRO C 210 -11.89 43.22 -5.53
C PRO C 210 -12.32 43.66 -4.13
N ASN C 211 -11.53 43.28 -3.13
CA ASN C 211 -11.77 43.65 -1.74
C ASN C 211 -10.73 44.65 -1.25
N PRO C 212 -11.03 45.96 -1.37
CA PRO C 212 -10.06 47.00 -1.01
C PRO C 212 -9.78 47.04 0.48
N GLY C 213 -8.62 47.56 0.86
CA GLY C 213 -8.22 47.66 2.25
C GLY C 213 -6.77 47.25 2.48
N ALA C 214 -6.27 46.37 1.63
CA ALA C 214 -4.88 45.92 1.68
C ALA C 214 -4.31 45.74 0.27
N ARG C 215 -3.23 46.46 0.01
CA ARG C 215 -2.53 46.49 -1.27
C ARG C 215 -2.05 45.09 -1.72
N ARG C 216 -2.67 44.54 -2.78
CA ARG C 216 -2.32 43.22 -3.34
C ARG C 216 -2.89 42.93 -4.72
N ILE C 217 -2.20 42.07 -5.47
CA ILE C 217 -2.68 41.52 -6.75
C ILE C 217 -2.69 39.99 -6.67
N ASP C 218 -3.86 39.40 -6.83
CA ASP C 218 -4.00 37.95 -6.83
C ASP C 218 -4.13 37.40 -8.24
N PHE C 219 -3.46 36.29 -8.51
CA PHE C 219 -3.47 35.69 -9.84
C PHE C 219 -4.32 34.43 -9.91
N HIS C 220 -5.10 34.33 -10.98
CA HIS C 220 -5.96 33.18 -11.23
C HIS C 220 -5.66 32.61 -12.61
N TRP C 221 -6.01 31.35 -12.83
CA TRP C 221 -5.61 30.65 -14.04
C TRP C 221 -6.59 29.57 -14.52
N LEU C 222 -6.50 29.24 -15.81
CA LEU C 222 -7.25 28.13 -16.41
C LEU C 222 -6.49 27.51 -17.57
N LEU C 223 -6.85 26.27 -17.91
CA LEU C 223 -6.32 25.60 -19.10
C LEU C 223 -7.36 25.61 -20.21
N LEU C 224 -7.02 26.27 -21.32
CA LEU C 224 -7.95 26.43 -22.44
C LEU C 224 -7.68 25.41 -23.54
N ASP C 225 -8.68 24.59 -23.84
CA ASP C 225 -8.59 23.55 -24.88
C ASP C 225 -8.43 24.14 -26.29
N PRO C 226 -7.78 23.39 -27.20
CA PRO C 226 -7.65 23.80 -28.60
C PRO C 226 -8.98 24.21 -29.24
N ASN C 227 -8.97 25.34 -29.96
CA ASN C 227 -10.13 25.88 -30.69
C ASN C 227 -11.24 26.45 -29.78
N ASP C 228 -10.99 26.50 -28.48
CA ASP C 228 -11.92 27.07 -27.51
C ASP C 228 -11.53 28.53 -27.21
N THR C 229 -12.47 29.31 -26.66
CA THR C 229 -12.28 30.74 -26.46
C THR C 229 -12.43 31.14 -24.99
N VAL C 230 -11.53 32.01 -24.52
CA VAL C 230 -11.66 32.63 -23.19
C VAL C 230 -12.19 34.06 -23.37
N THR C 231 -13.24 34.38 -22.62
CA THR C 231 -13.84 35.71 -22.66
C THR C 231 -13.64 36.43 -21.32
N PHE C 232 -12.98 37.58 -21.37
CA PHE C 232 -12.82 38.45 -20.21
C PHE C 232 -13.81 39.61 -20.30
N THR C 233 -14.61 39.80 -19.24
CA THR C 233 -15.46 40.98 -19.12
C THR C 233 -15.18 41.66 -17.78
N PHE C 234 -14.82 42.94 -17.86
CA PHE C 234 -14.31 43.68 -16.71
C PHE C 234 -14.59 45.18 -16.83
N ASN C 235 -14.56 45.88 -15.70
CA ASN C 235 -14.76 47.33 -15.66
C ASN C 235 -13.78 48.04 -14.72
N GLY C 236 -12.66 47.38 -14.42
CA GLY C 236 -11.65 47.91 -13.52
C GLY C 236 -11.04 46.83 -12.64
N ALA C 237 -9.96 47.17 -11.94
CA ALA C 237 -9.24 46.27 -11.04
C ALA C 237 -8.76 44.97 -11.71
N PHE C 238 -8.46 45.08 -13.00
CA PHE C 238 -8.14 43.91 -13.83
C PHE C 238 -6.72 43.98 -14.37
N ILE C 239 -5.95 42.93 -14.10
CA ILE C 239 -4.60 42.79 -14.64
C ILE C 239 -4.64 41.84 -15.82
N ALA C 240 -4.49 42.40 -17.02
CA ALA C 240 -4.70 41.66 -18.27
C ALA C 240 -3.46 40.88 -18.70
N PRO C 241 -3.66 39.68 -19.25
CA PRO C 241 -2.55 38.93 -19.86
C PRO C 241 -2.17 39.50 -21.22
N ASP C 242 -0.87 39.55 -21.49
CA ASP C 242 -0.36 39.95 -22.80
C ASP C 242 0.06 38.72 -23.60
N ARG C 243 0.61 37.73 -22.91
CA ARG C 243 1.04 36.47 -23.52
C ARG C 243 0.50 35.26 -22.75
N THR C 244 0.24 34.18 -23.49
CA THR C 244 -0.19 32.90 -22.91
C THR C 244 0.93 31.85 -23.01
N SER C 245 0.78 30.74 -22.29
CA SER C 245 1.83 29.71 -22.23
C SER C 245 1.40 28.37 -22.83
N PHE C 246 2.30 27.77 -23.61
CA PHE C 246 2.11 26.42 -24.14
C PHE C 246 3.25 25.52 -23.67
N PHE C 247 2.91 24.31 -23.22
CA PHE C 247 3.91 23.37 -22.72
C PHE C 247 4.70 22.72 -23.86
N ARG C 248 5.93 22.33 -23.57
CA ARG C 248 6.86 21.86 -24.61
C ARG C 248 6.90 20.34 -24.79
N GLY C 249 6.91 19.60 -23.67
CA GLY C 249 6.96 18.14 -23.71
C GLY C 249 6.94 17.48 -22.35
N GLU C 250 8.03 16.76 -22.03
CA GLU C 250 8.16 16.05 -20.75
C GLU C 250 9.32 16.59 -19.91
N SER C 251 9.13 16.64 -18.60
CA SER C 251 10.18 16.99 -17.65
C SER C 251 9.94 16.41 -16.26
N LEU C 252 10.96 16.45 -15.42
CA LEU C 252 10.86 16.05 -14.03
C LEU C 252 11.26 17.22 -13.13
N GLY C 253 10.46 17.47 -12.11
CA GLY C 253 10.71 18.57 -11.18
C GLY C 253 11.39 18.10 -9.90
N VAL C 254 12.41 18.84 -9.48
CA VAL C 254 13.17 18.52 -8.26
C VAL C 254 13.32 19.77 -7.39
N GLN C 255 13.21 19.59 -6.08
CA GLN C 255 13.54 20.61 -5.10
C GLN C 255 14.79 20.17 -4.35
N SER C 256 15.87 20.96 -4.46
CA SER C 256 17.14 20.60 -3.86
C SER C 256 18.04 21.80 -3.54
N ASP C 257 19.01 21.58 -2.66
CA ASP C 257 20.04 22.56 -2.34
C ASP C 257 21.40 22.13 -2.91
N ALA C 258 21.44 20.91 -3.47
CA ALA C 258 22.66 20.34 -4.04
C ALA C 258 23.03 20.98 -5.37
N PRO C 259 24.34 21.11 -5.66
CA PRO C 259 24.78 21.69 -6.94
C PRO C 259 24.59 20.74 -8.12
N LEU C 260 24.43 21.31 -9.31
CA LEU C 260 24.36 20.53 -10.54
C LEU C 260 25.73 19.99 -10.94
N ASP C 261 25.74 18.77 -11.49
CA ASP C 261 26.96 18.19 -12.02
C ASP C 261 26.66 17.42 -13.30
N SER C 262 27.26 17.87 -14.40
CA SER C 262 27.02 17.29 -15.73
C SER C 262 27.98 16.15 -16.07
N SER C 263 28.72 15.67 -15.06
CA SER C 263 29.70 14.61 -15.25
C SER C 263 29.25 13.25 -14.70
N CYS C 264 28.14 13.25 -13.95
CA CYS C 264 27.53 12.02 -13.47
C CYS C 264 26.11 11.87 -13.99
N ARG C 265 25.69 10.64 -14.23
CA ARG C 265 24.35 10.34 -14.74
C ARG C 265 23.47 9.73 -13.65
N GLY C 266 22.22 10.17 -13.59
CA GLY C 266 21.26 9.66 -12.61
C GLY C 266 19.82 9.88 -13.01
N ASP C 267 18.92 9.09 -12.43
CA ASP C 267 17.49 9.19 -12.71
C ASP C 267 16.63 9.26 -11.44
N CYS C 268 17.27 9.10 -10.29
CA CYS C 268 16.59 9.20 -9.00
C CYS C 268 17.12 10.41 -8.22
N PHE C 269 16.24 11.35 -7.92
CA PHE C 269 16.65 12.59 -7.26
C PHE C 269 15.90 12.84 -5.96
N HIS C 270 16.55 13.58 -5.05
CA HIS C 270 15.95 14.02 -3.80
C HIS C 270 16.61 15.33 -3.35
N SER C 271 16.14 15.90 -2.22
CA SER C 271 16.66 17.17 -1.72
C SER C 271 18.17 17.19 -1.49
N GLY C 272 18.72 16.04 -1.10
CA GLY C 272 20.14 15.92 -0.81
C GLY C 272 21.00 15.40 -1.97
N GLY C 273 20.39 15.26 -3.15
CA GLY C 273 21.15 14.90 -4.35
C GLY C 273 20.58 13.78 -5.22
N THR C 274 21.46 12.87 -5.62
CA THR C 274 21.12 11.80 -6.56
C THR C 274 21.47 10.43 -5.97
N ILE C 275 20.56 9.48 -6.15
CA ILE C 275 20.82 8.10 -5.78
C ILE C 275 21.06 7.28 -7.05
N VAL C 276 22.30 6.81 -7.19
CA VAL C 276 22.69 5.95 -8.31
C VAL C 276 22.91 4.53 -7.75
N SER C 277 22.05 3.61 -8.18
CA SER C 277 22.08 2.23 -7.66
C SER C 277 21.27 1.26 -8.50
N SER C 278 21.77 0.03 -8.58
CA SER C 278 21.03 -1.08 -9.18
C SER C 278 20.32 -1.90 -8.10
N LEU C 279 20.59 -1.56 -6.83
CA LEU C 279 19.99 -2.27 -5.70
C LEU C 279 18.50 -1.97 -5.57
N PRO C 280 17.71 -2.97 -5.11
CA PRO C 280 16.25 -2.82 -5.06
C PRO C 280 15.73 -1.86 -3.96
N PHE C 281 16.52 -1.65 -2.91
CA PHE C 281 16.09 -0.79 -1.79
C PHE C 281 17.11 0.29 -1.45
N GLN C 282 16.65 1.32 -0.72
CA GLN C 282 17.52 2.42 -0.27
C GLN C 282 17.07 2.98 1.09
N ASN C 283 18.05 3.47 1.86
CA ASN C 283 17.80 4.03 3.18
C ASN C 283 18.28 5.49 3.25
N ILE C 284 18.33 6.14 2.09
CA ILE C 284 18.87 7.50 1.99
C ILE C 284 17.82 8.58 2.28
N ASN C 285 16.69 8.51 1.59
CA ASN C 285 15.62 9.50 1.75
C ASN C 285 14.25 8.91 1.38
N SER C 286 13.27 9.09 2.27
CA SER C 286 11.91 8.59 2.04
C SER C 286 11.14 9.42 1.03
N ARG C 287 11.66 10.62 0.74
CA ARG C 287 11.06 11.52 -0.25
C ARG C 287 11.98 11.65 -1.46
N THR C 288 11.64 10.94 -2.54
CA THR C 288 12.42 10.95 -3.78
C THR C 288 11.55 11.27 -4.98
N VAL C 289 12.19 11.62 -6.10
CA VAL C 289 11.49 11.81 -7.38
C VAL C 289 12.23 11.09 -8.51
N GLY C 290 11.48 10.65 -9.51
CA GLY C 290 12.06 9.95 -10.66
C GLY C 290 11.94 8.45 -10.55
N LYS C 291 12.91 7.74 -11.13
CA LYS C 291 12.93 6.28 -11.11
C LYS C 291 13.86 5.79 -10.00
N CYS C 292 13.28 5.38 -8.88
CA CYS C 292 14.03 5.14 -7.65
C CYS C 292 13.83 3.76 -7.07
N PRO C 293 14.86 3.23 -6.35
CA PRO C 293 14.65 2.07 -5.48
C PRO C 293 13.72 2.45 -4.33
N ARG C 294 12.94 1.48 -3.85
CA ARG C 294 11.98 1.71 -2.77
C ARG C 294 12.68 1.99 -1.44
N TYR C 295 12.15 2.96 -0.69
CA TYR C 295 12.72 3.31 0.61
C TYR C 295 12.31 2.33 1.69
N VAL C 296 13.30 1.88 2.47
CA VAL C 296 13.08 1.01 3.63
C VAL C 296 13.71 1.63 4.89
N LYS C 297 13.21 1.23 6.05
CA LYS C 297 13.73 1.74 7.33
C LYS C 297 15.08 1.13 7.71
N GLN C 298 15.30 -0.11 7.28
CA GLN C 298 16.53 -0.85 7.64
C GLN C 298 17.79 -0.25 7.03
N LYS C 299 18.88 -0.31 7.80
CA LYS C 299 20.17 0.21 7.36
C LYS C 299 20.85 -0.78 6.41
N SER C 300 20.70 -2.06 6.71
CA SER C 300 21.34 -3.13 5.96
C SER C 300 20.48 -4.39 5.94
N LEU C 301 20.44 -5.06 4.79
CA LEU C 301 19.75 -6.34 4.63
C LEU C 301 20.54 -7.24 3.69
N LEU C 302 21.36 -8.11 4.27
CA LEU C 302 22.32 -8.91 3.51
C LEU C 302 21.70 -10.18 2.90
N LEU C 303 21.85 -10.30 1.59
CA LEU C 303 21.40 -11.49 0.86
C LEU C 303 22.54 -12.50 0.75
N ALA C 304 22.31 -13.71 1.24
CA ALA C 304 23.30 -14.78 1.18
C ALA C 304 23.56 -15.19 -0.27
N THR C 305 24.84 -15.26 -0.62
CA THR C 305 25.26 -15.71 -1.95
C THR C 305 26.21 -16.90 -1.82
N GLY C 306 26.05 -17.63 -0.73
CA GLY C 306 26.90 -18.78 -0.44
C GLY C 306 26.28 -19.72 0.57
N MET C 307 26.84 -20.93 0.66
CA MET C 307 26.40 -21.95 1.61
C MET C 307 26.70 -21.56 3.05
N ARG C 308 26.21 -22.38 3.99
CA ARG C 308 26.50 -22.21 5.41
C ARG C 308 28.00 -22.39 5.64
N ASN C 309 28.61 -21.41 6.31
CA ASN C 309 30.06 -21.44 6.57
C ASN C 309 30.42 -22.24 7.82
N VAL C 310 31.05 -23.40 7.61
CA VAL C 310 31.46 -24.27 8.72
C VAL C 310 32.98 -24.44 8.72
N PRO C 311 33.69 -23.58 9.47
CA PRO C 311 35.16 -23.60 9.52
C PRO C 311 35.73 -24.80 10.25
N GLU C 312 37.03 -25.04 10.06
CA GLU C 312 37.73 -26.16 10.69
C GLU C 312 38.04 -25.90 12.16
N GLY D 1 20.66 -27.23 7.59
CA GLY D 1 19.85 -27.31 6.34
C GLY D 1 18.90 -28.48 6.33
N LEU D 2 17.95 -28.47 5.39
CA LEU D 2 16.91 -29.48 5.29
C LEU D 2 17.40 -30.88 4.88
N PHE D 3 18.60 -30.93 4.30
CA PHE D 3 19.12 -32.20 3.75
C PHE D 3 20.16 -32.87 4.64
N GLY D 4 20.60 -32.14 5.67
CA GLY D 4 21.45 -32.69 6.71
C GLY D 4 22.86 -33.07 6.32
N ALA D 5 23.37 -32.47 5.24
CA ALA D 5 24.75 -32.71 4.81
C ALA D 5 25.69 -31.62 5.31
N ILE D 6 25.55 -30.42 4.77
CA ILE D 6 26.33 -29.26 5.21
C ILE D 6 25.86 -28.85 6.60
N ALA D 7 26.79 -28.88 7.55
CA ALA D 7 26.50 -28.71 8.98
C ALA D 7 25.65 -29.88 9.53
N GLY D 8 25.84 -31.05 8.94
CA GLY D 8 25.12 -32.28 9.32
C GLY D 8 26.06 -33.42 9.57
N PHE D 9 25.97 -34.48 8.77
CA PHE D 9 26.86 -35.63 8.91
C PHE D 9 28.29 -35.34 8.44
N ILE D 10 28.43 -34.35 7.57
CA ILE D 10 29.75 -33.80 7.24
C ILE D 10 30.11 -32.79 8.33
N GLU D 11 31.18 -33.10 9.06
CA GLU D 11 31.63 -32.33 10.23
C GLU D 11 31.75 -30.83 9.93
N ASN D 12 32.69 -30.50 9.06
CA ASN D 12 32.96 -29.12 8.69
C ASN D 12 33.41 -28.98 7.24
N GLY D 13 33.54 -27.74 6.78
CA GLY D 13 34.03 -27.46 5.44
C GLY D 13 35.54 -27.49 5.35
N TRP D 14 36.05 -27.43 4.13
CA TRP D 14 37.49 -27.43 3.89
C TRP D 14 37.94 -26.05 3.42
N GLU D 15 38.81 -25.41 4.21
CA GLU D 15 39.33 -24.08 3.88
C GLU D 15 40.34 -24.12 2.73
N GLY D 16 40.87 -25.32 2.45
CA GLY D 16 41.84 -25.52 1.36
C GLY D 16 41.22 -25.82 0.01
N LEU D 17 39.89 -25.94 -0.03
CA LEU D 17 39.18 -26.14 -1.29
C LEU D 17 38.83 -24.78 -1.90
N ILE D 18 39.72 -24.27 -2.74
CA ILE D 18 39.58 -22.94 -3.34
C ILE D 18 39.20 -23.01 -4.82
N ASN D 19 39.29 -24.21 -5.39
CA ASN D 19 38.97 -24.43 -6.81
C ASN D 19 37.47 -24.66 -7.11
N GLY D 20 36.66 -24.73 -6.05
CA GLY D 20 35.22 -24.94 -6.19
C GLY D 20 34.45 -24.87 -4.90
N TRP D 21 33.18 -25.27 -4.95
CA TRP D 21 32.27 -25.26 -3.80
C TRP D 21 32.19 -26.63 -3.12
N TYR D 22 32.25 -27.68 -3.94
CA TYR D 22 32.21 -29.06 -3.46
C TYR D 22 33.36 -29.85 -4.10
N GLY D 23 33.79 -30.92 -3.44
CA GLY D 23 34.93 -31.69 -3.94
C GLY D 23 35.18 -33.06 -3.33
N PHE D 24 36.30 -33.66 -3.73
CA PHE D 24 36.70 -35.00 -3.29
C PHE D 24 38.05 -34.97 -2.60
N ARG D 25 38.14 -35.65 -1.46
CA ARG D 25 39.42 -35.86 -0.78
C ARG D 25 39.68 -37.34 -0.63
N HIS D 26 40.68 -37.85 -1.37
CA HIS D 26 40.98 -39.28 -1.38
C HIS D 26 42.19 -39.62 -0.51
N GLN D 27 42.26 -40.88 -0.11
CA GLN D 27 43.38 -41.38 0.69
C GLN D 27 43.73 -42.78 0.20
N ASN D 28 44.97 -42.95 -0.29
CA ASN D 28 45.47 -44.26 -0.71
C ASN D 28 46.94 -44.46 -0.36
N ALA D 29 47.59 -45.42 -1.03
CA ALA D 29 49.00 -45.74 -0.79
C ALA D 29 49.95 -44.66 -1.32
N GLN D 30 49.46 -43.86 -2.26
CA GLN D 30 50.26 -42.81 -2.90
C GLN D 30 50.18 -41.46 -2.17
N GLY D 31 49.36 -41.39 -1.12
CA GLY D 31 49.16 -40.16 -0.37
C GLY D 31 47.79 -39.55 -0.64
N GLU D 32 47.46 -38.49 0.11
CA GLU D 32 46.15 -37.85 -0.05
C GLU D 32 46.15 -36.77 -1.15
N GLY D 33 44.94 -36.39 -1.58
CA GLY D 33 44.77 -35.37 -2.61
C GLY D 33 43.35 -34.83 -2.62
N THR D 34 43.20 -33.59 -3.10
CA THR D 34 41.89 -32.92 -3.11
C THR D 34 41.61 -32.29 -4.46
N ALA D 35 40.39 -32.49 -4.96
CA ALA D 35 39.95 -31.95 -6.25
C ALA D 35 38.49 -31.51 -6.20
N ALA D 36 38.19 -30.40 -6.86
CA ALA D 36 36.83 -29.85 -6.90
C ALA D 36 35.98 -30.51 -7.98
N ASP D 37 34.68 -30.61 -7.72
CA ASP D 37 33.72 -31.13 -8.69
C ASP D 37 33.03 -29.97 -9.41
N TYR D 38 33.23 -29.89 -10.73
CA TYR D 38 32.72 -28.78 -11.53
C TYR D 38 31.20 -28.73 -11.62
N LYS D 39 30.58 -29.90 -11.83
CA LYS D 39 29.14 -30.00 -12.10
C LYS D 39 28.26 -29.51 -10.96
N SER D 40 28.55 -29.95 -9.74
CA SER D 40 27.77 -29.56 -8.55
C SER D 40 28.00 -28.10 -8.16
N THR D 41 29.24 -27.65 -8.31
CA THR D 41 29.63 -26.27 -8.02
C THR D 41 28.93 -25.29 -8.96
N GLN D 42 28.92 -25.61 -10.25
CA GLN D 42 28.30 -24.75 -11.26
C GLN D 42 26.79 -24.67 -11.10
N SER D 43 26.17 -25.79 -10.75
CA SER D 43 24.72 -25.86 -10.52
C SER D 43 24.30 -24.94 -9.37
N ALA D 44 25.11 -24.90 -8.32
CA ALA D 44 24.86 -24.04 -7.17
C ALA D 44 25.06 -22.56 -7.48
N ILE D 45 26.13 -22.24 -8.22
CA ILE D 45 26.44 -20.86 -8.58
C ILE D 45 25.38 -20.24 -9.51
N ASP D 46 24.89 -21.03 -10.47
CA ASP D 46 23.87 -20.59 -11.41
C ASP D 46 22.57 -20.22 -10.72
N GLN D 47 22.22 -20.96 -9.67
CA GLN D 47 20.99 -20.73 -8.91
C GLN D 47 21.06 -19.44 -8.09
N ILE D 48 22.22 -19.18 -7.51
CA ILE D 48 22.46 -17.93 -6.78
C ILE D 48 22.51 -16.75 -7.76
N THR D 49 23.13 -16.95 -8.92
CA THR D 49 23.16 -15.95 -9.98
C THR D 49 21.75 -15.59 -10.45
N GLY D 50 20.87 -16.60 -10.50
CA GLY D 50 19.47 -16.41 -10.85
C GLY D 50 18.70 -15.49 -9.91
N LYS D 51 18.97 -15.64 -8.61
CA LYS D 51 18.39 -14.77 -7.59
C LYS D 51 18.86 -13.33 -7.76
N LEU D 52 20.14 -13.16 -8.10
CA LEU D 52 20.74 -11.85 -8.30
C LEU D 52 20.22 -11.17 -9.56
N ASN D 53 19.94 -11.96 -10.59
CA ASN D 53 19.33 -11.46 -11.83
C ASN D 53 17.92 -10.91 -11.59
N ARG D 54 17.24 -11.46 -10.59
CA ARG D 54 15.88 -11.05 -10.25
C ARG D 54 15.83 -9.76 -9.45
N LEU D 55 16.72 -9.63 -8.47
CA LEU D 55 16.68 -8.50 -7.52
C LEU D 55 17.49 -7.28 -7.96
N ILE D 56 18.63 -7.53 -8.62
CA ILE D 56 19.53 -6.44 -9.02
C ILE D 56 19.24 -5.99 -10.45
N GLY D 57 19.19 -4.67 -10.66
CA GLY D 57 19.05 -4.08 -11.98
C GLY D 57 17.62 -3.97 -12.49
N LYS D 58 16.68 -3.85 -11.57
CA LYS D 58 15.26 -3.71 -11.90
C LYS D 58 14.96 -2.35 -12.52
N THR D 59 13.93 -2.30 -13.36
CA THR D 59 13.44 -1.07 -13.95
C THR D 59 12.31 -0.52 -13.07
N ASN D 60 12.58 0.58 -12.38
CA ASN D 60 11.61 1.19 -11.48
C ASN D 60 10.70 2.19 -12.18
N GLN D 61 9.50 2.38 -11.64
CA GLN D 61 8.52 3.31 -12.22
C GLN D 61 8.70 4.73 -11.69
N GLN D 62 8.27 5.71 -12.49
CA GLN D 62 8.48 7.11 -12.17
C GLN D 62 7.48 7.64 -11.14
N PHE D 63 8.00 8.38 -10.16
CA PHE D 63 7.17 9.13 -9.21
C PHE D 63 7.54 10.61 -9.22
N GLU D 64 6.56 11.47 -8.95
CA GLU D 64 6.75 12.92 -8.97
C GLU D 64 6.54 13.51 -7.59
N LEU D 65 6.86 14.80 -7.45
CA LEU D 65 6.58 15.56 -6.23
C LEU D 65 5.08 15.73 -6.00
N ILE D 66 4.64 15.52 -4.76
CA ILE D 66 3.24 15.75 -4.39
C ILE D 66 3.10 16.76 -3.24
N ASP D 67 4.21 17.03 -2.55
CA ASP D 67 4.27 18.10 -1.55
C ASP D 67 5.42 19.07 -1.82
N ASN D 68 5.64 20.01 -0.89
CA ASN D 68 6.56 21.12 -1.11
C ASN D 68 7.43 21.40 0.12
N GLU D 69 8.74 21.47 -0.11
CA GLU D 69 9.72 21.73 0.97
C GLU D 69 9.86 23.21 1.29
N PHE D 70 9.68 24.06 0.28
CA PHE D 70 9.92 25.49 0.43
C PHE D 70 8.66 26.26 0.83
N ASN D 71 7.52 25.81 0.30
CA ASN D 71 6.24 26.46 0.54
C ASN D 71 5.21 25.42 0.94
N GLU D 72 4.96 25.32 2.25
CA GLU D 72 4.09 24.28 2.81
C GLU D 72 2.69 24.26 2.20
N ILE D 73 2.24 23.07 1.82
CA ILE D 73 0.91 22.85 1.24
C ILE D 73 -0.17 22.88 2.32
N GLU D 74 -1.44 22.90 1.91
CA GLU D 74 -2.56 22.92 2.87
C GLU D 74 -2.48 21.73 3.85
N GLN D 75 -2.74 22.02 5.11
CA GLN D 75 -2.42 21.12 6.23
C GLN D 75 -3.12 19.75 6.21
N GLN D 76 -4.36 19.72 5.74
CA GLN D 76 -5.14 18.48 5.70
C GLN D 76 -4.59 17.49 4.66
N ILE D 77 -4.23 18.01 3.49
CA ILE D 77 -3.63 17.21 2.42
C ILE D 77 -2.25 16.70 2.83
N GLY D 78 -1.47 17.58 3.46
CA GLY D 78 -0.14 17.24 3.97
C GLY D 78 -0.13 16.08 4.96
N ASN D 79 -1.11 16.07 5.86
CA ASN D 79 -1.23 14.99 6.84
C ASN D 79 -1.65 13.65 6.24
N VAL D 80 -2.44 13.71 5.17
CA VAL D 80 -2.85 12.51 4.43
C VAL D 80 -1.66 11.92 3.66
N ILE D 81 -0.86 12.78 3.06
CA ILE D 81 0.35 12.36 2.34
C ILE D 81 1.34 11.67 3.29
N ASN D 82 1.59 12.31 4.44
CA ASN D 82 2.52 11.78 5.45
C ASN D 82 2.06 10.44 6.01
N TRP D 83 0.75 10.32 6.21
CA TRP D 83 0.12 9.09 6.70
C TRP D 83 0.23 7.98 5.66
N THR D 84 0.14 8.35 4.38
CA THR D 84 0.24 7.40 3.27
C THR D 84 1.68 6.94 3.07
N ARG D 85 2.60 7.90 2.95
CA ARG D 85 4.01 7.62 2.67
C ARG D 85 4.63 6.71 3.74
N ASP D 86 4.33 6.99 5.00
CA ASP D 86 4.86 6.19 6.12
C ASP D 86 4.26 4.79 6.18
N ALA D 87 3.01 4.65 5.77
CA ALA D 87 2.37 3.35 5.67
C ALA D 87 2.98 2.53 4.53
N MET D 88 3.38 3.21 3.46
CA MET D 88 4.09 2.60 2.34
C MET D 88 5.48 2.12 2.75
N THR D 89 6.13 2.90 3.61
CA THR D 89 7.44 2.58 4.14
C THR D 89 7.41 1.29 4.96
N GLU D 90 6.38 1.17 5.81
CA GLU D 90 6.24 -0.01 6.67
C GLU D 90 6.01 -1.29 5.88
N ILE D 91 5.24 -1.19 4.80
CA ILE D 91 4.95 -2.33 3.94
C ILE D 91 6.23 -2.79 3.22
N TRP D 92 6.95 -1.84 2.63
CA TRP D 92 8.19 -2.16 1.91
C TRP D 92 9.30 -2.64 2.84
N SER D 93 9.37 -2.07 4.03
CA SER D 93 10.31 -2.53 5.05
C SER D 93 10.01 -3.98 5.44
N TYR D 94 8.73 -4.27 5.64
CA TYR D 94 8.28 -5.64 5.92
C TYR D 94 8.64 -6.58 4.78
N ASN D 95 8.30 -6.18 3.55
CA ASN D 95 8.57 -6.99 2.36
C ASN D 95 10.04 -7.30 2.16
N ALA D 96 10.88 -6.28 2.33
CA ALA D 96 12.33 -6.40 2.13
C ALA D 96 12.97 -7.37 3.13
N GLU D 97 12.57 -7.27 4.40
CA GLU D 97 13.13 -8.12 5.45
C GLU D 97 12.66 -9.56 5.30
N LEU D 98 11.42 -9.75 4.87
CA LEU D 98 10.86 -11.08 4.64
C LEU D 98 11.49 -11.75 3.42
N LEU D 99 11.66 -10.98 2.35
CA LEU D 99 12.29 -11.45 1.12
C LEU D 99 13.70 -11.99 1.39
N VAL D 100 14.50 -11.19 2.08
CA VAL D 100 15.88 -11.56 2.42
C VAL D 100 15.91 -12.82 3.28
N ALA D 101 15.07 -12.84 4.33
CA ALA D 101 14.99 -13.99 5.23
C ALA D 101 14.57 -15.26 4.49
N MET D 102 13.57 -15.12 3.62
CA MET D 102 13.05 -16.24 2.85
C MET D 102 14.07 -16.77 1.85
N GLU D 103 14.70 -15.86 1.10
CA GLU D 103 15.71 -16.23 0.11
C GLU D 103 16.93 -16.87 0.75
N ASN D 104 17.37 -16.32 1.88
CA ASN D 104 18.50 -16.87 2.62
C ASN D 104 18.24 -18.29 3.11
N GLN D 105 17.01 -18.56 3.55
CA GLN D 105 16.60 -19.88 4.00
C GLN D 105 16.68 -20.87 2.83
N HIS D 106 16.24 -20.42 1.66
CA HIS D 106 16.26 -21.24 0.46
C HIS D 106 17.67 -21.49 -0.05
N THR D 107 18.51 -20.44 -0.04
CA THR D 107 19.89 -20.51 -0.52
C THR D 107 20.72 -21.53 0.28
N ILE D 108 20.55 -21.53 1.59
CA ILE D 108 21.25 -22.47 2.47
C ILE D 108 20.80 -23.91 2.23
N ASP D 109 19.49 -24.13 2.13
CA ASP D 109 18.91 -25.43 1.81
C ASP D 109 19.28 -25.90 0.40
N LEU D 110 19.40 -24.93 -0.51
CA LEU D 110 19.81 -25.16 -1.90
C LEU D 110 21.23 -25.74 -1.98
N ALA D 111 22.15 -25.12 -1.26
CA ALA D 111 23.55 -25.56 -1.25
C ALA D 111 23.73 -26.88 -0.51
N ASP D 112 22.93 -27.08 0.53
CA ASP D 112 22.88 -28.34 1.27
C ASP D 112 22.36 -29.47 0.37
N SER D 113 21.43 -29.12 -0.51
CA SER D 113 20.85 -30.06 -1.48
C SER D 113 21.88 -30.58 -2.47
N GLU D 114 22.64 -29.66 -3.08
CA GLU D 114 23.66 -30.01 -4.07
C GLU D 114 24.74 -30.92 -3.49
N MET D 115 25.06 -30.73 -2.21
CA MET D 115 26.02 -31.57 -1.51
C MET D 115 25.48 -33.00 -1.37
N SER D 116 24.19 -33.11 -1.04
CA SER D 116 23.53 -34.40 -0.90
C SER D 116 23.43 -35.14 -2.23
N LYS D 117 23.10 -34.41 -3.29
CA LYS D 117 23.03 -34.97 -4.65
C LYS D 117 24.34 -35.59 -5.08
N LEU D 118 25.44 -34.89 -4.83
CA LEU D 118 26.79 -35.35 -5.17
C LEU D 118 27.17 -36.58 -4.35
N TYR D 119 26.86 -36.54 -3.06
CA TYR D 119 27.12 -37.66 -2.16
C TYR D 119 26.37 -38.92 -2.59
N GLU D 120 25.11 -38.74 -3.01
CA GLU D 120 24.30 -39.86 -3.47
C GLU D 120 24.76 -40.40 -4.83
N ARG D 121 25.26 -39.51 -5.69
CA ARG D 121 25.80 -39.93 -6.99
C ARG D 121 26.95 -40.92 -6.80
N VAL D 122 27.88 -40.58 -5.91
CA VAL D 122 29.05 -41.41 -5.62
C VAL D 122 28.63 -42.74 -4.97
N LYS D 123 27.59 -42.70 -4.13
CA LYS D 123 27.09 -43.91 -3.48
C LYS D 123 26.58 -44.94 -4.47
N LYS D 124 25.78 -44.48 -5.44
CA LYS D 124 25.25 -45.33 -6.51
C LYS D 124 26.34 -45.74 -7.50
N GLN D 125 27.36 -44.90 -7.62
CA GLN D 125 28.49 -45.13 -8.50
C GLN D 125 29.34 -46.30 -8.02
N LEU D 126 29.53 -46.39 -6.70
CA LEU D 126 30.44 -47.37 -6.10
C LEU D 126 29.78 -48.73 -5.84
N ARG D 127 28.46 -48.79 -5.89
CA ARG D 127 27.69 -50.04 -5.78
C ARG D 127 28.03 -50.84 -4.51
N GLU D 128 28.57 -52.04 -4.69
CA GLU D 128 28.91 -52.94 -3.58
C GLU D 128 30.40 -52.93 -3.24
N ASN D 129 31.14 -52.01 -3.86
CA ASN D 129 32.60 -51.93 -3.68
C ASN D 129 33.02 -51.05 -2.51
N ALA D 130 32.06 -50.35 -1.92
CA ALA D 130 32.34 -49.40 -0.85
C ALA D 130 31.23 -49.34 0.19
N GLU D 131 31.62 -48.96 1.41
CA GLU D 131 30.67 -48.72 2.49
C GLU D 131 30.85 -47.30 3.02
N GLU D 132 29.74 -46.63 3.32
CA GLU D 132 29.78 -45.29 3.90
C GLU D 132 30.04 -45.36 5.41
N ASP D 133 30.95 -44.51 5.89
CA ASP D 133 31.35 -44.52 7.30
C ASP D 133 30.46 -43.66 8.20
N GLY D 134 29.72 -42.74 7.59
CA GLY D 134 28.80 -41.87 8.32
C GLY D 134 29.26 -40.43 8.47
N THR D 135 30.50 -40.16 8.07
CA THR D 135 31.08 -38.81 8.18
C THR D 135 31.13 -38.11 6.83
N GLY D 136 30.75 -38.84 5.78
CA GLY D 136 30.79 -38.33 4.41
C GLY D 136 31.83 -39.04 3.55
N CYS D 137 32.53 -40.00 4.14
CA CYS D 137 33.56 -40.78 3.44
C CYS D 137 33.05 -42.13 2.97
N PHE D 138 33.65 -42.64 1.88
CA PHE D 138 33.38 -43.98 1.39
C PHE D 138 34.62 -44.85 1.55
N GLU D 139 34.50 -45.94 2.31
CA GLU D 139 35.60 -46.89 2.47
C GLU D 139 35.62 -47.85 1.30
N ILE D 140 36.64 -47.72 0.45
CA ILE D 140 36.80 -48.58 -0.72
C ILE D 140 37.47 -49.89 -0.29
N PHE D 141 36.82 -51.01 -0.62
CA PHE D 141 37.31 -52.33 -0.23
C PHE D 141 38.22 -52.99 -1.28
N HIS D 142 38.89 -52.15 -2.06
CA HIS D 142 39.89 -52.61 -3.03
C HIS D 142 40.99 -51.57 -3.20
N LYS D 143 42.07 -51.95 -3.86
CA LYS D 143 43.16 -51.02 -4.13
C LYS D 143 42.77 -50.06 -5.26
N CYS D 144 42.72 -48.78 -4.92
CA CYS D 144 42.27 -47.73 -5.83
C CYS D 144 43.30 -46.61 -5.92
N ASP D 145 44.17 -46.70 -6.93
CA ASP D 145 45.24 -45.72 -7.14
C ASP D 145 44.72 -44.35 -7.62
N ASP D 146 45.65 -43.43 -7.90
CA ASP D 146 45.30 -42.08 -8.33
C ASP D 146 44.45 -42.02 -9.60
N GLN D 147 44.73 -42.93 -10.55
CA GLN D 147 43.93 -43.06 -11.77
C GLN D 147 42.55 -43.63 -11.48
N CYS D 148 42.47 -44.56 -10.52
CA CYS D 148 41.22 -45.14 -10.08
C CYS D 148 40.35 -44.10 -9.36
N MET D 149 40.99 -43.28 -8.52
CA MET D 149 40.32 -42.17 -7.86
C MET D 149 39.83 -41.14 -8.89
N GLU D 150 40.62 -40.97 -9.95
CA GLU D 150 40.25 -40.14 -11.10
C GLU D 150 38.94 -40.61 -11.73
N SER D 151 38.80 -41.93 -11.90
CA SER D 151 37.63 -42.52 -12.56
C SER D 151 36.33 -42.31 -11.77
N ILE D 152 36.44 -42.23 -10.45
CA ILE D 152 35.28 -41.94 -9.59
C ILE D 152 34.84 -40.48 -9.76
N ARG D 153 35.81 -39.56 -9.70
CA ARG D 153 35.54 -38.13 -9.88
C ARG D 153 35.05 -37.82 -11.30
N ASN D 154 35.67 -38.46 -12.29
CA ASN D 154 35.36 -38.26 -13.70
C ASN D 154 34.05 -38.93 -14.13
N ASN D 155 33.51 -39.78 -13.25
CA ASN D 155 32.29 -40.57 -13.50
C ASN D 155 32.49 -41.65 -14.57
N THR D 156 33.67 -42.25 -14.59
CA THR D 156 34.01 -43.32 -15.53
C THR D 156 34.44 -44.60 -14.78
N TYR D 157 34.06 -44.69 -13.51
CA TYR D 157 34.38 -45.83 -12.67
C TYR D 157 33.52 -47.04 -13.05
N ASP D 158 34.19 -48.15 -13.35
CA ASP D 158 33.52 -49.40 -13.67
C ASP D 158 33.59 -50.33 -12.46
N HIS D 159 32.44 -50.53 -11.80
CA HIS D 159 32.37 -51.32 -10.58
C HIS D 159 32.63 -52.81 -10.81
N THR D 160 32.40 -53.28 -12.04
CA THR D 160 32.60 -54.68 -12.43
C THR D 160 34.07 -55.10 -12.31
N GLN D 161 34.96 -54.16 -12.60
CA GLN D 161 36.40 -54.39 -12.60
C GLN D 161 36.92 -54.79 -11.21
N TYR D 162 36.30 -54.23 -10.17
CA TYR D 162 36.80 -54.40 -8.80
C TYR D 162 35.84 -55.18 -7.89
N ARG D 163 34.71 -55.62 -8.44
CA ARG D 163 33.63 -56.24 -7.65
C ARG D 163 34.05 -57.50 -6.89
N THR D 164 34.74 -58.41 -7.58
CA THR D 164 35.17 -59.67 -6.97
C THR D 164 36.14 -59.43 -5.80
N GLU D 165 37.14 -58.59 -6.04
CA GLU D 165 38.13 -58.23 -5.01
C GLU D 165 37.48 -57.60 -3.78
N SER D 166 36.54 -56.68 -4.00
CA SER D 166 35.90 -55.95 -2.91
C SER D 166 34.90 -56.79 -2.10
N LEU D 167 34.18 -57.68 -2.78
CA LEU D 167 33.25 -58.60 -2.11
C LEU D 167 33.98 -59.61 -1.22
N GLN D 168 35.17 -60.03 -1.64
CA GLN D 168 36.01 -60.92 -0.82
C GLN D 168 36.45 -60.24 0.48
N ASN D 169 36.79 -58.96 0.37
CA ASN D 169 37.27 -58.18 1.52
C ASN D 169 36.17 -57.78 2.50
N ARG D 170 34.96 -57.55 1.98
CA ARG D 170 33.82 -57.14 2.80
C ARG D 170 33.29 -58.27 3.69
N ILE D 171 33.47 -59.51 3.24
CA ILE D 171 32.93 -60.68 3.95
C ILE D 171 33.85 -61.17 5.08
N GLN D 172 35.14 -61.30 4.81
CA GLN D 172 36.08 -61.78 5.82
C GLN D 172 36.55 -60.66 6.75
N GLY E 4 19.33 -59.75 -17.98
CA GLY E 4 18.87 -59.66 -16.56
C GLY E 4 17.64 -58.80 -16.40
N ASP E 5 16.71 -59.24 -15.56
CA ASP E 5 15.45 -58.53 -15.32
C ASP E 5 15.69 -57.24 -14.52
N LYS E 6 14.98 -56.19 -14.89
CA LYS E 6 15.07 -54.92 -14.18
C LYS E 6 13.77 -54.12 -14.20
N ILE E 7 13.58 -53.29 -13.17
CA ILE E 7 12.40 -52.42 -13.07
C ILE E 7 12.85 -50.96 -12.95
N CYS E 8 12.41 -50.14 -13.90
CA CYS E 8 12.82 -48.74 -13.97
C CYS E 8 11.71 -47.79 -13.56
N LEU E 9 12.06 -46.77 -12.78
CA LEU E 9 11.10 -45.76 -12.35
C LEU E 9 11.33 -44.46 -13.10
N GLY E 10 10.22 -43.81 -13.45
CA GLY E 10 10.28 -42.57 -14.20
C GLY E 10 9.00 -41.76 -14.15
N HIS E 11 9.02 -40.62 -14.82
CA HIS E 11 7.91 -39.69 -14.84
C HIS E 11 7.49 -39.40 -16.27
N HIS E 12 6.35 -38.72 -16.44
CA HIS E 12 5.85 -38.38 -17.76
C HIS E 12 6.47 -37.09 -18.29
N ALA E 13 6.35 -36.86 -19.59
CA ALA E 13 6.85 -35.65 -20.23
C ALA E 13 6.08 -35.36 -21.52
N VAL E 14 6.16 -34.11 -21.97
CA VAL E 14 5.59 -33.72 -23.26
C VAL E 14 6.67 -33.23 -24.21
N ALA E 15 6.44 -33.35 -25.51
CA ALA E 15 7.39 -32.91 -26.54
C ALA E 15 7.54 -31.38 -26.53
N ASN E 16 6.44 -30.68 -26.27
CA ASN E 16 6.41 -29.22 -26.29
C ASN E 16 5.84 -28.67 -24.98
N GLY E 17 6.73 -28.26 -24.09
CA GLY E 17 6.33 -27.76 -22.77
C GLY E 17 6.13 -26.25 -22.70
N THR E 18 5.75 -25.77 -21.52
CA THR E 18 5.50 -24.35 -21.27
C THR E 18 6.59 -23.74 -20.38
N LYS E 19 7.16 -22.62 -20.82
CA LYS E 19 8.23 -21.95 -20.09
C LYS E 19 7.67 -21.04 -19.00
N VAL E 20 8.21 -21.18 -17.79
CA VAL E 20 7.78 -20.37 -16.63
C VAL E 20 9.00 -19.81 -15.87
N ASN E 21 8.72 -18.96 -14.88
CA ASN E 21 9.78 -18.36 -14.07
C ASN E 21 9.75 -18.84 -12.63
N THR E 22 10.94 -19.05 -12.06
CA THR E 22 11.10 -19.40 -10.66
C THR E 22 11.98 -18.37 -9.93
N LEU E 23 12.25 -18.60 -8.66
CA LEU E 23 13.16 -17.77 -7.87
C LEU E 23 14.61 -17.94 -8.35
N THR E 24 14.86 -19.06 -9.02
CA THR E 24 16.19 -19.50 -9.39
C THR E 24 16.48 -19.31 -10.89
N GLU E 25 15.44 -19.41 -11.71
CA GLU E 25 15.62 -19.48 -13.16
C GLU E 25 14.54 -18.73 -13.94
N ARG E 26 14.92 -18.25 -15.12
CA ARG E 26 14.00 -17.63 -16.05
C ARG E 26 13.81 -18.51 -17.28
N GLY E 27 12.55 -18.81 -17.62
CA GLY E 27 12.22 -19.60 -18.80
C GLY E 27 12.48 -21.08 -18.66
N ILE E 28 12.18 -21.64 -17.48
CA ILE E 28 12.31 -23.08 -17.25
C ILE E 28 11.06 -23.79 -17.77
N GLU E 29 11.27 -24.92 -18.44
CA GLU E 29 10.19 -25.66 -19.10
C GLU E 29 9.48 -26.64 -18.16
N VAL E 30 8.18 -26.45 -17.99
CA VAL E 30 7.33 -27.35 -17.21
C VAL E 30 6.24 -27.98 -18.09
N VAL E 31 5.69 -29.10 -17.63
CA VAL E 31 4.67 -29.85 -18.37
C VAL E 31 3.43 -29.01 -18.67
N ASN E 32 2.90 -28.35 -17.64
CA ASN E 32 1.70 -27.53 -17.79
C ASN E 32 1.73 -26.27 -16.92
N ALA E 33 1.07 -25.23 -17.39
CA ALA E 33 0.97 -23.95 -16.67
C ALA E 33 -0.36 -23.25 -16.96
N THR E 34 -0.78 -22.40 -16.03
CA THR E 34 -2.01 -21.64 -16.19
C THR E 34 -1.80 -20.14 -15.88
N GLU E 35 -2.53 -19.29 -16.59
CA GLU E 35 -2.37 -17.84 -16.47
C GLU E 35 -3.04 -17.31 -15.19
N THR E 36 -2.40 -16.33 -14.55
CA THR E 36 -2.94 -15.71 -13.34
C THR E 36 -3.31 -14.23 -13.56
N VAL E 37 -2.92 -13.69 -14.72
CA VAL E 37 -3.20 -12.30 -15.05
C VAL E 37 -4.25 -12.21 -16.16
N GLU E 38 -5.37 -11.55 -15.85
CA GLU E 38 -6.46 -11.37 -16.81
C GLU E 38 -6.17 -10.24 -17.79
N THR E 39 -6.34 -10.53 -19.08
CA THR E 39 -6.12 -9.55 -20.15
C THR E 39 -7.32 -9.41 -21.08
N THR E 40 -8.31 -10.30 -20.93
CA THR E 40 -9.51 -10.29 -21.78
C THR E 40 -10.57 -9.36 -21.21
N ASN E 41 -10.78 -8.25 -21.92
CA ASN E 41 -11.75 -7.25 -21.53
C ASN E 41 -13.07 -7.44 -22.28
N ILE E 42 -14.17 -7.11 -21.62
CA ILE E 42 -15.48 -7.04 -22.28
C ILE E 42 -15.87 -5.57 -22.45
N LYS E 43 -15.97 -5.13 -23.70
CA LYS E 43 -16.21 -3.72 -24.02
C LYS E 43 -17.67 -3.31 -23.83
N LYS E 44 -18.23 -3.73 -22.69
CA LYS E 44 -19.61 -3.44 -22.32
C LYS E 44 -19.72 -3.26 -20.81
N ILE E 45 -20.80 -2.61 -20.37
CA ILE E 45 -21.14 -2.56 -18.96
C ILE E 45 -22.13 -3.70 -18.69
N CYS E 46 -21.66 -4.74 -18.00
CA CYS E 46 -22.46 -5.94 -17.73
C CYS E 46 -23.47 -5.71 -16.62
N THR E 47 -24.76 -5.81 -16.97
CA THR E 47 -25.84 -5.40 -16.07
C THR E 47 -26.79 -6.52 -15.63
N GLN E 48 -26.49 -7.76 -16.02
CA GLN E 48 -27.32 -8.91 -15.64
C GLN E 48 -27.34 -9.09 -14.13
N GLY E 49 -28.55 -9.25 -13.58
CA GLY E 49 -28.75 -9.39 -12.13
C GLY E 49 -28.66 -8.09 -11.37
N LYS E 50 -28.60 -6.98 -12.09
CA LYS E 50 -28.51 -5.65 -11.49
C LYS E 50 -29.62 -4.73 -11.97
N ARG E 51 -29.77 -3.59 -11.30
CA ARG E 51 -30.74 -2.57 -11.70
C ARG E 51 -29.97 -1.31 -12.11
N PRO E 52 -29.63 -1.21 -13.41
CA PRO E 52 -28.80 -0.11 -13.90
C PRO E 52 -29.57 1.16 -14.26
N THR E 53 -28.91 2.30 -14.10
CA THR E 53 -29.43 3.58 -14.55
C THR E 53 -28.38 4.27 -15.42
N ASP E 54 -28.63 4.29 -16.73
CA ASP E 54 -27.78 5.01 -17.67
C ASP E 54 -28.28 6.44 -17.78
N LEU E 55 -27.57 7.36 -17.11
CA LEU E 55 -27.98 8.76 -17.02
C LEU E 55 -27.89 9.52 -18.35
N GLY E 56 -26.98 9.07 -19.23
CA GLY E 56 -26.84 9.64 -20.57
C GLY E 56 -26.56 11.14 -20.57
N GLN E 57 -27.49 11.90 -21.14
CA GLN E 57 -27.38 13.35 -21.24
C GLN E 57 -27.62 14.07 -19.90
N CYS E 58 -28.15 13.34 -18.93
CA CYS E 58 -28.40 13.88 -17.59
C CYS E 58 -27.15 13.81 -16.73
N GLY E 59 -26.76 14.96 -16.18
CA GLY E 59 -25.70 15.01 -15.19
C GLY E 59 -26.24 14.58 -13.84
N LEU E 60 -25.43 13.85 -13.07
CA LEU E 60 -25.87 13.28 -11.80
C LEU E 60 -26.46 14.30 -10.82
N LEU E 61 -25.85 15.48 -10.74
CA LEU E 61 -26.33 16.54 -9.87
C LEU E 61 -27.65 17.16 -10.36
N GLY E 62 -27.90 17.02 -11.66
CA GLY E 62 -29.15 17.49 -12.26
C GLY E 62 -30.40 16.77 -11.77
N THR E 63 -30.23 15.55 -11.27
CA THR E 63 -31.34 14.75 -10.74
C THR E 63 -32.00 15.40 -9.52
N LEU E 64 -31.27 16.33 -8.88
CA LEU E 64 -31.73 17.01 -7.67
C LEU E 64 -32.53 18.27 -7.97
N ILE E 65 -32.12 19.02 -9.00
CA ILE E 65 -32.75 20.30 -9.32
C ILE E 65 -33.70 20.21 -10.52
N GLY E 66 -33.35 19.38 -11.49
CA GLY E 66 -34.24 19.04 -12.60
C GLY E 66 -34.22 19.92 -13.84
N PRO E 67 -33.07 19.98 -14.54
CA PRO E 67 -33.10 20.55 -15.89
C PRO E 67 -33.79 19.57 -16.85
N PRO E 68 -34.27 20.05 -18.02
CA PRO E 68 -35.00 19.19 -18.98
C PRO E 68 -34.35 17.82 -19.24
N GLN E 69 -33.02 17.76 -19.24
CA GLN E 69 -32.28 16.53 -19.50
C GLN E 69 -32.46 15.47 -18.40
N CYS E 70 -32.85 15.91 -17.21
CA CYS E 70 -32.94 15.05 -16.04
C CYS E 70 -34.37 14.82 -15.53
N ASP E 71 -35.36 15.14 -16.37
CA ASP E 71 -36.77 14.97 -16.02
C ASP E 71 -37.15 13.51 -15.73
N GLN E 72 -36.60 12.57 -16.50
CA GLN E 72 -36.91 11.16 -16.34
C GLN E 72 -36.14 10.51 -15.19
N PHE E 73 -35.19 11.23 -14.62
CA PHE E 73 -34.38 10.73 -13.50
C PHE E 73 -34.56 11.54 -12.22
N LEU E 74 -35.68 12.26 -12.11
CA LEU E 74 -35.99 13.03 -10.90
C LEU E 74 -36.14 12.11 -9.70
N GLU E 75 -36.73 10.94 -9.94
CA GLU E 75 -36.77 9.86 -8.96
C GLU E 75 -36.35 8.59 -9.69
N PHE E 76 -35.42 7.85 -9.08
CA PHE E 76 -34.94 6.60 -9.65
C PHE E 76 -34.43 5.65 -8.58
N SER E 77 -34.40 4.36 -8.91
CA SER E 77 -33.92 3.32 -8.02
C SER E 77 -32.91 2.46 -8.77
N SER E 78 -31.73 2.30 -8.18
CA SER E 78 -30.63 1.64 -8.87
C SER E 78 -29.59 1.06 -7.91
N ASP E 79 -28.85 0.06 -8.38
CA ASP E 79 -27.68 -0.45 -7.67
C ASP E 79 -26.40 -0.22 -8.48
N LEU E 80 -26.58 0.36 -9.68
CA LEU E 80 -25.47 0.68 -10.57
C LEU E 80 -25.78 1.93 -11.39
N ILE E 81 -25.16 3.04 -11.02
CA ILE E 81 -25.38 4.33 -11.70
C ILE E 81 -24.22 4.63 -12.66
N ILE E 82 -24.56 4.79 -13.94
CA ILE E 82 -23.55 5.03 -14.99
C ILE E 82 -23.58 6.49 -15.48
N GLU E 83 -22.46 7.19 -15.24
CA GLU E 83 -22.29 8.56 -15.75
C GLU E 83 -21.68 8.54 -17.14
N ARG E 84 -22.13 9.46 -17.98
CA ARG E 84 -21.62 9.59 -19.35
C ARG E 84 -20.99 10.96 -19.58
N ARG E 85 -20.04 11.02 -20.52
CA ARG E 85 -19.31 12.24 -20.85
C ARG E 85 -20.21 13.42 -21.25
N GLU E 86 -21.33 13.11 -21.91
CA GLU E 86 -22.24 14.14 -22.42
C GLU E 86 -23.27 14.65 -21.39
N GLY E 87 -23.16 14.15 -20.15
CA GLY E 87 -24.05 14.58 -19.07
C GLY E 87 -23.78 15.98 -18.57
N THR E 88 -24.64 16.90 -18.36
CA THR E 88 -24.58 18.26 -17.80
C THR E 88 -25.60 18.46 -16.67
N ASP E 89 -25.32 19.16 -15.69
CA ASP E 89 -26.08 19.37 -14.45
C ASP E 89 -27.04 20.54 -14.51
N ILE E 90 -26.74 21.51 -15.38
CA ILE E 90 -27.48 22.76 -15.43
C ILE E 90 -27.96 23.12 -16.83
N CYS E 91 -28.97 23.98 -16.90
CA CYS E 91 -29.39 24.60 -18.15
C CYS E 91 -29.07 26.09 -18.14
N TYR E 92 -29.35 26.74 -17.01
CA TYR E 92 -28.97 28.13 -16.77
C TYR E 92 -27.57 28.15 -16.16
N PRO E 93 -26.69 29.09 -16.60
CA PRO E 93 -25.32 29.18 -16.07
C PRO E 93 -25.26 29.23 -14.54
N GLY E 94 -24.25 28.57 -13.97
CA GLY E 94 -24.11 28.45 -12.52
C GLY E 94 -23.45 27.13 -12.12
N ARG E 95 -23.11 27.01 -10.83
CA ARG E 95 -22.44 25.80 -10.34
C ARG E 95 -22.95 25.36 -8.96
N PHE E 96 -22.64 24.11 -8.60
CA PHE E 96 -22.88 23.59 -7.26
C PHE E 96 -21.67 23.85 -6.38
N THR E 97 -21.92 24.17 -5.11
CA THR E 97 -20.86 24.26 -4.10
C THR E 97 -20.45 22.84 -3.71
N ASN E 98 -19.15 22.61 -3.60
CA ASN E 98 -18.58 21.28 -3.31
C ASN E 98 -19.23 20.18 -4.16
N GLU E 99 -19.12 20.35 -5.48
CA GLU E 99 -19.83 19.50 -6.44
C GLU E 99 -19.41 18.02 -6.42
N GLU E 100 -18.11 17.77 -6.27
CA GLU E 100 -17.60 16.40 -6.29
C GLU E 100 -18.00 15.61 -5.05
N SER E 101 -18.01 16.28 -3.90
CA SER E 101 -18.47 15.68 -2.64
C SER E 101 -19.91 15.21 -2.74
N LEU E 102 -20.75 16.01 -3.39
CA LEU E 102 -22.15 15.68 -3.59
C LEU E 102 -22.31 14.53 -4.59
N ARG E 103 -21.49 14.52 -5.63
CA ARG E 103 -21.49 13.45 -6.63
C ARG E 103 -21.18 12.09 -5.99
N GLN E 104 -20.19 12.08 -5.09
CA GLN E 104 -19.76 10.84 -4.42
C GLN E 104 -20.82 10.27 -3.48
N ILE E 105 -21.61 11.16 -2.87
CA ILE E 105 -22.70 10.75 -1.98
C ILE E 105 -23.85 10.15 -2.81
N LEU E 106 -24.13 10.78 -3.95
CA LEU E 106 -25.21 10.33 -4.84
C LEU E 106 -24.90 9.03 -5.58
N ARG E 107 -23.61 8.76 -5.83
CA ARG E 107 -23.21 7.54 -6.53
C ARG E 107 -23.51 6.26 -5.74
N ARG E 108 -23.46 6.35 -4.41
CA ARG E 108 -23.73 5.20 -3.54
C ARG E 108 -25.10 5.26 -2.85
N SER E 109 -25.95 6.17 -3.33
CA SER E 109 -27.24 6.46 -2.69
C SER E 109 -28.28 5.35 -2.86
N GLY E 110 -28.12 4.55 -3.91
CA GLY E 110 -29.11 3.55 -4.28
C GLY E 110 -30.27 4.19 -5.04
N GLY E 111 -30.06 5.41 -5.51
CA GLY E 111 -31.12 6.19 -6.15
C GLY E 111 -31.74 7.18 -5.18
N ILE E 112 -32.63 8.03 -5.69
CA ILE E 112 -33.28 9.05 -4.87
C ILE E 112 -34.81 9.04 -4.95
N GLY E 113 -35.43 9.37 -3.82
CA GLY E 113 -36.87 9.61 -3.75
C GLY E 113 -37.12 11.05 -3.39
N LYS E 114 -38.13 11.66 -4.01
CA LYS E 114 -38.42 13.07 -3.79
C LYS E 114 -39.65 13.26 -2.93
N GLU E 115 -39.63 14.32 -2.12
CA GLU E 115 -40.75 14.65 -1.25
C GLU E 115 -40.95 16.16 -1.17
N SER E 116 -42.22 16.58 -1.17
CA SER E 116 -42.58 17.99 -1.08
C SER E 116 -42.19 18.58 0.27
N MET E 117 -41.77 19.84 0.25
CA MET E 117 -41.39 20.55 1.47
C MET E 117 -42.53 21.40 2.00
N GLY E 118 -43.60 21.52 1.22
CA GLY E 118 -44.82 22.20 1.64
C GLY E 118 -44.71 23.70 1.77
N PHE E 119 -43.88 24.33 0.94
CA PHE E 119 -43.78 25.78 0.91
C PHE E 119 -44.87 26.37 0.02
N THR E 120 -45.67 27.27 0.61
CA THR E 120 -46.65 28.05 -0.14
C THR E 120 -46.33 29.54 -0.04
N TYR E 121 -46.74 30.30 -1.05
CA TYR E 121 -46.35 31.71 -1.17
C TYR E 121 -47.53 32.62 -1.50
N SER E 122 -47.47 33.85 -1.00
CA SER E 122 -48.46 34.87 -1.32
C SER E 122 -47.81 36.27 -1.37
N GLY E 123 -48.33 37.10 -2.27
CA GLY E 123 -47.80 38.46 -2.47
C GLY E 123 -46.62 38.52 -3.41
N ILE E 124 -46.27 37.38 -4.01
CA ILE E 124 -45.15 37.28 -4.95
C ILE E 124 -45.50 36.38 -6.15
N ARG E 125 -44.67 36.45 -7.18
CA ARG E 125 -44.76 35.53 -8.32
C ARG E 125 -43.80 34.35 -8.15
N THR E 126 -44.26 33.18 -8.58
CA THR E 126 -43.52 31.92 -8.39
C THR E 126 -43.14 31.30 -9.73
N ASN E 127 -43.68 31.85 -10.82
CA ASN E 127 -43.54 31.29 -12.16
C ASN E 127 -42.32 31.79 -12.97
N GLY E 128 -41.28 32.23 -12.27
CA GLY E 128 -40.07 32.71 -12.92
C GLY E 128 -39.44 31.68 -13.85
N ALA E 129 -39.17 32.08 -15.09
CA ALA E 129 -38.67 31.16 -16.12
C ALA E 129 -37.54 31.76 -16.97
N THR E 130 -36.92 30.92 -17.80
CA THR E 130 -35.83 31.34 -18.67
C THR E 130 -35.79 30.52 -19.97
N SER E 131 -35.33 31.15 -21.05
CA SER E 131 -35.18 30.47 -22.33
C SER E 131 -33.95 29.55 -22.36
N ALA E 132 -33.13 29.64 -21.33
CA ALA E 132 -31.96 28.77 -21.18
C ALA E 132 -32.38 27.34 -20.79
N CYS E 133 -33.59 27.22 -20.25
CA CYS E 133 -34.17 25.92 -19.90
C CYS E 133 -35.50 25.75 -20.63
N THR E 134 -35.46 25.18 -21.84
CA THR E 134 -36.66 25.01 -22.65
C THR E 134 -37.29 23.62 -22.49
N ARG E 135 -38.61 23.60 -22.36
CA ARG E 135 -39.38 22.36 -22.25
C ARG E 135 -40.46 22.39 -23.33
N SER E 136 -41.28 23.43 -23.30
CA SER E 136 -42.20 23.78 -24.38
C SER E 136 -42.26 25.29 -24.41
N GLY E 137 -41.12 25.92 -24.70
CA GLY E 137 -40.92 27.34 -24.44
C GLY E 137 -40.15 27.53 -23.14
N SER E 138 -40.04 28.78 -22.69
CA SER E 138 -39.30 29.12 -21.48
C SER E 138 -39.80 28.37 -20.24
N SER E 139 -38.86 27.70 -19.56
CA SER E 139 -39.17 26.92 -18.37
C SER E 139 -38.07 27.10 -17.31
N PHE E 140 -38.11 26.32 -16.24
CA PHE E 140 -37.16 26.44 -15.15
C PHE E 140 -36.85 25.07 -14.55
N TYR E 141 -35.96 25.03 -13.56
CA TYR E 141 -35.62 23.78 -12.85
C TYR E 141 -36.86 23.17 -12.18
N ALA E 142 -37.18 21.94 -12.57
CA ALA E 142 -38.42 21.26 -12.16
C ALA E 142 -38.65 21.20 -10.65
N GLU E 143 -37.57 21.03 -9.89
CA GLU E 143 -37.67 20.89 -8.44
C GLU E 143 -37.59 22.22 -7.69
N MET E 144 -37.24 23.28 -8.40
CA MET E 144 -37.03 24.60 -7.81
C MET E 144 -38.14 25.59 -8.18
N LYS E 145 -38.18 26.73 -7.48
CA LYS E 145 -39.11 27.81 -7.78
C LYS E 145 -38.37 29.14 -7.81
N TRP E 146 -38.46 29.82 -8.95
CA TRP E 146 -37.87 31.16 -9.11
C TRP E 146 -38.86 32.19 -8.58
N LEU E 147 -38.58 32.72 -7.40
CA LEU E 147 -39.43 33.71 -6.76
C LEU E 147 -39.01 35.13 -7.12
N LEU E 148 -39.99 35.97 -7.46
CA LEU E 148 -39.77 37.39 -7.72
C LEU E 148 -41.00 38.24 -7.37
N SER E 149 -40.83 39.57 -7.43
CA SER E 149 -41.90 40.53 -7.12
C SER E 149 -43.09 40.42 -8.06
N ASN E 150 -44.23 40.98 -7.63
CA ASN E 150 -45.46 40.99 -8.42
C ASN E 150 -45.35 41.73 -9.76
N SER E 151 -44.53 42.76 -9.79
CA SER E 151 -44.28 43.54 -11.01
C SER E 151 -42.88 44.13 -11.01
N ASP E 152 -42.50 44.73 -12.15
CA ASP E 152 -41.18 45.36 -12.29
C ASP E 152 -40.93 46.40 -11.20
N ASN E 153 -39.77 46.28 -10.55
CA ASN E 153 -39.30 47.23 -9.53
C ASN E 153 -40.08 47.24 -8.21
N ALA E 154 -41.01 46.30 -8.06
CA ALA E 154 -41.79 46.18 -6.82
C ALA E 154 -40.94 45.56 -5.70
N ALA E 155 -41.26 45.90 -4.46
CA ALA E 155 -40.53 45.41 -3.31
C ALA E 155 -40.87 43.94 -3.00
N PHE E 156 -39.83 43.12 -2.90
CA PHE E 156 -39.99 41.74 -2.45
C PHE E 156 -40.05 41.73 -0.93
N PRO E 157 -41.10 41.11 -0.36
CA PRO E 157 -41.29 41.08 1.09
C PRO E 157 -40.31 40.17 1.81
N GLN E 158 -39.95 40.50 3.02
CA GLN E 158 -39.08 39.69 3.80
C GLN E 158 -39.82 38.46 4.23
N MET E 159 -39.32 37.30 3.89
CA MET E 159 -39.98 36.00 4.11
C MET E 159 -39.14 35.02 4.92
N THR E 160 -39.84 34.19 5.69
CA THR E 160 -39.24 33.09 6.42
C THR E 160 -39.95 31.80 6.05
N LYS E 161 -39.17 30.80 5.63
CA LYS E 161 -39.72 29.48 5.28
C LYS E 161 -38.96 28.36 5.98
N ALA E 162 -39.69 27.57 6.77
CA ALA E 162 -39.07 26.49 7.55
C ALA E 162 -39.60 25.11 7.18
N TYR E 163 -38.74 24.11 7.27
CA TYR E 163 -39.08 22.71 7.00
C TYR E 163 -38.37 21.77 7.95
N ARG E 164 -39.15 20.91 8.60
CA ARG E 164 -38.61 19.87 9.48
C ARG E 164 -38.65 18.51 8.77
N ASN E 165 -37.54 17.79 8.85
CA ASN E 165 -37.43 16.44 8.28
C ASN E 165 -38.22 15.41 9.10
N PRO E 166 -39.32 14.88 8.53
CA PRO E 166 -40.17 13.94 9.25
C PRO E 166 -39.80 12.47 9.04
N ARG E 167 -38.64 12.23 8.45
CA ARG E 167 -38.25 10.89 8.01
C ARG E 167 -37.20 10.23 8.91
N ASN E 168 -37.00 8.94 8.66
CA ASN E 168 -36.07 8.08 9.38
C ASN E 168 -34.61 8.29 8.97
N LYS E 169 -34.41 8.98 7.85
CA LYS E 169 -33.08 9.20 7.27
C LYS E 169 -32.89 10.68 6.88
N PRO E 170 -31.62 11.11 6.68
CA PRO E 170 -31.35 12.53 6.39
C PRO E 170 -31.89 13.03 5.05
N ALA E 171 -32.30 14.29 5.03
CA ALA E 171 -32.84 14.93 3.82
C ALA E 171 -31.80 15.81 3.16
N LEU E 172 -31.70 15.70 1.84
CA LEU E 172 -30.79 16.53 1.06
C LEU E 172 -31.51 17.80 0.61
N ILE E 173 -31.14 18.92 1.23
CA ILE E 173 -31.77 20.21 0.97
C ILE E 173 -30.92 21.02 -0.02
N ILE E 174 -31.56 21.48 -1.09
CA ILE E 174 -30.89 22.28 -2.12
C ILE E 174 -31.60 23.63 -2.24
N TRP E 175 -30.81 24.69 -2.47
CA TRP E 175 -31.34 26.02 -2.74
C TRP E 175 -30.39 26.79 -3.65
N GLY E 176 -30.92 27.80 -4.34
CA GLY E 176 -30.11 28.60 -5.25
C GLY E 176 -30.06 30.08 -4.90
N VAL E 177 -28.99 30.74 -5.33
CA VAL E 177 -28.87 32.19 -5.23
C VAL E 177 -28.76 32.73 -6.65
N HIS E 178 -29.64 33.68 -6.99
CA HIS E 178 -29.63 34.28 -8.32
C HIS E 178 -28.80 35.56 -8.36
N HIS E 179 -27.77 35.55 -9.20
CA HIS E 179 -26.94 36.73 -9.41
C HIS E 179 -27.35 37.34 -10.75
N SER E 180 -27.91 38.54 -10.70
CA SER E 180 -28.44 39.20 -11.89
C SER E 180 -27.34 39.68 -12.85
N GLU E 181 -27.74 40.00 -14.08
CA GLU E 181 -26.84 40.55 -15.10
C GLU E 181 -26.35 41.94 -14.73
N SER E 182 -27.20 42.70 -14.03
CA SER E 182 -26.86 44.06 -13.59
C SER E 182 -27.60 44.41 -12.31
N VAL E 183 -27.25 45.56 -11.72
CA VAL E 183 -27.95 46.08 -10.55
C VAL E 183 -29.40 46.42 -10.92
N SER E 184 -29.59 47.06 -12.08
CA SER E 184 -30.92 47.43 -12.54
C SER E 184 -31.83 46.22 -12.76
N GLU E 185 -31.26 45.09 -13.17
CA GLU E 185 -32.02 43.86 -13.31
C GLU E 185 -32.46 43.32 -11.95
N GLN E 186 -31.57 43.36 -10.96
CA GLN E 186 -31.90 42.95 -9.60
C GLN E 186 -33.03 43.81 -9.02
N THR E 187 -32.98 45.11 -9.29
CA THR E 187 -34.04 46.04 -8.89
C THR E 187 -35.36 45.71 -9.61
N LYS E 188 -35.28 45.40 -10.90
CA LYS E 188 -36.47 45.04 -11.69
C LYS E 188 -37.18 43.81 -11.11
N LEU E 189 -36.41 42.81 -10.75
CA LEU E 189 -36.95 41.52 -10.33
C LEU E 189 -37.37 41.46 -8.85
N TYR E 190 -36.63 42.16 -7.99
CA TYR E 190 -36.81 42.04 -6.54
C TYR E 190 -36.99 43.37 -5.80
N GLY E 191 -36.72 44.47 -6.47
CA GLY E 191 -36.77 45.79 -5.83
C GLY E 191 -35.38 46.24 -5.39
N SER E 192 -35.22 47.55 -5.18
CA SER E 192 -33.94 48.12 -4.77
C SER E 192 -33.62 47.80 -3.31
N GLY E 193 -32.32 47.87 -2.98
CA GLY E 193 -31.86 47.64 -1.62
C GLY E 193 -31.05 46.38 -1.46
N ASN E 194 -30.34 46.27 -0.34
CA ASN E 194 -29.51 45.11 -0.02
C ASN E 194 -30.33 43.83 0.07
N LYS E 195 -29.88 42.81 -0.64
CA LYS E 195 -30.54 41.51 -0.64
C LYS E 195 -29.75 40.53 0.22
N LEU E 196 -30.46 39.77 1.05
CA LEU E 196 -29.82 38.88 2.02
C LEU E 196 -30.60 37.58 2.17
N ILE E 197 -29.88 36.47 2.03
CA ILE E 197 -30.43 35.13 2.19
C ILE E 197 -29.66 34.38 3.28
N THR E 198 -30.35 33.90 4.31
CA THR E 198 -29.73 33.08 5.35
C THR E 198 -30.36 31.68 5.40
N VAL E 199 -29.50 30.68 5.56
CA VAL E 199 -29.92 29.28 5.66
C VAL E 199 -29.38 28.70 6.97
N ARG E 200 -30.25 28.11 7.77
CA ARG E 200 -29.88 27.67 9.11
C ARG E 200 -30.53 26.36 9.53
N SER E 201 -29.70 25.38 9.89
CA SER E 201 -30.15 24.18 10.59
C SER E 201 -29.45 24.15 11.96
N SER E 202 -29.49 23.01 12.63
CA SER E 202 -28.81 22.87 13.92
C SER E 202 -27.30 22.64 13.75
N LYS E 203 -26.90 22.27 12.53
CA LYS E 203 -25.50 21.97 12.23
C LYS E 203 -24.92 22.84 11.11
N TYR E 204 -25.78 23.64 10.47
CA TYR E 204 -25.39 24.48 9.35
C TYR E 204 -25.89 25.90 9.54
N GLN E 205 -25.02 26.88 9.24
CA GLN E 205 -25.38 28.30 9.31
C GLN E 205 -24.56 29.11 8.31
N GLN E 206 -25.23 29.70 7.34
CA GLN E 206 -24.57 30.44 6.27
C GLN E 206 -25.47 31.52 5.67
N SER E 207 -24.89 32.70 5.43
CA SER E 207 -25.61 33.78 4.76
C SER E 207 -25.06 34.05 3.36
N PHE E 208 -25.95 34.44 2.45
CA PHE E 208 -25.59 34.65 1.05
C PHE E 208 -26.06 36.02 0.57
N THR E 209 -25.20 36.72 -0.17
CA THR E 209 -25.57 37.96 -0.82
C THR E 209 -25.34 37.83 -2.34
N PRO E 210 -26.31 38.31 -3.15
CA PRO E 210 -26.14 38.26 -4.60
C PRO E 210 -25.04 39.20 -5.11
N ASN E 211 -24.42 38.80 -6.21
CA ASN E 211 -23.31 39.54 -6.79
C ASN E 211 -23.66 39.92 -8.23
N PRO E 212 -24.37 41.06 -8.41
CA PRO E 212 -24.89 41.48 -9.72
C PRO E 212 -23.79 41.76 -10.73
N GLY E 213 -24.06 41.42 -11.99
CA GLY E 213 -23.10 41.58 -13.07
C GLY E 213 -22.76 40.28 -13.76
N ALA E 214 -23.21 39.17 -13.18
CA ALA E 214 -22.80 37.83 -13.63
C ALA E 214 -23.80 37.09 -14.51
N ARG E 215 -25.07 37.09 -14.12
CA ARG E 215 -26.11 36.26 -14.74
C ARG E 215 -25.81 34.77 -14.53
N ARG E 216 -26.13 34.30 -13.33
CA ARG E 216 -25.94 32.89 -12.95
C ARG E 216 -26.77 32.52 -11.72
N ILE E 217 -27.10 31.23 -11.62
CA ILE E 217 -27.77 30.69 -10.44
C ILE E 217 -26.89 29.61 -9.80
N ASP E 218 -26.28 29.94 -8.67
CA ASP E 218 -25.41 29.02 -7.95
C ASP E 218 -26.21 28.24 -6.90
N PHE E 219 -26.03 26.92 -6.89
CA PHE E 219 -26.76 26.06 -5.95
C PHE E 219 -25.92 25.66 -4.74
N HIS E 220 -26.58 25.58 -3.58
CA HIS E 220 -25.93 25.20 -2.33
C HIS E 220 -26.75 24.11 -1.65
N TRP E 221 -26.11 23.33 -0.77
CA TRP E 221 -26.74 22.16 -0.19
C TRP E 221 -26.32 21.82 1.25
N LEU E 222 -27.19 21.09 1.95
CA LEU E 222 -26.91 20.58 3.29
C LEU E 222 -27.66 19.26 3.53
N LEU E 223 -27.15 18.47 4.46
CA LEU E 223 -27.85 17.27 4.91
C LEU E 223 -28.58 17.54 6.22
N LEU E 224 -29.90 17.39 6.21
CA LEU E 224 -30.71 17.67 7.38
C LEU E 224 -31.04 16.38 8.14
N ASP E 225 -30.55 16.31 9.38
CA ASP E 225 -30.80 15.15 10.26
C ASP E 225 -32.30 14.97 10.55
N PRO E 226 -32.71 13.72 10.88
CA PRO E 226 -34.09 13.45 11.27
C PRO E 226 -34.55 14.33 12.43
N ASN E 227 -35.77 14.86 12.31
CA ASN E 227 -36.41 15.71 13.33
C ASN E 227 -35.77 17.09 13.50
N ASP E 228 -34.80 17.40 12.63
CA ASP E 228 -34.16 18.72 12.61
C ASP E 228 -34.87 19.64 11.62
N THR E 229 -34.70 20.95 11.79
CA THR E 229 -35.40 21.95 10.97
C THR E 229 -34.42 22.88 10.24
N VAL E 230 -34.68 23.09 8.95
CA VAL E 230 -33.94 24.07 8.15
C VAL E 230 -34.79 25.33 7.92
N THR E 231 -34.19 26.48 8.16
CA THR E 231 -34.90 27.75 8.07
C THR E 231 -34.29 28.67 6.99
N PHE E 232 -35.13 29.13 6.07
CA PHE E 232 -34.73 30.07 5.03
C PHE E 232 -35.28 31.46 5.32
N THR E 233 -34.39 32.44 5.35
CA THR E 233 -34.78 33.84 5.50
C THR E 233 -34.21 34.64 4.34
N PHE E 234 -35.09 35.31 3.60
CA PHE E 234 -34.72 35.94 2.34
C PHE E 234 -35.63 37.13 1.97
N ASN E 235 -35.11 38.00 1.11
CA ASN E 235 -35.88 39.14 0.58
C ASN E 235 -35.67 39.36 -0.92
N GLY E 236 -35.29 38.30 -1.62
CA GLY E 236 -35.05 38.34 -3.06
C GLY E 236 -33.86 37.50 -3.48
N ALA E 237 -33.66 37.39 -4.79
CA ALA E 237 -32.54 36.64 -5.39
C ALA E 237 -32.45 35.17 -4.92
N PHE E 238 -33.57 34.66 -4.42
CA PHE E 238 -33.62 33.34 -3.81
C PHE E 238 -34.37 32.33 -4.67
N ILE E 239 -33.69 31.23 -4.99
CA ILE E 239 -34.29 30.13 -5.75
C ILE E 239 -34.67 29.03 -4.76
N ALA E 240 -35.97 28.92 -4.50
CA ALA E 240 -36.49 28.07 -3.43
C ALA E 240 -36.68 26.62 -3.88
N PRO E 241 -36.44 25.66 -2.97
CA PRO E 241 -36.77 24.27 -3.26
C PRO E 241 -38.26 24.00 -3.12
N ASP E 242 -38.80 23.18 -4.02
CA ASP E 242 -40.17 22.68 -3.90
C ASP E 242 -40.13 21.28 -3.31
N ARG E 243 -39.06 20.54 -3.62
CA ARG E 243 -38.88 19.17 -3.17
C ARG E 243 -37.49 18.93 -2.56
N THR E 244 -37.41 17.93 -1.69
CA THR E 244 -36.13 17.48 -1.14
C THR E 244 -35.94 15.98 -1.41
N SER E 245 -34.70 15.51 -1.30
CA SER E 245 -34.33 14.14 -1.66
C SER E 245 -34.03 13.24 -0.46
N PHE E 246 -34.32 11.95 -0.62
CA PHE E 246 -33.95 10.93 0.35
C PHE E 246 -33.30 9.75 -0.37
N PHE E 247 -32.25 9.19 0.22
CA PHE E 247 -31.50 8.09 -0.38
C PHE E 247 -32.20 6.74 -0.16
N ARG E 248 -32.13 5.87 -1.16
CA ARG E 248 -32.85 4.59 -1.12
C ARG E 248 -32.08 3.48 -0.40
N GLY E 249 -30.85 3.18 -0.88
CA GLY E 249 -30.05 2.12 -0.28
C GLY E 249 -28.58 2.18 -0.65
N GLU E 250 -28.10 1.13 -1.31
CA GLU E 250 -26.70 1.02 -1.72
C GLU E 250 -26.58 0.89 -3.24
N SER E 251 -25.58 1.56 -3.81
CA SER E 251 -25.29 1.46 -5.23
C SER E 251 -23.81 1.70 -5.52
N LEU E 252 -23.39 1.36 -6.74
CA LEU E 252 -22.05 1.63 -7.22
C LEU E 252 -22.10 2.62 -8.37
N GLY E 253 -21.23 3.63 -8.33
CA GLY E 253 -21.13 4.61 -9.42
C GLY E 253 -20.07 4.19 -10.42
N VAL E 254 -20.39 4.36 -11.70
CA VAL E 254 -19.46 3.98 -12.78
C VAL E 254 -19.37 5.10 -13.82
N GLN E 255 -18.16 5.34 -14.32
CA GLN E 255 -17.94 6.28 -15.42
C GLN E 255 -17.38 5.53 -16.63
N SER E 256 -18.14 5.55 -17.73
CA SER E 256 -17.77 4.79 -18.93
C SER E 256 -18.36 5.36 -20.22
N ASP E 257 -17.80 4.91 -21.35
CA ASP E 257 -18.35 5.22 -22.68
C ASP E 257 -18.86 3.95 -23.36
N ALA E 258 -18.92 2.87 -22.60
CA ALA E 258 -19.31 1.56 -23.12
C ALA E 258 -20.82 1.31 -22.96
N PRO E 259 -21.44 0.73 -24.01
CA PRO E 259 -22.88 0.42 -23.96
C PRO E 259 -23.22 -0.66 -22.94
N LEU E 260 -24.45 -0.61 -22.41
CA LEU E 260 -24.93 -1.59 -21.45
C LEU E 260 -25.23 -2.92 -22.15
N ASP E 261 -25.06 -4.01 -21.41
CA ASP E 261 -25.32 -5.35 -21.91
C ASP E 261 -25.97 -6.18 -20.81
N SER E 262 -27.23 -6.54 -21.02
CA SER E 262 -28.01 -7.28 -20.03
C SER E 262 -27.77 -8.79 -20.05
N SER E 263 -26.84 -9.23 -20.91
CA SER E 263 -26.60 -10.67 -21.12
C SER E 263 -25.29 -11.19 -20.49
N CYS E 264 -24.45 -10.27 -20.02
CA CYS E 264 -23.23 -10.65 -19.29
C CYS E 264 -23.32 -10.21 -17.83
N ARG E 265 -22.62 -10.95 -16.97
CA ARG E 265 -22.63 -10.70 -15.52
C ARG E 265 -21.22 -10.33 -15.03
N GLY E 266 -21.13 -9.29 -14.21
CA GLY E 266 -19.84 -8.83 -13.68
C GLY E 266 -19.98 -7.87 -12.52
N ASP E 267 -18.90 -7.73 -11.75
CA ASP E 267 -18.87 -6.87 -10.57
C ASP E 267 -17.73 -5.86 -10.59
N CYS E 268 -16.84 -6.01 -11.58
CA CYS E 268 -15.70 -5.10 -11.73
C CYS E 268 -15.89 -4.25 -12.97
N PHE E 269 -15.89 -2.94 -12.80
CA PHE E 269 -16.18 -2.01 -13.89
C PHE E 269 -15.07 -0.98 -14.05
N HIS E 270 -14.92 -0.46 -15.28
CA HIS E 270 -13.94 0.58 -15.57
C HIS E 270 -14.36 1.39 -16.80
N SER E 271 -13.50 2.32 -17.21
CA SER E 271 -13.78 3.24 -18.30
C SER E 271 -14.12 2.54 -19.62
N GLY E 272 -13.41 1.45 -19.92
CA GLY E 272 -13.58 0.74 -21.17
C GLY E 272 -14.44 -0.51 -21.10
N GLY E 273 -15.08 -0.75 -19.96
CA GLY E 273 -16.04 -1.85 -19.84
C GLY E 273 -16.05 -2.62 -18.53
N THR E 274 -16.08 -3.94 -18.63
CA THR E 274 -16.24 -4.84 -17.49
C THR E 274 -15.19 -5.95 -17.49
N ILE E 275 -14.57 -6.17 -16.34
CA ILE E 275 -13.61 -7.27 -16.17
C ILE E 275 -14.30 -8.45 -15.50
N VAL E 276 -14.48 -9.52 -16.27
CA VAL E 276 -15.10 -10.76 -15.79
C VAL E 276 -14.04 -11.83 -15.69
N SER E 277 -13.68 -12.18 -14.45
CA SER E 277 -12.54 -13.07 -14.20
C SER E 277 -12.58 -13.69 -12.81
N SER E 278 -11.94 -14.85 -12.67
CA SER E 278 -11.72 -15.50 -11.39
C SER E 278 -10.24 -15.38 -10.98
N LEU E 279 -9.43 -14.84 -11.88
CA LEU E 279 -7.99 -14.71 -11.68
C LEU E 279 -7.64 -13.62 -10.67
N PRO E 280 -6.56 -13.81 -9.88
CA PRO E 280 -6.16 -12.86 -8.84
C PRO E 280 -5.67 -11.51 -9.35
N PHE E 281 -5.20 -11.45 -10.59
CA PHE E 281 -4.63 -10.21 -11.14
C PHE E 281 -5.22 -9.84 -12.50
N GLN E 282 -5.12 -8.56 -12.85
CA GLN E 282 -5.55 -8.07 -14.17
C GLN E 282 -4.62 -6.97 -14.69
N ASN E 283 -4.42 -6.94 -16.01
CA ASN E 283 -3.59 -5.94 -16.66
C ASN E 283 -4.38 -5.11 -17.66
N ILE E 284 -5.66 -4.89 -17.35
CA ILE E 284 -6.57 -4.19 -18.25
C ILE E 284 -6.64 -2.69 -17.94
N ASN E 285 -6.92 -2.34 -16.69
CA ASN E 285 -7.05 -0.95 -16.29
C ASN E 285 -6.65 -0.75 -14.83
N SER E 286 -5.81 0.25 -14.58
CA SER E 286 -5.38 0.59 -13.23
C SER E 286 -6.49 1.29 -12.44
N ARG E 287 -7.44 1.89 -13.17
CA ARG E 287 -8.55 2.60 -12.55
C ARG E 287 -9.85 1.79 -12.69
N THR E 288 -10.21 1.07 -11.63
CA THR E 288 -11.43 0.27 -11.62
C THR E 288 -12.33 0.64 -10.46
N VAL E 289 -13.59 0.19 -10.52
CA VAL E 289 -14.55 0.32 -9.42
C VAL E 289 -15.25 -1.01 -9.15
N GLY E 290 -15.63 -1.23 -7.90
CA GLY E 290 -16.31 -2.46 -7.50
C GLY E 290 -15.38 -3.51 -6.92
N LYS E 291 -15.72 -4.78 -7.13
CA LYS E 291 -14.92 -5.91 -6.65
C LYS E 291 -14.06 -6.44 -7.78
N CYS E 292 -12.78 -6.12 -7.73
CA CYS E 292 -11.88 -6.36 -8.86
C CYS E 292 -10.66 -7.21 -8.51
N PRO E 293 -10.10 -7.90 -9.53
CA PRO E 293 -8.75 -8.44 -9.37
C PRO E 293 -7.77 -7.26 -9.26
N ARG E 294 -6.68 -7.46 -8.53
CA ARG E 294 -5.70 -6.40 -8.30
C ARG E 294 -4.89 -6.11 -9.55
N TYR E 295 -4.71 -4.81 -9.84
CA TYR E 295 -3.98 -4.40 -11.05
C TYR E 295 -2.47 -4.58 -10.92
N VAL E 296 -1.89 -5.24 -11.92
CA VAL E 296 -0.44 -5.43 -12.05
C VAL E 296 0.02 -4.91 -13.41
N LYS E 297 1.31 -4.57 -13.52
CA LYS E 297 1.83 -4.04 -14.77
C LYS E 297 2.38 -5.10 -15.73
N GLN E 298 2.42 -6.36 -15.29
CA GLN E 298 2.82 -7.48 -16.14
C GLN E 298 1.68 -7.93 -17.04
N LYS E 299 2.01 -8.28 -18.27
CA LYS E 299 1.02 -8.79 -19.22
C LYS E 299 0.69 -10.26 -18.97
N SER E 300 1.64 -10.98 -18.36
CA SER E 300 1.52 -12.42 -18.15
C SER E 300 2.38 -12.93 -16.99
N LEU E 301 1.80 -13.78 -16.15
CA LEU E 301 2.51 -14.47 -15.08
C LEU E 301 2.00 -15.89 -14.96
N LEU E 302 2.74 -16.83 -15.56
CA LEU E 302 2.28 -18.22 -15.65
C LEU E 302 2.63 -19.06 -14.41
N LEU E 303 1.59 -19.65 -13.82
CA LEU E 303 1.74 -20.52 -12.67
C LEU E 303 1.88 -21.96 -13.12
N ALA E 304 2.98 -22.61 -12.71
CA ALA E 304 3.23 -24.00 -13.04
C ALA E 304 2.21 -24.91 -12.37
N THR E 305 1.56 -25.76 -13.18
CA THR E 305 0.61 -26.74 -12.68
C THR E 305 1.08 -28.15 -13.02
N GLY E 306 2.39 -28.28 -13.19
CA GLY E 306 3.01 -29.56 -13.51
C GLY E 306 4.50 -29.58 -13.24
N MET E 307 5.08 -30.78 -13.24
CA MET E 307 6.51 -30.97 -12.99
C MET E 307 7.40 -30.37 -14.07
N ARG E 308 8.69 -30.31 -13.78
CA ARG E 308 9.73 -29.97 -14.74
C ARG E 308 9.62 -30.87 -15.96
N ASN E 309 9.60 -30.27 -17.16
CA ASN E 309 9.47 -31.02 -18.40
C ASN E 309 10.82 -31.39 -19.01
N VAL E 310 11.09 -32.69 -19.10
CA VAL E 310 12.31 -33.21 -19.71
C VAL E 310 11.93 -34.19 -20.81
N PRO E 311 11.84 -33.70 -22.06
CA PRO E 311 11.37 -34.50 -23.19
C PRO E 311 12.36 -35.59 -23.61
N GLU E 312 11.87 -36.58 -24.36
CA GLU E 312 12.71 -37.65 -24.88
C GLU E 312 13.60 -37.14 -26.01
N GLY F 1 15.68 -29.19 -9.47
CA GLY F 1 14.89 -29.81 -8.37
C GLY F 1 15.78 -30.14 -7.17
N LEU F 2 15.26 -29.86 -5.97
CA LEU F 2 16.00 -30.07 -4.72
C LEU F 2 16.30 -31.53 -4.39
N PHE F 3 15.49 -32.45 -4.91
CA PHE F 3 15.60 -33.86 -4.53
C PHE F 3 16.43 -34.71 -5.51
N GLY F 4 16.76 -34.12 -6.66
CA GLY F 4 17.73 -34.69 -7.58
C GLY F 4 17.30 -35.89 -8.40
N ALA F 5 15.99 -36.14 -8.49
CA ALA F 5 15.46 -37.24 -9.29
C ALA F 5 15.03 -36.76 -10.68
N ILE F 6 14.01 -35.91 -10.75
CA ILE F 6 13.56 -35.32 -12.00
C ILE F 6 14.59 -34.29 -12.49
N ALA F 7 15.05 -34.47 -13.72
CA ALA F 7 16.18 -33.72 -14.29
C ALA F 7 17.46 -33.91 -13.46
N GLY F 8 17.57 -35.07 -12.82
CA GLY F 8 18.71 -35.43 -11.98
C GLY F 8 19.33 -36.73 -12.43
N PHE F 9 19.21 -37.77 -11.60
CA PHE F 9 19.75 -39.08 -11.96
C PHE F 9 18.87 -39.84 -12.96
N ILE F 10 17.60 -39.45 -13.03
CA ILE F 10 16.72 -39.89 -14.10
C ILE F 10 16.93 -38.96 -15.30
N GLU F 11 17.42 -39.54 -16.41
CA GLU F 11 17.83 -38.78 -17.59
C GLU F 11 16.72 -37.91 -18.17
N ASN F 12 15.59 -38.53 -18.49
CA ASN F 12 14.46 -37.83 -19.10
C ASN F 12 13.11 -38.45 -18.72
N GLY F 13 12.03 -37.72 -19.02
CA GLY F 13 10.67 -38.20 -18.80
C GLY F 13 10.22 -39.14 -19.91
N TRP F 14 9.03 -39.72 -19.72
CA TRP F 14 8.45 -40.63 -20.70
C TRP F 14 7.23 -40.01 -21.36
N GLU F 15 7.33 -39.77 -22.67
CA GLU F 15 6.22 -39.18 -23.43
C GLU F 15 5.11 -40.20 -23.70
N GLY F 16 5.45 -41.48 -23.61
CA GLY F 16 4.48 -42.57 -23.78
C GLY F 16 3.65 -42.83 -22.54
N LEU F 17 4.11 -42.33 -21.39
CA LEU F 17 3.36 -42.45 -20.14
C LEU F 17 2.22 -41.43 -20.10
N ILE F 18 1.08 -41.82 -20.66
CA ILE F 18 -0.12 -40.98 -20.63
C ILE F 18 -1.03 -41.39 -19.46
N ASN F 19 -0.74 -42.57 -18.90
CA ASN F 19 -1.53 -43.14 -17.81
C ASN F 19 -1.51 -42.28 -16.54
N GLY F 20 -0.36 -41.66 -16.24
CA GLY F 20 -0.20 -40.83 -15.05
C GLY F 20 1.04 -39.95 -15.04
N TRP F 21 1.43 -39.50 -13.85
CA TRP F 21 2.58 -38.61 -13.67
C TRP F 21 3.86 -39.40 -13.36
N TYR F 22 3.72 -40.50 -12.62
CA TYR F 22 4.83 -41.36 -12.27
C TYR F 22 4.47 -42.82 -12.56
N GLY F 23 5.46 -43.59 -12.99
CA GLY F 23 5.21 -44.98 -13.38
C GLY F 23 6.40 -45.91 -13.33
N PHE F 24 6.15 -47.16 -13.72
CA PHE F 24 7.16 -48.21 -13.76
C PHE F 24 7.33 -48.72 -15.19
N ARG F 25 8.58 -49.03 -15.55
CA ARG F 25 8.90 -49.64 -16.84
C ARG F 25 9.84 -50.81 -16.60
N HIS F 26 9.40 -52.01 -16.97
CA HIS F 26 10.15 -53.22 -16.67
C HIS F 26 10.59 -53.99 -17.92
N GLN F 27 11.76 -54.61 -17.82
CA GLN F 27 12.25 -55.54 -18.83
C GLN F 27 12.42 -56.94 -18.23
N ASN F 28 11.84 -57.94 -18.88
CA ASN F 28 12.02 -59.34 -18.50
C ASN F 28 12.04 -60.29 -19.70
N ALA F 29 11.78 -61.58 -19.46
CA ALA F 29 11.74 -62.59 -20.51
C ALA F 29 10.51 -62.46 -21.41
N GLN F 30 9.46 -61.84 -20.89
CA GLN F 30 8.19 -61.70 -21.60
C GLN F 30 8.08 -60.36 -22.35
N GLY F 31 9.09 -59.50 -22.20
CA GLY F 31 9.14 -58.23 -22.91
C GLY F 31 9.13 -57.00 -22.01
N GLU F 32 8.70 -55.88 -22.58
CA GLU F 32 8.60 -54.61 -21.86
C GLU F 32 7.15 -54.32 -21.46
N GLY F 33 6.98 -53.55 -20.39
CA GLY F 33 5.65 -53.13 -19.93
C GLY F 33 5.73 -51.84 -19.13
N THR F 34 4.77 -50.94 -19.39
CA THR F 34 4.71 -49.66 -18.67
C THR F 34 3.35 -49.49 -17.98
N ALA F 35 3.41 -49.12 -16.70
CA ALA F 35 2.21 -48.89 -15.89
C ALA F 35 2.43 -47.71 -14.94
N ALA F 36 1.37 -46.94 -14.71
CA ALA F 36 1.45 -45.75 -13.85
C ALA F 36 1.12 -46.07 -12.39
N ASP F 37 1.68 -45.26 -11.49
CA ASP F 37 1.38 -45.36 -10.06
C ASP F 37 0.31 -44.35 -9.68
N TYR F 38 -0.72 -44.80 -8.97
CA TYR F 38 -1.84 -43.95 -8.60
C TYR F 38 -1.52 -43.06 -7.40
N LYS F 39 -0.92 -43.65 -6.37
CA LYS F 39 -0.66 -42.97 -5.09
C LYS F 39 0.16 -41.70 -5.21
N SER F 40 1.30 -41.79 -5.90
CA SER F 40 2.19 -40.64 -6.08
C SER F 40 1.59 -39.58 -7.00
N THR F 41 0.98 -40.03 -8.10
CA THR F 41 0.33 -39.14 -9.07
C THR F 41 -0.77 -38.33 -8.40
N GLN F 42 -1.60 -39.01 -7.60
CA GLN F 42 -2.71 -38.36 -6.91
C GLN F 42 -2.21 -37.36 -5.87
N SER F 43 -1.11 -37.72 -5.19
CA SER F 43 -0.51 -36.85 -4.18
C SER F 43 -0.01 -35.53 -4.77
N ALA F 44 0.59 -35.61 -5.96
CA ALA F 44 1.12 -34.44 -6.64
C ALA F 44 0.00 -33.55 -7.22
N ILE F 45 -1.01 -34.19 -7.82
CA ILE F 45 -2.16 -33.46 -8.38
C ILE F 45 -2.97 -32.77 -7.29
N ASP F 46 -3.14 -33.44 -6.15
CA ASP F 46 -3.90 -32.89 -5.02
C ASP F 46 -3.28 -31.61 -4.47
N GLN F 47 -1.95 -31.55 -4.48
CA GLN F 47 -1.22 -30.41 -3.96
C GLN F 47 -1.24 -29.22 -4.92
N ILE F 48 -1.16 -29.50 -6.22
CA ILE F 48 -1.29 -28.45 -7.24
C ILE F 48 -2.71 -27.87 -7.28
N THR F 49 -3.70 -28.74 -7.08
CA THR F 49 -5.10 -28.33 -6.95
C THR F 49 -5.28 -27.44 -5.71
N GLY F 50 -4.55 -27.77 -4.65
CA GLY F 50 -4.56 -26.99 -3.42
C GLY F 50 -4.06 -25.56 -3.60
N LYS F 51 -3.03 -25.40 -4.43
CA LYS F 51 -2.47 -24.09 -4.75
C LYS F 51 -3.46 -23.26 -5.56
N LEU F 52 -4.18 -23.92 -6.45
CA LEU F 52 -5.17 -23.24 -7.30
C LEU F 52 -6.39 -22.78 -6.53
N ASN F 53 -6.80 -23.57 -5.54
CA ASN F 53 -7.92 -23.21 -4.66
C ASN F 53 -7.64 -21.96 -3.84
N ARG F 54 -6.35 -21.69 -3.59
CA ARG F 54 -5.92 -20.50 -2.87
C ARG F 54 -5.94 -19.23 -3.72
N LEU F 55 -5.62 -19.37 -5.01
CA LEU F 55 -5.42 -18.21 -5.89
C LEU F 55 -6.62 -17.87 -6.77
N ILE F 56 -7.42 -18.87 -7.12
CA ILE F 56 -8.54 -18.70 -8.04
C ILE F 56 -9.88 -18.67 -7.31
N GLY F 57 -10.77 -17.78 -7.73
CA GLY F 57 -12.12 -17.67 -7.17
C GLY F 57 -12.20 -16.90 -5.88
N LYS F 58 -11.22 -16.01 -5.66
CA LYS F 58 -11.15 -15.18 -4.46
C LYS F 58 -12.26 -14.13 -4.41
N THR F 59 -12.74 -13.83 -3.21
CA THR F 59 -13.66 -12.72 -2.98
C THR F 59 -12.84 -11.46 -2.68
N ASN F 60 -13.08 -10.40 -3.43
CA ASN F 60 -12.33 -9.15 -3.28
C ASN F 60 -13.14 -8.05 -2.61
N GLN F 61 -12.43 -7.07 -2.04
CA GLN F 61 -13.04 -5.93 -1.37
C GLN F 61 -13.55 -4.92 -2.40
N GLN F 62 -14.60 -4.19 -2.06
CA GLN F 62 -15.18 -3.20 -2.97
C GLN F 62 -14.52 -1.83 -2.84
N PHE F 63 -14.22 -1.20 -3.98
CA PHE F 63 -13.64 0.13 -4.03
C PHE F 63 -14.48 1.09 -4.86
N GLU F 64 -14.69 2.29 -4.34
CA GLU F 64 -15.50 3.30 -5.00
C GLU F 64 -14.65 4.26 -5.84
N LEU F 65 -15.32 5.03 -6.68
CA LEU F 65 -14.69 6.09 -7.46
C LEU F 65 -14.30 7.23 -6.53
N ILE F 66 -13.02 7.64 -6.59
CA ILE F 66 -12.53 8.77 -5.79
C ILE F 66 -12.01 9.88 -6.70
N ASP F 67 -12.12 9.62 -8.01
CA ASP F 67 -11.56 10.46 -9.05
C ASP F 67 -12.71 10.98 -9.91
N ASN F 68 -12.39 11.75 -10.95
CA ASN F 68 -13.39 12.12 -11.95
C ASN F 68 -12.81 12.27 -13.35
N GLU F 69 -13.24 11.36 -14.23
CA GLU F 69 -12.75 11.27 -15.60
C GLU F 69 -13.31 12.36 -16.51
N PHE F 70 -14.55 12.80 -16.24
CA PHE F 70 -15.23 13.78 -17.09
C PHE F 70 -15.02 15.22 -16.61
N ASN F 71 -15.18 15.44 -15.31
CA ASN F 71 -14.93 16.75 -14.71
C ASN F 71 -13.67 16.74 -13.83
N GLU F 72 -12.56 17.18 -14.40
CA GLU F 72 -11.25 17.18 -13.74
C GLU F 72 -11.30 17.83 -12.36
N ILE F 73 -10.87 17.07 -11.35
CA ILE F 73 -10.85 17.56 -9.95
C ILE F 73 -9.57 18.36 -9.68
N GLU F 74 -9.48 18.93 -8.48
CA GLU F 74 -8.31 19.71 -8.08
C GLU F 74 -7.03 18.88 -8.27
N GLN F 75 -6.08 19.44 -9.02
CA GLN F 75 -4.87 18.72 -9.41
C GLN F 75 -4.02 18.28 -8.23
N GLN F 76 -4.02 19.09 -7.17
CA GLN F 76 -3.32 18.77 -5.92
C GLN F 76 -3.83 17.44 -5.33
N ILE F 77 -5.15 17.27 -5.29
CA ILE F 77 -5.77 16.04 -4.80
C ILE F 77 -5.58 14.90 -5.80
N GLY F 78 -5.79 15.19 -7.09
CA GLY F 78 -5.64 14.22 -8.16
C GLY F 78 -4.25 13.61 -8.25
N ASN F 79 -3.23 14.44 -8.03
CA ASN F 79 -1.84 13.98 -8.05
C ASN F 79 -1.49 13.08 -6.86
N VAL F 80 -2.15 13.31 -5.73
CA VAL F 80 -2.00 12.44 -4.56
C VAL F 80 -2.64 11.08 -4.86
N ILE F 81 -3.85 11.11 -5.43
CA ILE F 81 -4.53 9.90 -5.86
C ILE F 81 -3.69 9.10 -6.85
N ASN F 82 -3.16 9.79 -7.85
CA ASN F 82 -2.30 9.17 -8.87
C ASN F 82 -0.98 8.62 -8.31
N TRP F 83 -0.48 9.27 -7.26
CA TRP F 83 0.71 8.81 -6.55
C TRP F 83 0.43 7.52 -5.80
N THR F 84 -0.67 7.52 -5.04
CA THR F 84 -1.09 6.36 -4.24
C THR F 84 -1.40 5.17 -5.13
N ARG F 85 -2.17 5.40 -6.19
CA ARG F 85 -2.56 4.35 -7.14
C ARG F 85 -1.34 3.71 -7.80
N ASP F 86 -0.38 4.53 -8.24
CA ASP F 86 0.88 4.06 -8.82
C ASP F 86 1.74 3.29 -7.81
N ALA F 87 1.65 3.68 -6.54
CA ALA F 87 2.37 2.98 -5.46
C ALA F 87 1.74 1.62 -5.16
N MET F 88 0.41 1.54 -5.24
CA MET F 88 -0.31 0.28 -5.08
C MET F 88 0.02 -0.69 -6.20
N THR F 89 0.11 -0.15 -7.42
CA THR F 89 0.51 -0.92 -8.61
C THR F 89 1.90 -1.52 -8.40
N GLU F 90 2.83 -0.72 -7.86
CA GLU F 90 4.20 -1.15 -7.59
C GLU F 90 4.25 -2.30 -6.59
N ILE F 91 3.42 -2.23 -5.55
CA ILE F 91 3.39 -3.25 -4.50
C ILE F 91 2.78 -4.57 -4.99
N TRP F 92 1.65 -4.47 -5.68
CA TRP F 92 0.96 -5.67 -6.18
C TRP F 92 1.73 -6.35 -7.32
N SER F 93 2.37 -5.55 -8.18
CA SER F 93 3.24 -6.08 -9.23
C SER F 93 4.41 -6.87 -8.63
N TYR F 94 4.91 -6.37 -7.50
CA TYR F 94 5.95 -7.06 -6.74
C TYR F 94 5.41 -8.36 -6.12
N ASN F 95 4.31 -8.24 -5.39
CA ASN F 95 3.68 -9.40 -4.73
C ASN F 95 3.35 -10.52 -5.72
N ALA F 96 2.76 -10.16 -6.85
CA ALA F 96 2.36 -11.10 -7.89
C ALA F 96 3.56 -11.84 -8.49
N GLU F 97 4.60 -11.10 -8.83
CA GLU F 97 5.83 -11.66 -9.40
C GLU F 97 6.48 -12.63 -8.41
N LEU F 98 6.54 -12.23 -7.14
CA LEU F 98 7.17 -13.03 -6.09
C LEU F 98 6.35 -14.28 -5.75
N LEU F 99 5.03 -14.12 -5.69
CA LEU F 99 4.13 -15.22 -5.38
C LEU F 99 4.25 -16.34 -6.42
N VAL F 100 4.14 -15.98 -7.68
CA VAL F 100 4.22 -16.94 -8.78
C VAL F 100 5.59 -17.64 -8.82
N ALA F 101 6.66 -16.85 -8.70
CA ALA F 101 8.02 -17.39 -8.71
C ALA F 101 8.29 -18.36 -7.56
N MET F 102 7.82 -18.00 -6.37
CA MET F 102 7.95 -18.83 -5.17
C MET F 102 7.14 -20.13 -5.31
N GLU F 103 5.91 -20.00 -5.81
CA GLU F 103 5.04 -21.16 -6.02
C GLU F 103 5.59 -22.10 -7.10
N ASN F 104 6.11 -21.52 -8.19
CA ASN F 104 6.73 -22.32 -9.25
C ASN F 104 7.96 -23.09 -8.78
N GLN F 105 8.73 -22.46 -7.88
CA GLN F 105 9.89 -23.09 -7.26
C GLN F 105 9.46 -24.28 -6.41
N HIS F 106 8.38 -24.09 -5.66
CA HIS F 106 7.87 -25.12 -4.75
C HIS F 106 7.19 -26.27 -5.50
N THR F 107 6.48 -25.94 -6.58
CA THR F 107 5.80 -26.93 -7.41
C THR F 107 6.80 -27.91 -8.06
N ILE F 108 7.87 -27.36 -8.62
CA ILE F 108 8.93 -28.17 -9.25
C ILE F 108 9.64 -29.08 -8.24
N ASP F 109 9.92 -28.55 -7.06
CA ASP F 109 10.55 -29.33 -5.98
C ASP F 109 9.59 -30.35 -5.37
N LEU F 110 8.30 -30.01 -5.35
CA LEU F 110 7.25 -30.88 -4.84
C LEU F 110 7.11 -32.13 -5.71
N ALA F 111 7.09 -31.94 -7.02
CA ALA F 111 6.98 -33.02 -7.98
C ALA F 111 8.23 -33.90 -8.00
N ASP F 112 9.39 -33.28 -7.80
CA ASP F 112 10.66 -33.97 -7.70
C ASP F 112 10.70 -34.86 -6.45
N SER F 113 10.15 -34.33 -5.36
CA SER F 113 10.03 -35.04 -4.10
C SER F 113 9.22 -36.32 -4.24
N GLU F 114 8.13 -36.26 -5.00
CA GLU F 114 7.22 -37.40 -5.20
C GLU F 114 7.89 -38.52 -5.98
N MET F 115 8.71 -38.15 -6.96
CA MET F 115 9.50 -39.10 -7.73
C MET F 115 10.49 -39.82 -6.82
N SER F 116 11.15 -39.06 -5.94
CA SER F 116 12.13 -39.61 -5.01
C SER F 116 11.49 -40.57 -3.99
N LYS F 117 10.34 -40.17 -3.44
CA LYS F 117 9.61 -40.98 -2.47
C LYS F 117 9.19 -42.33 -3.05
N LEU F 118 8.76 -42.32 -4.31
CA LEU F 118 8.39 -43.53 -5.03
C LEU F 118 9.61 -44.43 -5.26
N TYR F 119 10.72 -43.80 -5.64
CA TYR F 119 11.99 -44.50 -5.84
C TYR F 119 12.49 -45.16 -4.56
N GLU F 120 12.38 -44.44 -3.44
CA GLU F 120 12.80 -44.95 -2.13
C GLU F 120 11.91 -46.07 -1.63
N ARG F 121 10.60 -45.90 -1.84
CA ARG F 121 9.60 -46.94 -1.54
C ARG F 121 10.00 -48.28 -2.16
N VAL F 122 10.30 -48.25 -3.46
CA VAL F 122 10.66 -49.46 -4.20
C VAL F 122 11.99 -50.05 -3.71
N LYS F 123 12.94 -49.17 -3.37
CA LYS F 123 14.24 -49.59 -2.86
C LYS F 123 14.12 -50.45 -1.59
N LYS F 124 13.38 -49.96 -0.61
CA LYS F 124 13.20 -50.65 0.67
C LYS F 124 12.34 -51.91 0.51
N GLN F 125 11.54 -51.94 -0.56
CA GLN F 125 10.69 -53.06 -0.89
C GLN F 125 11.52 -54.25 -1.41
N LEU F 126 12.51 -53.95 -2.24
CA LEU F 126 13.33 -54.97 -2.90
C LEU F 126 14.42 -55.57 -2.01
N ARG F 127 14.70 -54.90 -0.90
CA ARG F 127 15.70 -55.35 0.09
C ARG F 127 17.04 -55.74 -0.56
N GLU F 128 17.46 -56.99 -0.36
CA GLU F 128 18.73 -57.48 -0.89
C GLU F 128 18.56 -58.25 -2.20
N ASN F 129 17.42 -58.04 -2.87
CA ASN F 129 17.12 -58.75 -4.11
C ASN F 129 17.43 -57.94 -5.38
N ALA F 130 17.83 -56.68 -5.20
CA ALA F 130 18.15 -55.81 -6.33
C ALA F 130 19.28 -54.84 -6.00
N GLU F 131 19.92 -54.33 -7.05
CA GLU F 131 20.95 -53.30 -6.91
C GLU F 131 20.63 -52.08 -7.78
N GLU F 132 20.94 -50.90 -7.26
CA GLU F 132 20.66 -49.65 -7.95
C GLU F 132 21.54 -49.45 -9.18
N ASP F 133 20.91 -49.07 -10.28
CA ASP F 133 21.58 -48.86 -11.55
C ASP F 133 22.35 -47.53 -11.56
N GLY F 134 21.72 -46.50 -11.00
CA GLY F 134 22.28 -45.15 -11.01
C GLY F 134 21.52 -44.22 -11.94
N THR F 135 20.61 -44.79 -12.74
CA THR F 135 19.81 -44.01 -13.68
C THR F 135 18.32 -44.05 -13.34
N GLY F 136 17.98 -44.66 -12.19
CA GLY F 136 16.59 -44.78 -11.76
C GLY F 136 16.03 -46.17 -11.93
N CYS F 137 16.90 -47.14 -12.25
CA CYS F 137 16.50 -48.54 -12.44
C CYS F 137 17.02 -49.44 -11.32
N PHE F 138 16.33 -50.56 -11.10
CA PHE F 138 16.78 -51.57 -10.15
C PHE F 138 17.08 -52.87 -10.88
N GLU F 139 18.33 -53.31 -10.82
CA GLU F 139 18.73 -54.58 -11.41
C GLU F 139 18.35 -55.72 -10.48
N ILE F 140 17.32 -56.47 -10.88
CA ILE F 140 16.78 -57.57 -10.09
C ILE F 140 17.59 -58.85 -10.33
N PHE F 141 18.03 -59.49 -9.24
CA PHE F 141 18.91 -60.65 -9.32
C PHE F 141 18.18 -62.00 -9.20
N HIS F 142 16.91 -62.00 -9.58
CA HIS F 142 16.13 -63.23 -9.72
C HIS F 142 15.17 -63.09 -10.89
N LYS F 143 14.69 -64.23 -11.40
CA LYS F 143 13.74 -64.22 -12.50
C LYS F 143 12.37 -63.73 -12.03
N CYS F 144 11.96 -62.58 -12.55
CA CYS F 144 10.74 -61.89 -12.11
C CYS F 144 9.78 -61.73 -13.29
N ASP F 145 8.75 -62.57 -13.33
CA ASP F 145 7.78 -62.54 -14.43
C ASP F 145 6.73 -61.44 -14.25
N ASP F 146 5.78 -61.36 -15.18
CA ASP F 146 4.75 -60.31 -15.17
C ASP F 146 3.95 -60.26 -13.86
N GLN F 147 3.71 -61.43 -13.26
CA GLN F 147 3.01 -61.52 -11.97
C GLN F 147 3.89 -60.96 -10.85
N CYS F 148 5.20 -61.23 -10.95
CA CYS F 148 6.18 -60.75 -9.99
C CYS F 148 6.41 -59.24 -10.12
N MET F 149 6.37 -58.74 -11.36
CA MET F 149 6.50 -57.31 -11.64
C MET F 149 5.29 -56.53 -11.11
N GLU F 150 4.12 -57.15 -11.21
CA GLU F 150 2.88 -56.56 -10.71
C GLU F 150 2.88 -56.45 -9.19
N SER F 151 3.43 -57.45 -8.52
CA SER F 151 3.48 -57.50 -7.05
C SER F 151 4.32 -56.36 -6.46
N ILE F 152 5.36 -55.96 -7.18
CA ILE F 152 6.19 -54.81 -6.80
C ILE F 152 5.40 -53.52 -6.91
N ARG F 153 4.63 -53.39 -7.99
CA ARG F 153 3.83 -52.19 -8.25
C ARG F 153 2.75 -51.93 -7.20
N ASN F 154 2.02 -52.98 -6.81
CA ASN F 154 0.94 -52.83 -5.83
C ASN F 154 1.31 -53.22 -4.39
N ASN F 155 2.62 -53.22 -4.12
CA ASN F 155 3.18 -53.39 -2.77
C ASN F 155 2.80 -54.70 -2.06
N THR F 156 2.92 -55.82 -2.78
CA THR F 156 2.62 -57.15 -2.22
C THR F 156 3.81 -58.11 -2.39
N TYR F 157 4.90 -57.60 -2.95
CA TYR F 157 6.12 -58.36 -3.20
C TYR F 157 6.78 -58.84 -1.90
N ASP F 158 6.96 -60.15 -1.78
CA ASP F 158 7.64 -60.74 -0.62
C ASP F 158 9.09 -61.07 -0.98
N HIS F 159 10.02 -60.34 -0.38
CA HIS F 159 11.45 -60.49 -0.68
C HIS F 159 12.04 -61.81 -0.20
N THR F 160 11.45 -62.38 0.85
CA THR F 160 11.90 -63.65 1.44
C THR F 160 11.81 -64.80 0.45
N GLN F 161 10.81 -64.74 -0.43
CA GLN F 161 10.58 -65.75 -1.46
C GLN F 161 11.74 -65.84 -2.46
N TYR F 162 12.42 -64.72 -2.68
CA TYR F 162 13.43 -64.63 -3.73
C TYR F 162 14.86 -64.40 -3.20
N ARG F 163 14.99 -64.24 -1.88
CA ARG F 163 16.26 -63.87 -1.25
C ARG F 163 17.41 -64.85 -1.54
N THR F 164 17.15 -66.14 -1.38
CA THR F 164 18.17 -67.18 -1.60
C THR F 164 18.70 -67.14 -3.04
N GLU F 165 17.78 -67.06 -4.00
CA GLU F 165 18.13 -67.00 -5.42
C GLU F 165 18.92 -65.73 -5.75
N SER F 166 18.50 -64.61 -5.18
CA SER F 166 19.12 -63.31 -5.46
C SER F 166 20.55 -63.22 -4.94
N LEU F 167 20.76 -63.64 -3.69
CA LEU F 167 22.08 -63.54 -3.05
C LEU F 167 23.16 -64.30 -3.82
N GLN F 168 22.88 -65.54 -4.21
CA GLN F 168 23.86 -66.35 -4.95
C GLN F 168 24.14 -65.81 -6.37
N ASN F 169 23.20 -65.03 -6.90
CA ASN F 169 23.41 -64.34 -8.17
C ASN F 169 24.28 -63.09 -8.02
N ARG F 170 24.24 -62.47 -6.84
CA ARG F 170 25.01 -61.26 -6.57
C ARG F 170 26.48 -61.52 -6.25
N ILE F 171 26.81 -62.76 -5.88
CA ILE F 171 28.19 -63.13 -5.55
C ILE F 171 29.04 -63.32 -6.80
C1 GAL G . -31.68 32.99 23.25
C2 GAL G . -31.95 34.44 23.65
C3 GAL G . -30.87 35.40 23.13
C4 GAL G . -29.46 34.83 23.35
C5 GAL G . -29.38 33.38 22.86
C6 GAL G . -27.99 32.77 23.08
O1 GAL G . -32.58 32.14 23.92
O2 GAL G . -33.23 34.84 23.21
O3 GAL G . -31.02 36.66 23.75
O4 GAL G . -29.12 34.93 24.72
O5 GAL G . -30.35 32.61 23.56
O6 GAL G . -27.53 32.19 21.86
C1 NAG G . -30.86 37.73 22.80
C2 NAG G . -31.70 38.94 23.23
C3 NAG G . -31.39 40.22 22.44
C4 NAG G . -29.90 40.42 22.18
C5 NAG G . -29.29 39.11 21.68
C6 NAG G . -27.79 39.23 21.40
C7 NAG G . -34.04 38.95 23.99
C8 NAG G . -35.44 38.57 23.64
N2 NAG G . -33.12 38.66 23.08
O3 NAG G . -32.33 40.95 21.64
O4 NAG G . -29.71 41.44 21.23
O5 NAG G . -29.50 38.10 22.64
O6 NAG G . -27.08 39.58 22.58
O7 NAG G . -33.80 39.48 25.08
C1 GAL G . -33.30 41.53 20.79
C2 GAL G . -34.06 42.61 21.56
C3 GAL G . -34.97 43.43 20.63
C4 GAL G . -34.25 43.86 19.35
C5 GAL G . -33.52 42.68 18.72
C6 GAL G . -32.74 43.09 17.47
O2 GAL G . -34.86 41.99 22.56
O3 GAL G . -35.43 44.57 21.33
O4 GAL G . -33.35 44.92 19.63
O5 GAL G . -32.63 42.10 19.67
O6 GAL G . -32.34 41.93 16.76
C1 SIA G . -25.39 38.67 23.45
C2 SIA G . -25.88 40.08 23.17
C3 SIA G . -25.55 41.04 24.32
C4 SIA G . -24.08 41.47 24.31
C5 SIA G . -23.60 41.92 22.94
C6 SIA G . -23.99 40.93 21.85
C7 SIA G . -23.66 41.43 20.43
C8 SIA G . -24.00 40.43 19.33
C9 SIA G . -23.17 40.72 18.08
C10 SIA G . -21.53 43.15 22.43
C11 SIA G . -22.12 44.08 21.89
N5 SIA G . -22.16 42.09 22.96
O1A SIA G . -25.64 38.17 24.57
O1B SIA G . -24.77 38.04 22.57
O4 SIA G . -23.90 42.55 25.24
O6 SIA G . -25.39 40.61 21.92
O7 SIA G . -24.34 42.66 20.17
O8 SIA G . -23.74 39.08 19.75
O9 SIA G . -23.65 39.93 16.99
O10 SIA G . -20.04 43.13 22.56
C1 NAG H . 5.04 55.17 -1.02
C2 NAG H . 5.44 56.54 -1.59
C3 NAG H . 4.22 57.34 -2.04
C4 NAG H . 3.24 56.50 -2.87
C5 NAG H . 3.01 55.11 -2.25
C6 NAG H . 2.16 54.21 -3.15
C7 NAG H . 7.19 58.13 -0.92
C8 NAG H . 7.85 58.83 0.23
N2 NAG H . 6.20 57.30 -0.60
O4 NAG H . 2.02 57.21 -3.00
O5 NAG H . 4.24 54.48 -1.96
O6 NAG H . 2.77 54.02 -4.41
O7 NAG H . 7.55 58.36 -2.08
C1 SIA H . 3.66 52.38 -5.64
C2 SIA H . 2.73 53.58 -5.78
C3 SIA H . 3.13 54.48 -6.96
C4 SIA H . 2.70 53.91 -8.31
C5 SIA H . 1.25 53.42 -8.31
C6 SIA H . 0.97 52.51 -7.11
C7 SIA H . -0.48 52.05 -7.02
C8 SIA H . -0.72 51.07 -5.86
C9 SIA H . -2.13 50.52 -5.88
C10 SIA H . -0.13 52.93 -10.30
C11 SIA H . -0.98 53.75 -10.00
N5 SIA H . 0.97 52.71 -9.56
O1A SIA H . 4.85 52.49 -6.03
O1B SIA H . 3.23 51.32 -5.13
O4 SIA H . 2.87 54.90 -9.33
O6 SIA H . 1.35 53.18 -5.89
O7 SIA H . -1.35 53.18 -6.87
O8 SIA H . 0.21 49.98 -5.93
O9 SIA H . -2.57 50.27 -4.53
O10 SIA H . -0.23 52.11 -11.55
C1 NAG I . -31.48 37.36 -24.49
C2 NAG I . -32.58 37.80 -25.47
C3 NAG I . -33.52 38.85 -24.87
C4 NAG I . -33.87 38.60 -23.40
C5 NAG I . -32.63 38.18 -22.60
C6 NAG I . -32.91 37.89 -21.13
C7 NAG I . -32.44 38.10 -27.91
C8 NAG I . -31.66 38.74 -29.03
N2 NAG I . -31.97 38.33 -26.68
O4 NAG I . -34.42 39.78 -22.86
O5 NAG I . -32.02 37.06 -23.22
O6 NAG I . -33.96 36.95 -20.97
O7 NAG I . -33.43 37.43 -28.16
C1 SIA I . -34.36 34.77 -20.30
C2 SIA I . -34.86 36.19 -20.14
C3 SIA I . -36.39 36.28 -20.21
C4 SIA I . -37.06 35.78 -18.93
C5 SIA I . -36.43 36.35 -17.66
C6 SIA I . -34.90 36.22 -17.70
C7 SIA I . -34.22 36.89 -16.49
C8 SIA I . -32.70 36.69 -16.51
C9 SIA I . -32.10 37.05 -15.15
C10 SIA I . -37.40 36.30 -15.40
C11 SIA I . -37.40 37.51 -15.29
N5 SIA I . -36.96 35.66 -16.50
O1A SIA I . -35.07 33.92 -20.91
O1B SIA I . -33.24 34.46 -19.84
O4 SIA I . -38.45 36.13 -18.97
O6 SIA I . -34.39 36.80 -18.92
O7 SIA I . -34.52 38.28 -16.45
O8 SIA I . -32.36 35.34 -16.83
O9 SIA I . -30.70 37.31 -15.29
O10 SIA I . -37.89 35.39 -14.31
C1 NAG J . 1.38 -25.21 22.34
C2 NAG J . 2.36 -25.18 23.51
C3 NAG J . 1.83 -24.32 24.68
C4 NAG J . 1.20 -23.00 24.22
C5 NAG J . 0.37 -23.14 22.92
C6 NAG J . 0.01 -21.78 22.35
C7 NAG J . 1.97 -27.52 24.36
C8 NAG J . 2.69 -28.78 24.75
N2 NAG J . 2.77 -26.51 23.96
O3 NAG J . 2.89 -24.04 25.56
O4 NAG J . 0.37 -22.50 25.25
O5 NAG J . 1.09 -23.88 21.94
O6 NAG J . -0.92 -21.94 21.31
O7 NAG J . 0.74 -27.47 24.43
C1 NAG K . -15.48 6.26 5.72
C2 NAG K . -16.71 7.18 5.62
C3 NAG K . -17.49 7.27 6.95
C4 NAG K . -17.69 5.91 7.62
C5 NAG K . -16.40 5.09 7.62
C6 NAG K . -16.64 3.68 8.13
C7 NAG K . -16.83 9.13 4.15
C8 NAG K . -16.33 10.53 3.90
N2 NAG K . -16.34 8.52 5.23
O3 NAG K . -18.75 7.85 6.71
O4 NAG K . -18.14 6.12 8.94
O5 NAG K . -15.86 5.02 6.31
O6 NAG K . -15.42 2.97 8.14
O7 NAG K . -17.64 8.62 3.36
C1 GOL L . 9.30 -22.18 0.33
O1 GOL L . 10.11 -21.08 -0.02
C2 GOL L . 10.18 -23.36 0.73
O2 GOL L . 11.05 -22.97 1.78
C3 GOL L . 9.30 -24.52 1.20
O3 GOL L . 10.10 -25.61 1.56
C1 GOL M . 8.99 -11.04 9.90
O1 GOL M . 7.69 -11.23 9.39
C2 GOL M . 9.94 -10.76 8.74
O2 GOL M . 9.54 -9.58 8.08
C3 GOL M . 11.35 -10.59 9.30
O3 GOL M . 12.05 -11.81 9.19
C1 GOL N . 24.52 -59.11 1.61
O1 GOL N . 23.89 -58.01 2.22
C2 GOL N . 25.48 -58.61 0.54
O2 GOL N . 26.51 -57.87 1.15
C3 GOL N . 26.07 -59.82 -0.19
O3 GOL N . 26.72 -59.37 -1.36
C1 NAG O . 31.68 -11.99 -2.36
C2 NAG O . 32.64 -12.16 -3.54
C3 NAG O . 33.17 -10.82 -4.04
C4 NAG O . 32.05 -9.78 -4.21
C5 NAG O . 31.11 -9.76 -3.00
C6 NAG O . 29.90 -8.86 -3.24
C7 NAG O . 33.92 -14.26 -3.62
C8 NAG O . 35.12 -15.00 -3.11
N2 NAG O . 33.75 -13.02 -3.15
O3 NAG O . 33.80 -11.01 -5.28
O4 NAG O . 32.61 -8.51 -4.41
O5 NAG O . 30.65 -11.07 -2.70
O6 NAG O . 29.46 -8.32 -2.01
O7 NAG O . 33.15 -14.80 -4.41
C1 NAG P . 4.85 15.92 6.93
C2 NAG P . 4.59 17.22 7.70
C3 NAG P . 5.61 18.32 7.41
C4 NAG P . 7.05 17.82 7.29
C5 NAG P . 7.10 16.55 6.43
C6 NAG P . 8.51 15.96 6.36
C7 NAG P . 2.32 17.97 8.32
C8 NAG P . 1.02 18.50 7.80
N2 NAG P . 3.26 17.73 7.39
O3 NAG P . 5.55 19.31 8.42
O4 NAG P . 7.87 18.83 6.74
O5 NAG P . 6.22 15.57 6.98
O6 NAG P . 8.83 15.28 7.56
O7 NAG P . 2.49 17.82 9.53
C1 GOL Q . 10.32 -12.12 -7.88
O1 GOL Q . 10.71 -12.56 -9.16
C2 GOL Q . 10.57 -10.63 -7.77
O2 GOL Q . 9.63 -10.06 -6.88
C3 GOL Q . 11.99 -10.40 -7.27
O3 GOL Q . 12.04 -9.26 -6.43
C1 NAG R . -3.21 -28.08 -18.45
C2 NAG R . -4.44 -28.94 -18.74
C3 NAG R . -5.33 -28.35 -19.85
C4 NAG R . -5.49 -26.83 -19.75
C5 NAG R . -4.13 -26.16 -19.51
C6 NAG R . -4.21 -24.64 -19.41
C7 NAG R . -3.32 -30.76 -20.05
C8 NAG R . -3.08 -32.25 -20.08
N2 NAG R . -4.06 -30.32 -19.02
O3 NAG R . -6.60 -28.97 -19.82
O4 NAG R . -6.09 -26.33 -20.92
O5 NAG R . -3.55 -26.70 -18.32
O6 NAG R . -4.74 -24.24 -18.16
O7 NAG R . -2.84 -30.06 -20.94
C1 NAG S . -4.03 11.09 -13.16
C2 NAG S . -4.02 12.50 -13.74
C3 NAG S . -5.00 12.64 -14.91
C4 NAG S . -4.79 11.54 -15.94
C5 NAG S . -4.85 10.18 -15.25
C6 NAG S . -4.58 9.05 -16.25
C7 NAG S . -3.56 14.58 -12.51
C8 NAG S . -4.02 15.50 -11.42
N2 NAG S . -4.32 13.49 -12.72
O3 NAG S . -4.85 13.90 -15.52
O4 NAG S . -5.76 11.64 -16.95
O5 NAG S . -3.89 10.13 -14.20
O6 NAG S . -4.49 7.82 -15.56
O7 NAG S . -2.54 14.84 -13.15
C1 GOL T . -2.75 -16.30 -1.85
O1 GOL T . -1.60 -15.71 -2.43
C2 GOL T . -2.61 -16.31 -0.34
O2 GOL T . -2.94 -15.02 0.16
C3 GOL T . -3.57 -17.35 0.23
O3 GOL T . -2.88 -18.14 1.17
#